data_4UEW
#
_entry.id   4UEW
#
_cell.length_a   64.770
_cell.length_b   100.400
_cell.length_c   183.430
_cell.angle_alpha   90.00
_cell.angle_beta   91.55
_cell.angle_gamma   90.00
#
_symmetry.space_group_name_H-M   'P 1 21 1'
#
loop_
_entity.id
_entity.type
_entity.pdbx_description
1 polymer 'PERIPLASMIC [NIFE] HYDROGENASE SMALL SUBUNIT'
2 polymer 'PERIPLASMIC [NIFE] HYDROGENASE LARGE SUBUNIT'
3 non-polymer 'IRON/SULFUR CLUSTER'
4 non-polymer 'FE3-S4 CLUSTER'
5 non-polymer GLYCEROL
6 non-polymer 'CARBONMONOXIDE-(DICYANO) IRON'
7 non-polymer 'NICKEL (II) ION'
8 non-polymer 'MAGNESIUM ION'
9 water water
#
loop_
_entity_poly.entity_id
_entity_poly.type
_entity_poly.pdbx_seq_one_letter_code
_entity_poly.pdbx_strand_id
1 'polypeptide(L)'
;LTAKHRPSVVWLHNAECTGCTEAAIRTIKPYIDALILDTISLDYQETIMAAAGEAAEAALHQALEGKDGYYLVVEGGLPT
IDGGQWGMVAGHPMIETTKKAAAKAKGIICIGTCSAYGGVQKAKPNPSQAKGVSEALGVKTINIPGCPPNPINFVGAVVH
VLTKGIPDLDENGRPKLFYGELVHDNCPRLPHFEASEFAPSFDSEEAKKGFCLYELGCKGPVTYNNCPKVLFNQVNWPVQ
AGHPCLGCSEPDFWDTMTPFYEQG
;
A,B,C
2 'polypeptide(L)'
;MAESKPTPQSTFTGPIVVDPITRIEGHLRIMVEVENGKVKDAWSSSQLFRGLEIILKGRDPRDAQHFTQRACGVCTYVHA
LASSRCVDDAVKVSIPANARMMRNLVMASQYLHDHLVHFYHLHALDWVDVTAALKADPNKAAKLAASIAPARPGNSAKAL
KAVQDKLKAFVESGQLGIFTNAYFLGGHKAYYLPPEVDLIATAHYLEALHMQVKAASAMAILGGKNPHTQFTVVGGCSNY
QGLTKDPLANYLALSKEVCQFVNECYIPDLLAVAGFYKDWGGIGGTSNYLAFGEFATDDSSPEKHLATSQFPSGVITGRD
LGKVDNVDLGAIYEDVKYSWYAPGGDGKHPYDGVTDPKYTKLDDKDHYSWMKAPRYKGKAMEVGPLARTFIAYAKGQPDF
KKVVDMVLGKLSVPATALHSTLGRTAARGIETAIVCANMEKWIKEMADSGAKDNTLCAKWEMPEESKGVGLADAPRGALS
HWIRIKGKKIDNFQLVVPSTWNLGPRGAQGDKSPVEEALIGTPIADPKRPVEILRTVHAFDP(CSO)IACGVH
;
Q,R,S
#
loop_
_chem_comp.id
_chem_comp.type
_chem_comp.name
_chem_comp.formula
F3S non-polymer 'FE3-S4 CLUSTER' 'Fe3 S4'
FCO non-polymer 'CARBONMONOXIDE-(DICYANO) IRON' 'C3 Fe N2 O'
GOL non-polymer GLYCEROL 'C3 H8 O3'
MG non-polymer 'MAGNESIUM ION' 'Mg 2'
NI non-polymer 'NICKEL (II) ION' 'Ni 2'
SF4 non-polymer 'IRON/SULFUR CLUSTER' 'Fe4 S4'
#
# COMPACT_ATOMS: atom_id res chain seq x y z
N ALA A 3 -31.42 -29.55 0.24
CA ALA A 3 -31.66 -28.90 1.58
C ALA A 3 -33.03 -28.23 1.62
N LYS A 4 -33.80 -28.50 2.67
CA LYS A 4 -35.12 -27.88 2.88
C LYS A 4 -35.04 -26.35 2.95
N HIS A 5 -35.96 -25.66 2.30
CA HIS A 5 -36.05 -24.21 2.40
C HIS A 5 -36.62 -23.75 3.75
N ARG A 6 -35.91 -22.87 4.43
CA ARG A 6 -36.37 -22.30 5.72
C ARG A 6 -37.14 -20.97 5.48
N PRO A 7 -38.33 -20.82 6.11
CA PRO A 7 -39.15 -19.62 5.90
C PRO A 7 -38.35 -18.40 6.28
N SER A 8 -38.45 -17.37 5.44
CA SER A 8 -37.75 -16.09 5.64
C SER A 8 -38.44 -15.23 6.70
N VAL A 9 -37.65 -14.63 7.59
CA VAL A 9 -38.14 -13.70 8.61
C VAL A 9 -37.33 -12.40 8.51
N VAL A 10 -38.04 -11.28 8.43
CA VAL A 10 -37.43 -9.95 8.42
C VAL A 10 -37.82 -9.28 9.74
N TRP A 11 -36.82 -8.81 10.49
CA TRP A 11 -37.01 -8.28 11.84
C TRP A 11 -36.58 -6.81 11.85
N LEU A 12 -37.50 -5.94 12.19
CA LEU A 12 -37.28 -4.52 12.12
C LEU A 12 -37.24 -3.91 13.51
N HIS A 13 -36.26 -3.03 13.74
CA HIS A 13 -36.13 -2.25 15.00
C HIS A 13 -36.55 -0.79 14.82
N ASN A 14 -37.60 -0.38 15.51
CA ASN A 14 -38.11 0.97 15.37
C ASN A 14 -37.78 1.80 16.65
N ALA A 15 -38.80 2.27 17.37
CA ALA A 15 -38.59 2.97 18.64
C ALA A 15 -38.64 1.95 19.81
N GLU A 16 -37.46 1.52 20.24
CA GLU A 16 -37.33 0.33 21.10
C GLU A 16 -36.03 0.39 21.88
N CYS A 17 -35.94 -0.39 22.95
CA CYS A 17 -34.75 -0.45 23.79
C CYS A 17 -33.88 -1.66 23.52
N THR A 18 -34.35 -2.54 22.63
CA THR A 18 -33.63 -3.78 22.25
C THR A 18 -33.74 -4.89 23.31
N GLY A 19 -34.61 -4.67 24.30
CA GLY A 19 -34.92 -5.69 25.35
C GLY A 19 -35.70 -6.91 24.83
N CYS A 20 -36.43 -6.69 23.75
CA CYS A 20 -37.22 -7.72 23.12
C CYS A 20 -36.36 -8.65 22.29
N THR A 21 -35.41 -8.10 21.52
CA THR A 21 -34.38 -8.94 20.88
C THR A 21 -33.63 -9.73 21.93
N GLU A 22 -33.27 -9.02 23.02
CA GLU A 22 -32.54 -9.65 24.09
C GLU A 22 -33.33 -10.81 24.70
N ALA A 23 -34.62 -10.59 24.98
CA ALA A 23 -35.50 -11.65 25.51
C ALA A 23 -35.58 -12.78 24.54
N ALA A 24 -35.78 -12.47 23.26
CA ALA A 24 -35.86 -13.50 22.22
C ALA A 24 -34.69 -14.48 22.29
N ILE A 25 -33.48 -13.96 22.49
CA ILE A 25 -32.31 -14.85 22.47
C ILE A 25 -32.09 -15.68 23.78
N ARG A 26 -32.95 -15.51 24.78
CA ARG A 26 -32.93 -16.32 26.01
C ARG A 26 -33.70 -17.67 25.82
N THR A 27 -34.28 -17.85 24.63
CA THR A 27 -35.00 -19.08 24.28
C THR A 27 -34.12 -20.30 24.55
N ILE A 28 -34.72 -21.34 25.11
CA ILE A 28 -33.98 -22.60 25.33
C ILE A 28 -34.68 -23.78 24.68
N LYS A 29 -35.85 -23.53 24.08
CA LYS A 29 -36.61 -24.59 23.38
C LYS A 29 -37.19 -24.10 22.03
N PRO A 30 -36.38 -24.03 20.98
CA PRO A 30 -34.97 -24.38 21.04
C PRO A 30 -34.10 -23.18 21.39
N TYR A 31 -32.79 -23.38 21.44
CA TYR A 31 -31.87 -22.25 21.50
C TYR A 31 -31.84 -21.47 20.20
N ILE A 32 -31.35 -20.23 20.26
CA ILE A 32 -31.43 -19.31 19.14
C ILE A 32 -30.60 -19.76 17.94
N ASP A 33 -29.47 -20.41 18.18
CA ASP A 33 -28.67 -20.94 17.08
C ASP A 33 -29.45 -22.01 16.31
N ALA A 34 -30.10 -22.94 17.00
CA ALA A 34 -30.85 -24.01 16.34
C ALA A 34 -32.07 -23.42 15.61
N LEU A 35 -32.69 -22.41 16.21
CA LEU A 35 -33.80 -21.71 15.55
C LEU A 35 -33.34 -21.14 14.20
N ILE A 36 -32.23 -20.41 14.17
CA ILE A 36 -31.82 -19.70 12.94
C ILE A 36 -30.96 -20.54 11.98
N LEU A 37 -30.39 -21.64 12.49
CA LEU A 37 -29.73 -22.57 11.60
C LEU A 37 -30.71 -23.58 11.00
N ASP A 38 -31.73 -23.97 11.77
CA ASP A 38 -32.59 -25.10 11.36
C ASP A 38 -34.02 -24.77 10.95
N THR A 39 -34.60 -23.80 11.62
CA THR A 39 -36.05 -23.58 11.58
C THR A 39 -36.48 -22.41 10.67
N ILE A 40 -35.81 -21.28 10.84
CA ILE A 40 -36.12 -20.08 10.07
C ILE A 40 -34.88 -19.64 9.31
N SER A 41 -35.06 -18.75 8.37
CA SER A 41 -33.94 -18.01 7.81
C SER A 41 -34.12 -16.57 8.28
N LEU A 42 -33.32 -16.14 9.24
CA LEU A 42 -33.37 -14.77 9.75
C LEU A 42 -32.58 -13.83 8.84
N ASP A 43 -33.29 -13.04 8.03
CA ASP A 43 -32.67 -12.41 6.88
C ASP A 43 -32.40 -10.94 7.04
N TYR A 44 -32.88 -10.36 8.12
CA TYR A 44 -32.55 -9.00 8.51
C TYR A 44 -32.79 -8.82 10.01
N GLN A 45 -31.77 -8.34 10.71
CA GLN A 45 -31.81 -8.21 12.16
C GLN A 45 -30.61 -7.36 12.56
N GLU A 46 -30.86 -6.05 12.70
CA GLU A 46 -29.79 -5.05 12.89
C GLU A 46 -28.84 -5.33 14.07
N THR A 47 -29.37 -5.89 15.15
CA THR A 47 -28.53 -6.16 16.35
C THR A 47 -27.42 -7.19 16.12
N ILE A 48 -27.64 -8.16 15.23
CA ILE A 48 -26.64 -9.25 15.16
C ILE A 48 -26.07 -9.47 13.77
N MET A 49 -26.65 -8.78 12.79
CA MET A 49 -26.28 -9.00 11.38
C MET A 49 -24.91 -8.45 10.98
N ALA A 50 -24.28 -9.14 10.05
CA ALA A 50 -22.89 -8.89 9.65
C ALA A 50 -22.74 -7.63 8.80
N ALA A 51 -23.56 -7.50 7.75
CA ALA A 51 -23.53 -6.35 6.88
C ALA A 51 -23.87 -5.11 7.68
N ALA A 52 -23.28 -3.98 7.28
CA ALA A 52 -23.69 -2.67 7.80
C ALA A 52 -24.03 -1.72 6.66
N GLY A 53 -24.66 -0.59 6.98
CA GLY A 53 -24.81 0.51 6.01
C GLY A 53 -25.54 0.06 4.75
N GLU A 54 -25.05 0.48 3.58
CA GLU A 54 -25.72 0.14 2.31
C GLU A 54 -25.89 -1.37 2.07
N ALA A 55 -24.90 -2.15 2.51
CA ALA A 55 -24.93 -3.62 2.45
C ALA A 55 -26.08 -4.22 3.27
N ALA A 56 -26.37 -3.62 4.42
CA ALA A 56 -27.48 -4.12 5.28
C ALA A 56 -28.82 -3.78 4.65
N GLU A 57 -28.92 -2.54 4.16
CA GLU A 57 -30.10 -2.02 3.51
C GLU A 57 -30.39 -2.84 2.24
N ALA A 58 -29.34 -3.24 1.51
CA ALA A 58 -29.53 -4.16 0.39
C ALA A 58 -29.97 -5.58 0.84
N ALA A 59 -29.42 -6.09 1.95
CA ALA A 59 -29.87 -7.37 2.50
C ALA A 59 -31.37 -7.30 2.84
N LEU A 60 -31.82 -6.18 3.40
CA LEU A 60 -33.27 -5.96 3.61
C LEU A 60 -34.11 -6.02 2.34
N HIS A 61 -33.74 -5.28 1.31
CA HIS A 61 -34.52 -5.25 0.09
C HIS A 61 -34.48 -6.55 -0.68
N GLN A 62 -33.36 -7.25 -0.59
CA GLN A 62 -33.25 -8.61 -1.11
C GLN A 62 -34.28 -9.49 -0.45
N ALA A 63 -34.37 -9.39 0.87
CA ALA A 63 -35.28 -10.23 1.64
C ALA A 63 -36.74 -9.89 1.30
N LEU A 64 -37.04 -8.60 1.22
CA LEU A 64 -38.40 -8.15 0.91
C LEU A 64 -38.84 -8.57 -0.49
N GLU A 65 -37.87 -8.77 -1.37
CA GLU A 65 -38.16 -9.29 -2.70
C GLU A 65 -37.99 -10.81 -2.85
N GLY A 66 -37.80 -11.51 -1.74
CA GLY A 66 -37.70 -12.97 -1.79
C GLY A 66 -38.86 -13.61 -2.53
N LYS A 67 -38.56 -14.61 -3.35
CA LYS A 67 -39.59 -15.32 -4.13
C LYS A 67 -40.57 -16.13 -3.32
N ASP A 68 -40.10 -16.69 -2.21
CA ASP A 68 -40.94 -17.50 -1.34
C ASP A 68 -41.63 -16.68 -0.25
N GLY A 69 -41.47 -15.36 -0.29
CA GLY A 69 -42.13 -14.49 0.67
C GLY A 69 -41.46 -14.54 2.02
N TYR A 70 -41.95 -13.73 2.97
CA TYR A 70 -41.31 -13.59 4.26
C TYR A 70 -42.35 -13.28 5.32
N TYR A 71 -41.99 -13.55 6.58
CA TYR A 71 -42.77 -13.11 7.72
C TYR A 71 -42.08 -11.88 8.29
N LEU A 72 -42.88 -10.97 8.84
CA LEU A 72 -42.37 -9.77 9.44
C LEU A 72 -42.47 -9.80 10.97
N VAL A 73 -41.34 -9.64 11.66
CA VAL A 73 -41.33 -9.33 13.09
C VAL A 73 -41.01 -7.85 13.33
N VAL A 74 -41.77 -7.20 14.19
CA VAL A 74 -41.54 -5.77 14.48
C VAL A 74 -41.27 -5.52 15.98
N GLU A 75 -40.12 -4.93 16.25
CA GLU A 75 -39.76 -4.51 17.57
C GLU A 75 -39.78 -2.99 17.64
N GLY A 76 -40.59 -2.44 18.55
CA GLY A 76 -40.60 -0.98 18.76
C GLY A 76 -41.79 -0.26 18.14
N GLY A 77 -42.13 0.88 18.74
CA GLY A 77 -43.21 1.70 18.24
C GLY A 77 -42.74 2.58 17.10
N LEU A 78 -43.67 3.31 16.51
CA LEU A 78 -43.37 4.14 15.34
C LEU A 78 -43.57 5.62 15.67
N PRO A 79 -42.49 6.40 15.65
CA PRO A 79 -42.60 7.85 15.93
C PRO A 79 -43.05 8.63 14.69
N THR A 80 -44.16 9.36 14.81
CA THR A 80 -44.85 9.86 13.61
C THR A 80 -44.75 11.38 13.48
N ILE A 81 -44.26 12.05 14.52
CA ILE A 81 -44.04 13.51 14.44
C ILE A 81 -43.09 13.88 13.29
N ASP A 82 -43.27 15.06 12.70
CA ASP A 82 -42.36 15.56 11.66
C ASP A 82 -42.15 14.57 10.52
N GLY A 83 -43.25 14.00 10.06
CA GLY A 83 -43.22 13.07 8.94
C GLY A 83 -42.40 11.84 9.21
N GLY A 84 -42.24 11.49 10.50
CA GLY A 84 -41.57 10.24 10.88
C GLY A 84 -40.06 10.40 11.08
N GLN A 85 -39.59 11.63 11.02
CA GLN A 85 -38.14 11.90 10.97
C GLN A 85 -37.36 11.77 12.29
N TRP A 86 -38.05 11.59 13.42
CA TRP A 86 -37.40 11.46 14.72
C TRP A 86 -36.95 10.02 14.96
N GLY A 87 -37.22 9.17 13.96
CA GLY A 87 -36.90 7.73 13.98
C GLY A 87 -36.58 7.33 12.55
N MET A 88 -35.28 7.29 12.25
CA MET A 88 -34.78 7.03 10.90
C MET A 88 -33.73 5.92 10.83
N VAL A 89 -33.79 5.13 9.75
CA VAL A 89 -32.79 4.08 9.46
C VAL A 89 -32.46 4.21 7.98
N ALA A 90 -31.17 4.29 7.71
CA ALA A 90 -30.68 4.49 6.34
C ALA A 90 -31.29 5.71 5.65
N GLY A 91 -31.60 6.73 6.45
CA GLY A 91 -32.16 8.00 5.95
C GLY A 91 -33.64 7.95 5.63
N HIS A 92 -34.32 6.86 6.01
CA HIS A 92 -35.76 6.71 5.79
C HIS A 92 -36.49 6.67 7.12
N PRO A 93 -37.66 7.33 7.22
CA PRO A 93 -38.46 7.20 8.43
C PRO A 93 -38.86 5.73 8.68
N MET A 94 -38.85 5.35 9.95
CA MET A 94 -39.17 3.99 10.38
C MET A 94 -40.60 3.63 10.00
N ILE A 95 -41.53 4.58 10.11
CA ILE A 95 -42.91 4.34 9.63
C ILE A 95 -42.96 3.96 8.13
N GLU A 96 -42.17 4.63 7.30
CA GLU A 96 -42.14 4.33 5.86
C GLU A 96 -41.60 2.92 5.59
N THR A 97 -40.48 2.57 6.19
CA THR A 97 -39.91 1.24 6.01
C THR A 97 -40.83 0.09 6.52
N THR A 98 -41.41 0.28 7.70
CA THR A 98 -42.32 -0.71 8.29
C THR A 98 -43.56 -0.90 7.39
N LYS A 99 -44.06 0.22 6.88
CA LYS A 99 -45.17 0.20 5.95
C LYS A 99 -44.87 -0.59 4.69
N LYS A 100 -43.70 -0.36 4.12
CA LYS A 100 -43.25 -1.08 2.94
C LYS A 100 -43.03 -2.58 3.22
N ALA A 101 -42.46 -2.92 4.37
CA ALA A 101 -42.24 -4.33 4.74
C ALA A 101 -43.53 -5.06 5.02
N ALA A 102 -44.52 -4.35 5.56
CA ALA A 102 -45.76 -4.98 5.95
C ALA A 102 -46.65 -5.24 4.74
N ALA A 103 -46.44 -4.49 3.66
CA ALA A 103 -47.29 -4.58 2.47
C ALA A 103 -47.37 -6.00 1.95
N LYS A 104 -46.24 -6.69 1.96
CA LYS A 104 -46.16 -8.02 1.39
C LYS A 104 -45.90 -9.16 2.40
N ALA A 105 -45.85 -8.83 3.69
CA ALA A 105 -45.56 -9.84 4.72
C ALA A 105 -46.64 -10.92 4.72
N LYS A 106 -46.24 -12.18 4.90
CA LYS A 106 -47.21 -13.29 5.04
C LYS A 106 -47.96 -13.10 6.35
N GLY A 107 -47.26 -12.57 7.32
CA GLY A 107 -47.87 -12.30 8.62
C GLY A 107 -47.01 -11.32 9.36
N ILE A 108 -47.61 -10.59 10.29
CA ILE A 108 -46.86 -9.63 11.07
C ILE A 108 -46.98 -9.93 12.54
N ILE A 109 -45.83 -10.15 13.17
CA ILE A 109 -45.78 -10.40 14.61
C ILE A 109 -45.14 -9.25 15.31
N CYS A 110 -45.87 -8.64 16.25
CA CYS A 110 -45.30 -7.55 17.06
C CYS A 110 -44.72 -8.07 18.37
N ILE A 111 -43.40 -8.15 18.44
CA ILE A 111 -42.73 -8.53 19.63
C ILE A 111 -42.64 -7.30 20.58
N GLY A 112 -43.30 -7.41 21.73
CA GLY A 112 -43.20 -6.47 22.87
C GLY A 112 -44.36 -5.50 22.91
N THR A 113 -44.57 -4.92 24.08
CA THR A 113 -45.62 -3.93 24.28
C THR A 113 -45.49 -2.71 23.34
N CYS A 114 -44.25 -2.34 23.01
CA CYS A 114 -43.98 -1.16 22.17
C CYS A 114 -44.50 -1.31 20.74
N SER A 115 -44.25 -2.44 20.10
CA SER A 115 -44.70 -2.59 18.73
C SER A 115 -46.21 -2.84 18.73
N ALA A 116 -46.67 -3.62 19.70
CA ALA A 116 -48.08 -4.01 19.80
C ALA A 116 -48.96 -2.79 20.03
N TYR A 117 -48.58 -1.99 21.01
CA TYR A 117 -49.46 -0.94 21.56
C TYR A 117 -48.91 0.48 21.56
N GLY A 118 -47.63 0.65 21.25
CA GLY A 118 -46.99 1.96 21.35
C GLY A 118 -45.86 2.08 22.38
N GLY A 119 -46.09 1.49 23.55
CA GLY A 119 -45.03 1.36 24.56
C GLY A 119 -44.54 2.62 25.25
N VAL A 120 -43.30 2.58 25.74
CA VAL A 120 -42.85 3.56 26.72
C VAL A 120 -42.75 4.99 26.11
N GLN A 121 -42.33 5.09 24.85
CA GLN A 121 -42.27 6.41 24.14
C GLN A 121 -43.65 7.01 23.87
N LYS A 122 -44.69 6.17 23.93
CA LYS A 122 -46.08 6.64 23.78
C LYS A 122 -46.67 7.17 25.10
N ALA A 123 -46.04 6.84 26.25
CA ALA A 123 -46.51 7.38 27.53
C ALA A 123 -46.56 8.93 27.52
N LYS A 124 -47.57 9.50 28.19
CA LYS A 124 -47.80 10.97 28.20
C LYS A 124 -46.53 11.74 28.60
N PRO A 125 -46.23 12.89 27.96
CA PRO A 125 -47.08 13.49 26.92
C PRO A 125 -46.72 13.06 25.49
N ASN A 126 -46.06 11.92 25.30
CA ASN A 126 -45.76 11.36 23.95
C ASN A 126 -45.11 12.40 22.98
N PRO A 127 -43.87 12.83 23.30
CA PRO A 127 -43.27 13.91 22.49
C PRO A 127 -43.04 13.50 21.02
N SER A 128 -42.76 12.22 20.76
CA SER A 128 -42.51 11.79 19.36
C SER A 128 -43.79 11.38 18.58
N GLN A 129 -44.95 11.51 19.23
CA GLN A 129 -46.22 11.04 18.67
C GLN A 129 -46.09 9.58 18.19
N ALA A 130 -45.63 8.71 19.10
CA ALA A 130 -45.38 7.26 18.85
C ALA A 130 -46.68 6.50 18.84
N LYS A 131 -46.75 5.48 17.97
CA LYS A 131 -47.96 4.67 17.82
C LYS A 131 -47.55 3.22 17.74
N GLY A 132 -48.46 2.33 18.15
CA GLY A 132 -48.34 0.90 17.84
C GLY A 132 -48.41 0.62 16.36
N VAL A 133 -47.87 -0.53 15.95
CA VAL A 133 -47.80 -0.89 14.53
C VAL A 133 -49.21 -0.95 13.88
N SER A 134 -50.15 -1.69 14.51
CA SER A 134 -51.51 -1.82 13.94
C SER A 134 -52.17 -0.45 13.74
N GLU A 135 -52.07 0.43 14.72
CA GLU A 135 -52.58 1.82 14.59
C GLU A 135 -51.92 2.55 13.44
N ALA A 136 -50.61 2.63 13.48
CA ALA A 136 -49.85 3.27 12.44
C ALA A 136 -50.03 2.65 11.08
N LEU A 137 -50.22 1.34 10.96
CA LEU A 137 -50.28 0.79 9.59
C LEU A 137 -51.70 0.50 9.12
N GLY A 138 -52.63 0.42 10.06
CA GLY A 138 -54.00 0.05 9.76
C GLY A 138 -54.16 -1.40 9.37
N VAL A 139 -53.34 -2.28 9.94
CA VAL A 139 -53.47 -3.72 9.65
C VAL A 139 -53.42 -4.56 10.94
N LYS A 140 -54.00 -5.75 10.90
CA LYS A 140 -54.04 -6.60 12.09
C LYS A 140 -52.65 -7.19 12.33
N THR A 141 -52.27 -7.27 13.59
CA THR A 141 -50.98 -7.83 13.95
C THR A 141 -51.20 -8.91 15.01
N ILE A 142 -50.24 -9.83 15.11
CA ILE A 142 -50.22 -10.82 16.16
C ILE A 142 -49.35 -10.24 17.26
N ASN A 143 -49.95 -9.95 18.41
CA ASN A 143 -49.25 -9.21 19.45
C ASN A 143 -48.66 -10.12 20.51
N ILE A 144 -47.36 -10.02 20.71
CA ILE A 144 -46.69 -10.75 21.78
C ILE A 144 -46.15 -9.73 22.78
N PRO A 145 -47.03 -9.25 23.67
CA PRO A 145 -46.59 -8.13 24.47
C PRO A 145 -46.00 -8.57 25.83
N GLY A 146 -45.63 -7.58 26.65
CA GLY A 146 -44.70 -7.78 27.75
C GLY A 146 -43.56 -6.80 27.50
N CYS A 147 -42.88 -6.39 28.57
CA CYS A 147 -41.82 -5.43 28.43
C CYS A 147 -40.55 -5.94 29.11
N PRO A 148 -39.92 -7.00 28.58
CA PRO A 148 -40.25 -7.62 27.31
C PRO A 148 -41.08 -8.93 27.48
N PRO A 149 -41.67 -9.49 26.39
CA PRO A 149 -42.35 -10.78 26.52
C PRO A 149 -41.39 -11.88 26.90
N ASN A 150 -41.92 -12.94 27.50
CA ASN A 150 -41.17 -14.17 27.72
C ASN A 150 -40.83 -14.78 26.34
N PRO A 151 -39.57 -15.25 26.16
CA PRO A 151 -39.18 -15.90 24.91
C PRO A 151 -40.04 -17.15 24.58
N ILE A 152 -40.67 -17.75 25.59
CA ILE A 152 -41.58 -18.90 25.39
C ILE A 152 -42.79 -18.48 24.53
N ASN A 153 -43.28 -17.28 24.82
CA ASN A 153 -44.46 -16.72 24.12
C ASN A 153 -44.14 -16.29 22.70
N PHE A 154 -42.99 -15.68 22.50
CA PHE A 154 -42.61 -15.24 21.14
C PHE A 154 -42.19 -16.43 20.30
N VAL A 155 -41.27 -17.25 20.80
CA VAL A 155 -40.87 -18.38 19.99
C VAL A 155 -42.06 -19.29 19.72
N GLY A 156 -42.88 -19.52 20.74
CA GLY A 156 -44.05 -20.41 20.59
C GLY A 156 -45.00 -19.89 19.52
N ALA A 157 -45.23 -18.56 19.51
CA ALA A 157 -46.05 -17.92 18.48
C ALA A 157 -45.44 -18.14 17.11
N VAL A 158 -44.13 -17.89 16.99
CA VAL A 158 -43.43 -18.00 15.71
C VAL A 158 -43.60 -19.40 15.14
N VAL A 159 -43.26 -20.42 15.95
CA VAL A 159 -43.39 -21.82 15.56
C VAL A 159 -44.83 -22.19 15.18
N HIS A 160 -45.80 -21.76 15.99
CA HIS A 160 -47.22 -21.94 15.68
C HIS A 160 -47.62 -21.34 14.31
N VAL A 161 -47.24 -20.08 14.05
CA VAL A 161 -47.56 -19.43 12.78
C VAL A 161 -46.96 -20.18 11.58
N LEU A 162 -45.75 -20.70 11.73
CA LEU A 162 -45.07 -21.39 10.64
C LEU A 162 -45.54 -22.80 10.42
N THR A 163 -46.13 -23.40 11.45
CA THR A 163 -46.47 -24.83 11.37
C THR A 163 -47.95 -25.17 11.47
N LYS A 164 -48.75 -24.27 12.04
CA LYS A 164 -50.15 -24.58 12.30
C LYS A 164 -51.15 -23.56 11.76
N GLY A 165 -50.75 -22.29 11.71
CA GLY A 165 -51.64 -21.19 11.30
C GLY A 165 -51.62 -20.10 12.35
N ILE A 166 -52.51 -19.13 12.22
CA ILE A 166 -52.64 -18.07 13.23
C ILE A 166 -53.30 -18.66 14.49
N PRO A 167 -52.66 -18.47 15.66
CA PRO A 167 -53.30 -18.93 16.89
C PRO A 167 -54.51 -18.06 17.25
N ASP A 168 -55.45 -18.59 18.03
CA ASP A 168 -56.56 -17.79 18.55
C ASP A 168 -56.11 -16.57 19.39
N LEU A 169 -56.63 -15.40 19.04
CA LEU A 169 -56.21 -14.14 19.68
C LEU A 169 -57.32 -13.55 20.55
N ASP A 170 -56.92 -12.89 21.63
CA ASP A 170 -57.91 -12.16 22.45
C ASP A 170 -58.23 -10.79 21.82
N GLU A 171 -58.98 -9.94 22.53
CA GLU A 171 -59.40 -8.61 22.02
C GLU A 171 -58.24 -7.71 21.65
N ASN A 172 -57.10 -7.94 22.30
CA ASN A 172 -55.94 -7.12 22.15
C ASN A 172 -54.90 -7.77 21.26
N GLY A 173 -55.31 -8.74 20.45
CA GLY A 173 -54.40 -9.40 19.50
C GLY A 173 -53.37 -10.40 20.07
N ARG A 174 -53.53 -10.77 21.34
CA ARG A 174 -52.55 -11.63 22.00
C ARG A 174 -52.96 -13.11 21.99
N PRO A 175 -52.01 -14.01 21.74
CA PRO A 175 -52.39 -15.46 21.72
C PRO A 175 -52.96 -15.91 23.05
N LYS A 176 -54.19 -16.42 23.02
CA LYS A 176 -54.77 -17.08 24.21
C LYS A 176 -53.91 -18.20 24.84
N LEU A 177 -53.13 -18.88 24.01
CA LEU A 177 -52.20 -19.92 24.52
C LEU A 177 -51.32 -19.42 25.66
N PHE A 178 -50.95 -18.14 25.61
CA PHE A 178 -50.01 -17.58 26.59
C PHE A 178 -50.60 -16.48 27.44
N TYR A 179 -51.66 -15.83 26.95
CA TYR A 179 -52.17 -14.61 27.61
C TYR A 179 -53.63 -14.80 28.00
N GLY A 180 -54.09 -16.05 28.01
CA GLY A 180 -55.47 -16.36 28.37
C GLY A 180 -55.78 -16.24 29.84
N GLU A 181 -54.75 -16.20 30.69
CA GLU A 181 -54.95 -16.15 32.13
C GLU A 181 -54.37 -14.90 32.82
N LEU A 182 -55.06 -14.45 33.87
CA LEU A 182 -54.54 -13.41 34.75
C LEU A 182 -53.29 -13.91 35.49
N VAL A 183 -52.30 -13.02 35.60
CA VAL A 183 -51.11 -13.30 36.39
C VAL A 183 -51.57 -13.73 37.77
N HIS A 184 -52.52 -12.95 38.33
CA HIS A 184 -53.07 -13.16 39.65
C HIS A 184 -53.66 -14.58 39.90
N ASP A 185 -54.32 -15.12 38.87
CA ASP A 185 -55.01 -16.37 39.00
C ASP A 185 -54.04 -17.53 39.20
N ASN A 186 -52.78 -17.33 38.81
CA ASN A 186 -51.75 -18.33 39.00
C ASN A 186 -50.70 -18.00 40.05
N CYS A 187 -50.94 -16.96 40.84
CA CYS A 187 -49.92 -16.46 41.78
C CYS A 187 -49.93 -17.22 43.10
N PRO A 188 -48.75 -17.71 43.54
CA PRO A 188 -48.62 -18.48 44.80
C PRO A 188 -49.03 -17.68 46.03
N ARG A 189 -49.15 -16.35 45.89
CA ARG A 189 -49.55 -15.48 46.99
C ARG A 189 -51.08 -15.28 47.04
N LEU A 190 -51.79 -15.94 46.14
CA LEU A 190 -53.24 -15.85 46.08
C LEU A 190 -53.92 -16.19 47.40
N PRO A 191 -53.45 -17.24 48.12
CA PRO A 191 -54.05 -17.45 49.45
C PRO A 191 -53.99 -16.20 50.35
N HIS A 192 -52.86 -15.50 50.35
CA HIS A 192 -52.72 -14.31 51.20
C HIS A 192 -53.71 -13.22 50.80
N PHE A 193 -53.89 -13.05 49.50
CA PHE A 193 -54.83 -12.09 48.95
C PHE A 193 -56.24 -12.44 49.41
N GLU A 194 -56.61 -13.70 49.25
CA GLU A 194 -57.92 -14.20 49.70
C GLU A 194 -58.17 -14.00 51.19
N ALA A 195 -57.11 -14.09 52.00
CA ALA A 195 -57.22 -13.92 53.46
C ALA A 195 -56.98 -12.46 53.93
N SER A 196 -56.85 -11.53 52.99
CA SER A 196 -56.53 -10.12 53.29
C SER A 196 -55.24 -9.99 54.11
N GLU A 197 -54.20 -10.69 53.65
CA GLU A 197 -52.87 -10.65 54.25
C GLU A 197 -51.92 -9.94 53.31
N PHE A 198 -51.84 -8.63 53.46
CA PHE A 198 -51.04 -7.77 52.58
C PHE A 198 -49.83 -7.21 53.32
N ALA A 199 -48.70 -7.04 52.61
CA ALA A 199 -47.57 -6.29 53.12
C ALA A 199 -47.84 -4.77 52.98
N PRO A 200 -47.66 -4.02 54.07
CA PRO A 200 -47.84 -2.57 54.05
C PRO A 200 -46.63 -1.80 53.53
N SER A 201 -45.48 -2.46 53.53
CA SER A 201 -44.22 -1.85 53.10
C SER A 201 -43.25 -2.97 52.75
N PHE A 202 -42.16 -2.64 52.07
CA PHE A 202 -41.17 -3.63 51.68
C PHE A 202 -40.25 -4.03 52.82
N ASP A 203 -40.13 -3.18 53.84
CA ASP A 203 -39.30 -3.50 55.02
C ASP A 203 -40.05 -4.34 56.10
N SER A 204 -41.36 -4.50 55.93
CA SER A 204 -42.22 -5.12 56.92
C SER A 204 -42.01 -6.64 57.09
N GLU A 205 -42.36 -7.12 58.26
CA GLU A 205 -42.38 -8.56 58.55
C GLU A 205 -43.33 -9.30 57.63
N GLU A 206 -44.45 -8.66 57.28
CA GLU A 206 -45.39 -9.19 56.30
C GLU A 206 -44.71 -9.45 54.95
N ALA A 207 -43.90 -8.50 54.51
CA ALA A 207 -43.15 -8.67 53.26
C ALA A 207 -42.09 -9.78 53.38
N LYS A 208 -41.38 -9.82 54.51
CA LYS A 208 -40.44 -10.92 54.77
C LYS A 208 -41.15 -12.29 54.75
N LYS A 209 -42.38 -12.34 55.23
CA LYS A 209 -43.16 -13.61 55.22
C LYS A 209 -43.82 -13.95 53.88
N GLY A 210 -43.63 -13.12 52.85
CA GLY A 210 -44.16 -13.40 51.52
C GLY A 210 -45.66 -13.13 51.34
N PHE A 211 -46.17 -12.15 52.09
CA PHE A 211 -47.57 -11.70 51.94
C PHE A 211 -47.89 -11.14 50.55
N CYS A 212 -49.17 -11.08 50.22
CA CYS A 212 -49.64 -10.46 48.98
C CYS A 212 -49.17 -8.98 48.82
N LEU A 213 -48.90 -8.56 47.58
CA LEU A 213 -48.32 -7.23 47.29
C LEU A 213 -49.33 -6.23 46.69
N TYR A 214 -50.62 -6.51 46.84
CA TYR A 214 -51.69 -5.69 46.29
C TYR A 214 -51.68 -4.27 46.83
N GLU A 215 -51.51 -4.15 48.15
CA GLU A 215 -51.43 -2.86 48.82
C GLU A 215 -50.22 -2.05 48.35
N LEU A 216 -49.21 -2.72 47.82
CA LEU A 216 -47.98 -2.08 47.33
C LEU A 216 -48.04 -1.88 45.81
N GLY A 217 -49.24 -1.95 45.24
CA GLY A 217 -49.47 -1.66 43.83
C GLY A 217 -49.50 -2.81 42.83
N CYS A 218 -49.49 -4.06 43.29
CA CYS A 218 -49.44 -5.18 42.33
C CYS A 218 -50.62 -5.20 41.36
N LYS A 219 -50.32 -5.28 40.06
CA LYS A 219 -51.34 -5.23 39.03
C LYS A 219 -51.69 -6.62 38.48
N GLY A 220 -51.11 -7.64 39.08
CA GLY A 220 -51.50 -9.04 38.77
C GLY A 220 -52.98 -9.27 38.54
N PRO A 221 -53.86 -8.68 39.38
CA PRO A 221 -55.30 -8.92 39.19
C PRO A 221 -55.90 -8.40 37.87
N VAL A 222 -55.18 -7.51 37.17
CA VAL A 222 -55.70 -6.92 35.90
C VAL A 222 -54.76 -7.16 34.72
N THR A 223 -53.78 -8.05 34.90
CA THR A 223 -52.75 -8.31 33.88
C THR A 223 -52.80 -9.74 33.36
N TYR A 224 -52.97 -9.88 32.05
CA TYR A 224 -52.90 -11.17 31.39
C TYR A 224 -51.47 -11.52 30.92
N ASN A 225 -50.91 -12.57 31.53
CA ASN A 225 -49.57 -13.05 31.21
C ASN A 225 -49.37 -14.38 31.96
N ASN A 226 -48.35 -15.14 31.61
CA ASN A 226 -48.19 -16.49 32.17
C ASN A 226 -46.97 -16.62 33.09
N CYS A 227 -46.51 -15.46 33.61
CA CYS A 227 -45.26 -15.31 34.39
C CYS A 227 -45.07 -16.32 35.53
N PRO A 228 -46.04 -16.45 36.46
CA PRO A 228 -45.89 -17.40 37.56
C PRO A 228 -45.92 -18.85 37.10
N LYS A 229 -46.54 -19.13 35.95
CA LYS A 229 -46.65 -20.50 35.41
C LYS A 229 -45.38 -20.98 34.74
N VAL A 230 -44.76 -20.12 33.92
CA VAL A 230 -43.57 -20.54 33.13
C VAL A 230 -42.23 -20.01 33.69
N LEU A 231 -42.30 -18.97 34.50
CA LEU A 231 -41.12 -18.26 35.03
C LEU A 231 -40.29 -17.57 33.93
N PHE A 232 -39.33 -16.74 34.36
CA PHE A 232 -38.30 -16.19 33.46
C PHE A 232 -36.95 -16.82 33.73
N ASN A 233 -36.19 -17.08 32.67
CA ASN A 233 -34.80 -17.57 32.78
C ASN A 233 -34.71 -18.90 33.53
N GLN A 234 -35.84 -19.59 33.56
CA GLN A 234 -36.00 -20.87 34.24
C GLN A 234 -35.88 -20.75 35.78
N VAL A 235 -35.95 -19.54 36.35
CA VAL A 235 -35.65 -19.41 37.78
C VAL A 235 -36.55 -18.53 38.62
N ASN A 236 -37.26 -17.58 38.02
CA ASN A 236 -37.84 -16.51 38.85
C ASN A 236 -38.93 -15.71 38.18
N TRP A 237 -39.69 -15.01 38.98
CA TRP A 237 -40.54 -13.96 38.41
C TRP A 237 -40.66 -12.80 39.38
N PRO A 238 -41.13 -11.62 38.91
CA PRO A 238 -41.10 -10.46 39.83
C PRO A 238 -41.73 -10.65 41.24
N VAL A 239 -42.88 -11.31 41.36
CA VAL A 239 -43.56 -11.46 42.66
C VAL A 239 -42.81 -12.47 43.57
N GLN A 240 -42.23 -13.49 42.96
CA GLN A 240 -41.32 -14.37 43.67
C GLN A 240 -40.11 -13.58 44.17
N ALA A 241 -39.69 -12.55 43.42
CA ALA A 241 -38.58 -11.68 43.87
C ALA A 241 -39.05 -10.56 44.80
N GLY A 242 -40.29 -10.68 45.25
CA GLY A 242 -40.84 -9.78 46.26
C GLY A 242 -41.40 -8.46 45.73
N HIS A 243 -41.55 -8.36 44.41
CA HIS A 243 -41.93 -7.07 43.82
C HIS A 243 -43.25 -7.13 43.06
N PRO A 244 -44.13 -6.15 43.26
CA PRO A 244 -45.42 -6.10 42.54
C PRO A 244 -45.28 -6.20 41.01
N CYS A 245 -46.25 -6.85 40.38
CA CYS A 245 -46.44 -6.79 38.94
C CYS A 245 -46.79 -5.33 38.53
N LEU A 246 -46.23 -4.94 37.39
CA LEU A 246 -46.35 -3.60 36.83
C LEU A 246 -47.47 -3.54 35.79
N GLY A 247 -47.94 -4.72 35.37
CA GLY A 247 -48.99 -4.84 34.36
C GLY A 247 -48.45 -4.71 32.94
N CYS A 248 -47.20 -5.09 32.73
CA CYS A 248 -46.41 -4.68 31.58
C CYS A 248 -46.80 -5.29 30.22
N SER A 249 -47.71 -6.28 30.23
CA SER A 249 -48.28 -6.83 29.00
C SER A 249 -49.61 -6.19 28.62
N GLU A 250 -50.05 -5.18 29.38
CA GLU A 250 -51.30 -4.53 29.09
C GLU A 250 -51.13 -3.26 28.20
N PRO A 251 -52.09 -3.02 27.27
CA PRO A 251 -51.93 -1.84 26.41
C PRO A 251 -51.83 -0.57 27.23
N ASP A 252 -50.86 0.30 26.90
CA ASP A 252 -50.73 1.60 27.56
C ASP A 252 -50.45 1.55 29.06
N PHE A 253 -49.76 0.51 29.52
CA PHE A 253 -49.69 0.29 30.98
C PHE A 253 -48.97 1.46 31.62
N TRP A 254 -48.03 2.03 30.90
CA TRP A 254 -47.31 3.22 31.39
C TRP A 254 -48.24 4.27 31.98
N ASP A 255 -49.44 4.37 31.42
CA ASP A 255 -50.38 5.36 31.91
C ASP A 255 -51.55 4.76 32.67
N THR A 256 -51.91 3.51 32.40
CA THR A 256 -53.09 2.93 33.07
C THR A 256 -52.75 2.24 34.41
N MET A 257 -51.48 1.84 34.57
CA MET A 257 -51.03 1.09 35.73
C MET A 257 -50.16 1.91 36.67
N THR A 258 -49.94 3.18 36.35
CA THR A 258 -49.19 4.11 37.22
C THR A 258 -50.18 4.91 38.04
N PRO A 259 -49.82 5.31 39.28
CA PRO A 259 -48.52 5.02 39.96
C PRO A 259 -48.36 3.52 40.26
N PHE A 260 -47.16 3.00 40.07
CA PHE A 260 -46.90 1.55 40.11
C PHE A 260 -47.00 0.96 41.50
N TYR A 261 -46.73 1.77 42.53
CA TYR A 261 -46.80 1.27 43.91
C TYR A 261 -48.12 1.61 44.60
N GLU A 262 -49.12 1.97 43.81
CA GLU A 262 -50.43 2.24 44.34
C GLU A 262 -51.51 1.53 43.52
N GLN A 263 -52.74 1.59 44.02
CA GLN A 263 -53.87 1.05 43.26
C GLN A 263 -54.80 2.16 42.83
N GLY A 264 -54.42 3.40 43.13
CA GLY A 264 -55.29 4.53 42.89
C GLY A 264 -55.24 5.09 41.49
N ALA B 3 31.30 45.67 31.80
CA ALA B 3 31.85 45.02 30.59
C ALA B 3 31.98 46.04 29.45
N LYS B 4 33.12 46.01 28.76
CA LYS B 4 33.37 46.88 27.62
C LYS B 4 32.46 46.52 26.43
N HIS B 5 31.76 47.52 25.88
CA HIS B 5 30.85 47.33 24.75
C HIS B 5 31.56 46.85 23.49
N ARG B 6 31.02 45.82 22.86
CA ARG B 6 31.58 45.24 21.62
C ARG B 6 30.81 45.72 20.40
N PRO B 7 31.54 46.07 19.32
CA PRO B 7 30.90 46.67 18.14
C PRO B 7 29.86 45.76 17.48
N SER B 8 28.72 46.33 17.14
CA SER B 8 27.60 45.57 16.60
C SER B 8 27.85 45.24 15.14
N VAL B 9 27.66 43.95 14.78
CA VAL B 9 27.81 43.51 13.40
C VAL B 9 26.55 42.77 12.92
N VAL B 10 25.90 43.35 11.92
CA VAL B 10 24.76 42.71 11.27
C VAL B 10 25.23 41.98 10.01
N TRP B 11 24.81 40.74 9.85
CA TRP B 11 25.28 39.92 8.74
C TRP B 11 24.09 39.50 7.90
N LEU B 12 24.08 39.89 6.64
CA LEU B 12 22.93 39.56 5.78
C LEU B 12 23.24 38.48 4.74
N HIS B 13 22.30 37.56 4.56
CA HIS B 13 22.38 36.51 3.51
C HIS B 13 21.43 36.83 2.32
N ASN B 14 22.01 37.03 1.14
CA ASN B 14 21.21 37.21 -0.06
C ASN B 14 21.23 36.00 -1.05
N ALA B 15 21.54 36.20 -2.32
CA ALA B 15 21.75 35.06 -3.21
C ALA B 15 23.15 34.48 -2.99
N GLU B 16 23.20 33.36 -2.28
CA GLU B 16 24.46 32.81 -1.78
C GLU B 16 24.34 31.29 -1.50
N CYS B 17 25.49 30.64 -1.26
CA CYS B 17 25.59 29.19 -0.99
C CYS B 17 26.02 28.92 0.47
N THR B 18 26.28 30.02 1.19
CA THR B 18 26.65 30.00 2.61
C THR B 18 28.08 29.48 2.77
N GLY B 19 28.78 29.33 1.64
CA GLY B 19 30.23 29.03 1.65
C GLY B 19 31.08 30.10 2.30
N CYS B 20 30.61 31.35 2.24
CA CYS B 20 31.37 32.46 2.83
C CYS B 20 31.21 32.49 4.36
N THR B 21 30.00 32.23 4.84
CA THR B 21 29.77 32.01 6.27
C THR B 21 30.68 30.86 6.77
N GLU B 22 30.66 29.72 6.03
CA GLU B 22 31.45 28.54 6.42
C GLU B 22 32.96 28.85 6.44
N ALA B 23 33.41 29.62 5.44
CA ALA B 23 34.78 30.07 5.38
C ALA B 23 35.13 30.86 6.63
N ALA B 24 34.30 31.87 6.93
CA ALA B 24 34.46 32.71 8.12
C ALA B 24 34.75 31.90 9.40
N ILE B 25 34.01 30.81 9.61
CA ILE B 25 34.09 30.06 10.87
C ILE B 25 35.23 29.05 10.93
N ARG B 26 36.09 29.08 9.90
CA ARG B 26 37.35 28.32 9.92
C ARG B 26 38.50 29.18 10.47
N THR B 27 38.16 30.39 10.92
CA THR B 27 39.15 31.29 11.50
C THR B 27 39.83 30.69 12.74
N ILE B 28 41.16 30.84 12.85
CA ILE B 28 41.88 30.38 14.03
C ILE B 28 42.67 31.49 14.73
N LYS B 29 42.63 32.69 14.17
CA LYS B 29 43.29 33.86 14.76
C LYS B 29 42.35 35.09 14.78
N PRO B 30 41.40 35.15 15.71
CA PRO B 30 41.10 34.10 16.69
C PRO B 30 40.12 33.07 16.11
N TYR B 31 39.72 32.10 16.94
CA TYR B 31 38.60 31.21 16.64
C TYR B 31 37.29 31.99 16.68
N ILE B 32 36.25 31.40 16.06
CA ILE B 32 34.97 32.08 15.91
C ILE B 32 34.33 32.45 17.25
N ASP B 33 34.54 31.61 18.26
CA ASP B 33 33.91 31.81 19.57
C ASP B 33 34.52 33.02 20.27
N ALA B 34 35.85 33.13 20.23
CA ALA B 34 36.57 34.26 20.85
C ALA B 34 36.13 35.56 20.18
N LEU B 35 36.03 35.52 18.86
CA LEU B 35 35.66 36.69 18.10
C LEU B 35 34.27 37.19 18.52
N ILE B 36 33.29 36.29 18.60
CA ILE B 36 31.93 36.73 18.93
C ILE B 36 31.65 36.94 20.42
N LEU B 37 32.53 36.40 21.29
CA LEU B 37 32.43 36.64 22.72
C LEU B 37 33.23 37.85 23.22
N ASP B 38 34.41 38.10 22.60
CA ASP B 38 35.36 39.15 23.03
C ASP B 38 35.43 40.38 22.10
N THR B 39 35.35 40.16 20.80
CA THR B 39 35.67 41.23 19.85
C THR B 39 34.47 41.99 19.24
N ILE B 40 33.51 41.29 18.67
CA ILE B 40 32.33 41.92 18.08
C ILE B 40 31.05 41.47 18.80
N SER B 41 29.95 42.13 18.50
CA SER B 41 28.65 41.61 18.91
C SER B 41 27.90 41.20 17.66
N LEU B 42 27.92 39.92 17.32
CA LEU B 42 27.23 39.51 16.09
C LEU B 42 25.74 39.37 16.40
N ASP B 43 24.97 40.32 15.88
CA ASP B 43 23.59 40.54 16.32
C ASP B 43 22.50 40.04 15.38
N TYR B 44 22.94 39.55 14.22
CA TYR B 44 22.05 38.90 13.26
C TYR B 44 22.91 38.05 12.34
N GLN B 45 22.61 36.75 12.25
CA GLN B 45 23.31 35.79 11.40
C GLN B 45 22.38 34.58 11.21
N GLU B 46 21.68 34.55 10.09
CA GLU B 46 20.64 33.53 9.90
C GLU B 46 21.10 32.10 10.12
N THR B 47 22.38 31.81 9.84
CA THR B 47 22.88 30.43 9.81
C THR B 47 23.06 29.89 11.22
N ILE B 48 23.37 30.76 12.18
CA ILE B 48 23.67 30.30 13.56
C ILE B 48 22.86 30.92 14.71
N MET B 49 22.03 31.90 14.41
CA MET B 49 21.25 32.57 15.45
C MET B 49 20.16 31.64 16.03
N ALA B 50 19.87 31.84 17.33
CA ALA B 50 18.86 31.05 18.05
C ALA B 50 17.43 31.38 17.63
N ALA B 51 17.11 32.67 17.54
CA ALA B 51 15.75 33.10 17.15
C ALA B 51 15.41 32.73 15.70
N ALA B 52 14.12 32.53 15.43
CA ALA B 52 13.66 32.34 14.06
C ALA B 52 12.46 33.24 13.78
N GLY B 53 12.00 33.23 12.53
CA GLY B 53 10.81 33.97 12.11
C GLY B 53 10.74 35.40 12.62
N GLU B 54 9.55 35.75 13.12
CA GLU B 54 9.28 37.07 13.67
C GLU B 54 10.30 37.52 14.74
N ALA B 55 10.64 36.62 15.67
CA ALA B 55 11.66 36.87 16.67
C ALA B 55 13.02 37.24 16.08
N ALA B 56 13.46 36.49 15.05
CA ALA B 56 14.67 36.86 14.28
C ALA B 56 14.56 38.21 13.57
N GLU B 57 13.42 38.44 12.90
CA GLU B 57 13.19 39.71 12.25
C GLU B 57 13.31 40.85 13.23
N ALA B 58 12.66 40.72 14.39
CA ALA B 58 12.77 41.69 15.47
C ALA B 58 14.23 41.87 15.92
N ALA B 59 14.99 40.78 16.02
CA ALA B 59 16.42 40.90 16.33
C ALA B 59 17.16 41.78 15.31
N LEU B 60 16.88 41.58 14.01
CA LEU B 60 17.50 42.40 12.97
C LEU B 60 17.15 43.88 13.19
N HIS B 61 15.87 44.14 13.37
CA HIS B 61 15.37 45.51 13.45
C HIS B 61 15.87 46.21 14.73
N GLN B 62 16.00 45.43 15.79
CA GLN B 62 16.63 45.90 17.02
C GLN B 62 18.06 46.32 16.75
N ALA B 63 18.77 45.51 15.99
CA ALA B 63 20.19 45.73 15.73
C ALA B 63 20.35 46.96 14.86
N LEU B 64 19.53 47.06 13.82
CA LEU B 64 19.56 48.21 12.91
C LEU B 64 19.26 49.53 13.62
N GLU B 65 18.53 49.44 14.73
CA GLU B 65 18.21 50.63 15.50
C GLU B 65 19.10 50.85 16.72
N GLY B 66 20.20 50.09 16.78
CA GLY B 66 21.15 50.20 17.89
C GLY B 66 21.67 51.61 18.02
N LYS B 67 21.90 52.03 19.26
CA LYS B 67 22.33 53.41 19.54
C LYS B 67 23.77 53.70 19.20
N ASP B 68 24.62 52.69 19.30
CA ASP B 68 26.04 52.81 19.00
C ASP B 68 26.34 52.51 17.53
N GLY B 69 25.29 52.27 16.75
CA GLY B 69 25.43 51.90 15.33
C GLY B 69 25.96 50.49 15.09
N TYR B 70 26.16 50.15 13.83
CA TYR B 70 26.55 48.79 13.47
C TYR B 70 27.35 48.80 12.18
N TYR B 71 28.11 47.73 11.99
CA TYR B 71 28.77 47.46 10.73
C TYR B 71 27.98 46.38 10.02
N LEU B 72 27.97 46.47 8.68
CA LEU B 72 27.18 45.57 7.86
C LEU B 72 28.12 44.63 7.08
N VAL B 73 27.88 43.32 7.24
CA VAL B 73 28.53 42.32 6.41
C VAL B 73 27.48 41.74 5.43
N VAL B 74 27.82 41.69 4.14
CA VAL B 74 26.89 41.12 3.17
C VAL B 74 27.45 39.89 2.45
N GLU B 75 26.72 38.77 2.60
CA GLU B 75 27.00 37.54 1.87
C GLU B 75 25.96 37.34 0.78
N GLY B 76 26.40 37.17 -0.46
CA GLY B 76 25.51 36.89 -1.56
C GLY B 76 25.20 38.08 -2.45
N GLY B 77 24.76 37.80 -3.67
CA GLY B 77 24.35 38.83 -4.61
C GLY B 77 22.89 39.19 -4.44
N LEU B 78 22.44 40.19 -5.20
CA LEU B 78 21.08 40.67 -5.07
C LEU B 78 20.30 40.40 -6.36
N PRO B 79 19.31 39.50 -6.30
CA PRO B 79 18.47 39.25 -7.47
C PRO B 79 17.45 40.38 -7.67
N THR B 80 17.43 40.98 -8.84
CA THR B 80 16.65 42.20 -9.04
C THR B 80 15.43 42.02 -9.94
N ILE B 81 15.33 40.87 -10.63
CA ILE B 81 14.17 40.59 -11.50
C ILE B 81 12.85 40.60 -10.69
N ASP B 82 11.75 41.01 -11.33
CA ASP B 82 10.40 40.98 -10.71
C ASP B 82 10.39 41.75 -9.37
N GLY B 83 10.97 42.96 -9.37
CA GLY B 83 11.03 43.77 -8.15
C GLY B 83 11.76 43.17 -6.96
N GLY B 84 12.69 42.25 -7.24
CA GLY B 84 13.49 41.58 -6.22
C GLY B 84 12.83 40.37 -5.58
N GLN B 85 11.74 39.89 -6.17
CA GLN B 85 10.92 38.83 -5.55
C GLN B 85 11.44 37.40 -5.65
N TRP B 86 12.51 37.18 -6.39
CA TRP B 86 13.06 35.82 -6.54
C TRP B 86 14.00 35.48 -5.41
N GLY B 87 14.18 36.44 -4.51
CA GLY B 87 15.05 36.30 -3.32
C GLY B 87 14.42 37.09 -2.19
N MET B 88 13.78 36.38 -1.28
CA MET B 88 13.00 37.01 -0.21
C MET B 88 13.35 36.43 1.15
N VAL B 89 13.38 37.31 2.15
CA VAL B 89 13.50 36.94 3.54
C VAL B 89 12.42 37.69 4.35
N ALA B 90 11.64 36.91 5.13
CA ALA B 90 10.50 37.40 5.91
C ALA B 90 9.49 38.18 5.05
N GLY B 91 9.32 37.74 3.81
CA GLY B 91 8.39 38.40 2.86
C GLY B 91 8.90 39.72 2.27
N HIS B 92 10.18 40.05 2.47
CA HIS B 92 10.77 41.24 1.88
C HIS B 92 11.84 40.89 0.85
N PRO B 93 11.86 41.61 -0.29
CA PRO B 93 12.96 41.41 -1.24
C PRO B 93 14.30 41.68 -0.57
N MET B 94 15.28 40.85 -0.87
CA MET B 94 16.61 40.99 -0.32
C MET B 94 17.23 42.34 -0.65
N ILE B 95 16.99 42.82 -1.87
CA ILE B 95 17.45 44.17 -2.26
C ILE B 95 16.91 45.29 -1.34
N GLU B 96 15.62 45.22 -0.99
CA GLU B 96 15.04 46.21 -0.10
C GLU B 96 15.69 46.16 1.28
N THR B 97 15.80 44.96 1.85
CA THR B 97 16.41 44.80 3.18
C THR B 97 17.88 45.28 3.22
N THR B 98 18.69 44.85 2.25
CA THR B 98 20.10 45.25 2.14
C THR B 98 20.25 46.75 1.97
N LYS B 99 19.38 47.34 1.14
CA LYS B 99 19.34 48.77 0.96
C LYS B 99 19.08 49.57 2.26
N LYS B 100 18.14 49.08 3.06
CA LYS B 100 17.81 49.68 4.33
C LYS B 100 19.04 49.62 5.23
N ALA B 101 19.62 48.42 5.34
CA ALA B 101 20.72 48.15 6.25
C ALA B 101 21.98 48.94 5.89
N ALA B 102 22.23 49.12 4.58
CA ALA B 102 23.41 49.84 4.04
C ALA B 102 23.31 51.33 4.25
N ALA B 103 22.09 51.82 4.34
CA ALA B 103 21.86 53.24 4.49
C ALA B 103 22.42 53.81 5.81
N LYS B 104 22.40 53.04 6.91
CA LYS B 104 22.91 53.54 8.20
C LYS B 104 24.19 52.87 8.71
N ALA B 105 24.67 51.86 7.99
CA ALA B 105 25.89 51.15 8.37
C ALA B 105 27.09 52.10 8.55
N LYS B 106 27.95 51.81 9.52
CA LYS B 106 29.21 52.53 9.68
C LYS B 106 30.13 52.18 8.52
N GLY B 107 30.06 50.93 8.10
CA GLY B 107 30.82 50.43 6.98
C GLY B 107 30.15 49.18 6.44
N ILE B 108 30.46 48.86 5.19
CA ILE B 108 29.90 47.67 4.55
C ILE B 108 31.05 46.81 4.06
N ILE B 109 31.09 45.57 4.54
CA ILE B 109 32.03 44.56 4.06
C ILE B 109 31.28 43.50 3.25
N CYS B 110 31.69 43.34 2.01
CA CYS B 110 31.15 42.29 1.16
C CYS B 110 32.04 41.07 1.24
N ILE B 111 31.57 40.06 1.96
CA ILE B 111 32.26 38.79 2.03
C ILE B 111 31.91 37.94 0.80
N GLY B 112 32.91 37.64 -0.02
CA GLY B 112 32.75 36.74 -1.15
C GLY B 112 32.58 37.42 -2.48
N THR B 113 32.90 36.69 -3.54
CA THR B 113 32.74 37.21 -4.89
C THR B 113 31.28 37.58 -5.23
N CYS B 114 30.31 36.85 -4.66
CA CYS B 114 28.91 37.11 -4.91
C CYS B 114 28.43 38.48 -4.44
N SER B 115 28.75 38.86 -3.20
CA SER B 115 28.31 40.15 -2.70
C SER B 115 29.13 41.29 -3.36
N ALA B 116 30.44 41.07 -3.49
CA ALA B 116 31.35 42.04 -4.08
C ALA B 116 31.00 42.39 -5.53
N TYR B 117 30.74 41.36 -6.33
CA TYR B 117 30.72 41.50 -7.78
C TYR B 117 29.52 40.91 -8.50
N GLY B 118 28.72 40.12 -7.80
CA GLY B 118 27.55 39.49 -8.38
C GLY B 118 27.55 37.97 -8.30
N GLY B 119 28.70 37.37 -8.61
CA GLY B 119 28.95 35.95 -8.41
C GLY B 119 28.25 34.96 -9.32
N VAL B 120 28.08 33.73 -8.84
CA VAL B 120 27.67 32.62 -9.69
C VAL B 120 26.30 32.83 -10.36
N GLN B 121 25.33 33.33 -9.59
CA GLN B 121 23.99 33.64 -10.11
C GLN B 121 23.97 34.72 -11.18
N LYS B 122 25.01 35.56 -11.21
CA LYS B 122 25.16 36.60 -12.26
C LYS B 122 25.76 36.08 -13.59
N ALA B 123 26.41 34.92 -13.56
CA ALA B 123 26.93 34.32 -14.79
C ALA B 123 25.84 34.19 -15.85
N LYS B 124 26.22 34.35 -17.12
CA LYS B 124 25.30 34.31 -18.26
C LYS B 124 24.45 33.03 -18.25
N PRO B 125 23.14 33.13 -18.52
CA PRO B 125 22.49 34.38 -18.91
C PRO B 125 21.83 35.16 -17.76
N ASN B 126 22.29 34.94 -16.52
CA ASN B 126 21.79 35.70 -15.37
C ASN B 126 20.24 35.78 -15.28
N PRO B 127 19.58 34.61 -15.09
CA PRO B 127 18.11 34.58 -15.09
C PRO B 127 17.43 35.47 -14.03
N SER B 128 18.01 35.57 -12.83
CA SER B 128 17.43 36.40 -11.75
C SER B 128 17.83 37.89 -11.79
N GLN B 129 18.59 38.31 -12.81
CA GLN B 129 19.16 39.65 -12.89
C GLN B 129 19.91 40.03 -11.59
N ALA B 130 20.83 39.15 -11.17
CA ALA B 130 21.63 39.30 -9.96
C ALA B 130 22.72 40.34 -10.14
N LYS B 131 22.92 41.16 -9.12
CA LYS B 131 23.94 42.21 -9.14
C LYS B 131 24.78 42.17 -7.86
N GLY B 132 26.01 42.70 -7.96
CA GLY B 132 26.83 42.97 -6.79
C GLY B 132 26.21 44.07 -5.94
N VAL B 133 26.58 44.11 -4.66
CA VAL B 133 26.05 45.08 -3.68
C VAL B 133 26.29 46.54 -4.14
N SER B 134 27.53 46.87 -4.48
CA SER B 134 27.82 48.19 -5.01
C SER B 134 27.18 48.37 -6.39
N GLU B 135 27.11 47.28 -7.17
CA GLU B 135 26.55 47.33 -8.53
C GLU B 135 25.06 47.69 -8.54
N ALA B 136 24.32 47.11 -7.62
CA ALA B 136 22.89 47.27 -7.51
C ALA B 136 22.49 48.51 -6.71
N LEU B 137 23.30 48.93 -5.74
CA LEU B 137 22.89 50.02 -4.83
C LEU B 137 23.66 51.33 -4.96
N GLY B 138 24.91 51.24 -5.39
CA GLY B 138 25.74 52.43 -5.56
C GLY B 138 26.38 52.92 -4.26
N VAL B 139 26.34 52.07 -3.24
CA VAL B 139 27.10 52.31 -2.01
C VAL B 139 28.53 51.81 -2.22
N LYS B 140 29.53 52.47 -1.65
CA LYS B 140 30.89 51.95 -1.73
C LYS B 140 31.11 50.83 -0.70
N THR B 141 31.73 49.75 -1.14
CA THR B 141 31.92 48.56 -0.30
C THR B 141 33.39 48.16 -0.17
N ILE B 142 33.72 47.56 0.98
CA ILE B 142 35.01 46.90 1.16
C ILE B 142 34.84 45.44 0.74
N ASN B 143 35.55 45.05 -0.31
CA ASN B 143 35.33 43.75 -0.94
C ASN B 143 36.35 42.72 -0.49
N ILE B 144 35.85 41.60 -0.01
CA ILE B 144 36.68 40.45 0.41
C ILE B 144 36.28 39.26 -0.49
N PRO B 145 36.76 39.27 -1.75
CA PRO B 145 36.30 38.25 -2.67
C PRO B 145 37.13 36.97 -2.65
N GLY B 146 36.78 36.05 -3.54
CA GLY B 146 37.15 34.66 -3.40
C GLY B 146 35.85 33.89 -3.34
N CYS B 147 35.88 32.63 -3.73
CA CYS B 147 34.64 31.82 -3.72
C CYS B 147 34.88 30.48 -3.00
N PRO B 148 35.12 30.51 -1.67
CA PRO B 148 34.96 31.69 -0.82
C PRO B 148 36.31 32.31 -0.44
N PRO B 149 36.31 33.55 0.12
CA PRO B 149 37.58 34.11 0.59
C PRO B 149 38.19 33.28 1.72
N ASN B 150 39.49 33.42 1.90
CA ASN B 150 40.18 32.86 3.06
C ASN B 150 39.66 33.60 4.30
N PRO B 151 39.43 32.87 5.41
CA PRO B 151 39.05 33.52 6.66
C PRO B 151 40.07 34.53 7.17
N ILE B 152 41.35 34.32 6.85
CA ILE B 152 42.40 35.28 7.23
C ILE B 152 42.11 36.67 6.65
N ASN B 153 41.64 36.68 5.40
CA ASN B 153 41.35 37.93 4.68
C ASN B 153 40.09 38.64 5.20
N PHE B 154 39.05 37.87 5.49
CA PHE B 154 37.82 38.43 6.04
C PHE B 154 37.99 38.90 7.49
N VAL B 155 38.48 38.02 8.36
CA VAL B 155 38.66 38.41 9.76
C VAL B 155 39.68 39.54 9.86
N GLY B 156 40.79 39.44 9.12
CA GLY B 156 41.80 40.50 9.09
C GLY B 156 41.21 41.86 8.73
N ALA B 157 40.41 41.90 7.67
CA ALA B 157 39.67 43.11 7.26
C ALA B 157 38.75 43.64 8.35
N VAL B 158 37.95 42.73 8.95
CA VAL B 158 37.04 43.08 10.04
C VAL B 158 37.79 43.74 11.20
N VAL B 159 38.86 43.11 11.67
CA VAL B 159 39.67 43.60 12.79
C VAL B 159 40.32 44.96 12.45
N HIS B 160 40.86 45.06 11.25
CA HIS B 160 41.44 46.31 10.80
C HIS B 160 40.41 47.44 10.84
N VAL B 161 39.21 47.18 10.31
CA VAL B 161 38.15 48.20 10.27
C VAL B 161 37.77 48.65 11.69
N LEU B 162 37.75 47.73 12.64
CA LEU B 162 37.31 48.04 14.01
C LEU B 162 38.39 48.70 14.86
N THR B 163 39.66 48.51 14.48
CA THR B 163 40.76 48.98 15.33
C THR B 163 41.65 50.05 14.70
N LYS B 164 41.69 50.11 13.37
CA LYS B 164 42.63 50.99 12.67
C LYS B 164 42.00 51.99 11.69
N GLY B 165 40.92 51.58 11.04
CA GLY B 165 40.29 52.38 10.00
C GLY B 165 40.09 51.54 8.75
N ILE B 166 39.68 52.18 7.67
CA ILE B 166 39.54 51.48 6.39
C ILE B 166 40.95 51.16 5.86
N PRO B 167 41.19 49.88 5.49
CA PRO B 167 42.49 49.55 4.89
C PRO B 167 42.59 50.07 3.46
N ASP B 168 43.82 50.22 2.95
CA ASP B 168 44.03 50.66 1.57
C ASP B 168 43.43 49.69 0.57
N LEU B 169 42.61 50.19 -0.33
CA LEU B 169 41.92 49.33 -1.30
C LEU B 169 42.44 49.50 -2.73
N ASP B 170 42.40 48.43 -3.52
CA ASP B 170 42.72 48.50 -4.96
C ASP B 170 41.52 48.99 -5.78
N GLU B 171 41.60 48.92 -7.11
CA GLU B 171 40.53 49.38 -8.00
C GLU B 171 39.21 48.71 -7.75
N ASN B 172 39.29 47.43 -7.40
CA ASN B 172 38.14 46.58 -7.23
C ASN B 172 37.66 46.55 -5.77
N GLY B 173 38.12 47.52 -5.01
CA GLY B 173 37.72 47.68 -3.61
C GLY B 173 38.24 46.62 -2.65
N ARG B 174 39.30 45.91 -3.05
CA ARG B 174 39.88 44.85 -2.24
C ARG B 174 41.06 45.37 -1.41
N PRO B 175 41.17 44.95 -0.13
CA PRO B 175 42.33 45.36 0.66
C PRO B 175 43.65 44.88 0.05
N LYS B 176 44.60 45.81 -0.11
CA LYS B 176 45.90 45.50 -0.66
C LYS B 176 46.72 44.60 0.28
N LEU B 177 46.41 44.67 1.57
CA LEU B 177 47.00 43.77 2.56
C LEU B 177 46.92 42.31 2.13
N PHE B 178 45.80 41.93 1.52
CA PHE B 178 45.57 40.54 1.16
C PHE B 178 45.57 40.27 -0.33
N TYR B 179 45.20 41.27 -1.12
CA TYR B 179 45.01 41.08 -2.56
C TYR B 179 45.97 41.91 -3.39
N GLY B 180 47.07 42.35 -2.76
CA GLY B 180 48.08 43.17 -3.43
C GLY B 180 48.96 42.39 -4.38
N GLU B 181 48.95 41.07 -4.28
CA GLU B 181 49.85 40.22 -5.06
C GLU B 181 49.12 39.19 -5.91
N LEU B 182 49.67 38.90 -7.08
CA LEU B 182 49.21 37.80 -7.92
C LEU B 182 49.46 36.46 -7.24
N VAL B 183 48.47 35.57 -7.34
CA VAL B 183 48.62 34.18 -6.93
C VAL B 183 49.95 33.64 -7.51
N HIS B 184 50.14 33.88 -8.81
CA HIS B 184 51.27 33.35 -9.58
C HIS B 184 52.64 33.78 -9.04
N ASP B 185 52.73 35.02 -8.57
CA ASP B 185 53.98 35.57 -8.08
C ASP B 185 54.49 34.87 -6.82
N ASN B 186 53.59 34.18 -6.12
CA ASN B 186 53.94 33.45 -4.90
C ASN B 186 53.86 31.93 -5.02
N CYS B 187 53.62 31.44 -6.24
CA CYS B 187 53.42 30.01 -6.48
C CYS B 187 54.74 29.24 -6.48
N PRO B 188 54.80 28.09 -5.76
CA PRO B 188 56.00 27.26 -5.73
C PRO B 188 56.31 26.60 -7.07
N ARG B 189 55.37 26.64 -8.02
CA ARG B 189 55.60 26.05 -9.35
C ARG B 189 56.13 27.08 -10.34
N LEU B 190 56.33 28.31 -9.87
CA LEU B 190 56.89 29.40 -10.69
C LEU B 190 58.20 29.03 -11.41
N PRO B 191 59.12 28.26 -10.76
CA PRO B 191 60.31 27.85 -11.50
C PRO B 191 59.97 27.02 -12.75
N HIS B 192 58.98 26.14 -12.65
CA HIS B 192 58.56 25.34 -13.80
C HIS B 192 57.97 26.21 -14.92
N PHE B 193 57.17 27.19 -14.53
CA PHE B 193 56.60 28.17 -15.47
C PHE B 193 57.72 28.89 -16.22
N GLU B 194 58.68 29.42 -15.47
CA GLU B 194 59.82 30.14 -16.04
C GLU B 194 60.65 29.28 -17.00
N ALA B 195 60.69 27.97 -16.74
CA ALA B 195 61.45 27.01 -17.55
C ALA B 195 60.64 26.35 -18.65
N SER B 196 59.40 26.79 -18.83
CA SER B 196 58.45 26.21 -19.80
C SER B 196 58.24 24.71 -19.57
N GLU B 197 58.08 24.36 -18.30
CA GLU B 197 57.79 22.99 -17.90
C GLU B 197 56.32 22.90 -17.44
N PHE B 198 55.45 22.54 -18.39
CA PHE B 198 54.02 22.47 -18.15
C PHE B 198 53.51 21.03 -18.25
N ALA B 199 52.50 20.71 -17.43
CA ALA B 199 51.79 19.43 -17.53
C ALA B 199 50.77 19.52 -18.67
N PRO B 200 50.80 18.55 -19.60
CA PRO B 200 49.86 18.57 -20.73
C PRO B 200 48.51 17.97 -20.40
N SER B 201 48.45 17.21 -19.31
CA SER B 201 47.24 16.54 -18.89
C SER B 201 47.42 16.18 -17.42
N PHE B 202 46.33 15.80 -16.74
CA PHE B 202 46.40 15.45 -15.32
C PHE B 202 46.95 14.06 -15.08
N ASP B 203 46.92 13.22 -16.10
CA ASP B 203 47.41 11.85 -15.98
C ASP B 203 48.91 11.75 -16.30
N SER B 204 49.48 12.86 -16.79
CA SER B 204 50.86 12.89 -17.31
C SER B 204 51.91 12.78 -16.23
N GLU B 205 53.11 12.34 -16.63
CA GLU B 205 54.29 12.31 -15.77
C GLU B 205 54.67 13.71 -15.31
N GLU B 206 54.50 14.69 -16.21
CA GLU B 206 54.72 16.10 -15.90
C GLU B 206 53.85 16.57 -14.75
N ALA B 207 52.58 16.15 -14.75
CA ALA B 207 51.66 16.45 -13.65
C ALA B 207 52.12 15.78 -12.35
N LYS B 208 52.47 14.50 -12.42
CA LYS B 208 52.99 13.76 -11.27
C LYS B 208 54.26 14.42 -10.69
N LYS B 209 55.06 15.03 -11.55
CA LYS B 209 56.27 15.73 -11.10
C LYS B 209 56.02 17.14 -10.57
N GLY B 210 54.76 17.60 -10.59
CA GLY B 210 54.40 18.92 -10.10
C GLY B 210 54.73 20.09 -11.01
N PHE B 211 54.68 19.86 -12.33
CA PHE B 211 54.91 20.91 -13.33
C PHE B 211 53.84 21.98 -13.28
N CYS B 212 54.13 23.15 -13.88
CA CYS B 212 53.17 24.27 -13.97
C CYS B 212 51.86 23.87 -14.66
N LEU B 213 50.76 24.48 -14.23
CA LEU B 213 49.42 24.10 -14.69
C LEU B 213 48.79 25.10 -15.69
N TYR B 214 49.62 25.97 -16.26
CA TYR B 214 49.18 27.05 -17.15
C TYR B 214 48.51 26.50 -18.41
N GLU B 215 49.08 25.43 -18.97
CA GLU B 215 48.52 24.76 -20.14
C GLU B 215 47.15 24.14 -19.82
N LEU B 216 46.94 23.81 -18.55
CA LEU B 216 45.68 23.22 -18.12
C LEU B 216 44.66 24.28 -17.64
N GLY B 217 44.94 25.55 -17.97
CA GLY B 217 44.02 26.64 -17.71
C GLY B 217 44.23 27.46 -16.45
N CYS B 218 45.38 27.31 -15.77
CA CYS B 218 45.59 28.01 -14.51
C CYS B 218 45.49 29.52 -14.68
N LYS B 219 44.66 30.15 -13.85
CA LYS B 219 44.42 31.60 -13.95
C LYS B 219 45.22 32.40 -12.92
N GLY B 220 46.12 31.72 -12.23
CA GLY B 220 47.08 32.34 -11.31
C GLY B 220 47.74 33.62 -11.82
N PRO B 221 48.21 33.63 -13.09
CA PRO B 221 48.83 34.84 -13.68
C PRO B 221 47.95 36.10 -13.79
N VAL B 222 46.63 35.96 -13.67
CA VAL B 222 45.72 37.10 -13.77
C VAL B 222 44.80 37.27 -12.54
N THR B 223 45.13 36.56 -11.44
CA THR B 223 44.30 36.50 -10.24
C THR B 223 45.00 37.09 -9.01
N TYR B 224 44.36 38.06 -8.37
CA TYR B 224 44.90 38.70 -7.16
C TYR B 224 44.31 38.04 -5.92
N ASN B 225 45.16 37.31 -5.22
CA ASN B 225 44.80 36.61 -3.98
C ASN B 225 46.11 36.18 -3.29
N ASN B 226 46.02 35.76 -2.04
CA ASN B 226 47.22 35.43 -1.26
C ASN B 226 47.35 33.94 -0.96
N CYS B 227 46.61 33.13 -1.73
CA CYS B 227 46.42 31.68 -1.49
C CYS B 227 47.69 30.86 -1.22
N PRO B 228 48.73 30.97 -2.09
CA PRO B 228 49.95 30.19 -1.84
C PRO B 228 50.73 30.68 -0.62
N LYS B 229 50.52 31.93 -0.25
CA LYS B 229 51.25 32.51 0.88
C LYS B 229 50.69 32.06 2.24
N VAL B 230 49.36 31.99 2.34
CA VAL B 230 48.70 31.70 3.63
C VAL B 230 48.08 30.30 3.74
N LEU B 231 47.82 29.67 2.60
CA LEU B 231 47.16 28.36 2.50
C LEU B 231 45.70 28.40 2.97
N PHE B 232 44.99 27.30 2.77
CA PHE B 232 43.67 27.14 3.32
C PHE B 232 43.72 26.05 4.37
N ASN B 233 42.94 26.23 5.44
CA ASN B 233 42.81 25.21 6.52
C ASN B 233 44.16 24.80 7.14
N GLN B 234 45.13 25.72 6.99
CA GLN B 234 46.49 25.55 7.48
C GLN B 234 47.25 24.40 6.81
N VAL B 235 46.78 23.92 5.65
CA VAL B 235 47.33 22.68 5.06
C VAL B 235 47.58 22.65 3.55
N ASN B 236 46.82 23.41 2.75
CA ASN B 236 46.82 23.19 1.32
C ASN B 236 46.26 24.37 0.51
N TRP B 237 46.52 24.36 -0.79
CA TRP B 237 45.78 25.23 -1.71
C TRP B 237 45.60 24.49 -3.03
N PRO B 238 44.70 24.99 -3.91
CA PRO B 238 44.40 24.23 -5.14
C PRO B 238 45.60 23.75 -5.97
N VAL B 239 46.59 24.62 -6.22
CA VAL B 239 47.73 24.25 -7.08
C VAL B 239 48.62 23.20 -6.40
N GLN B 240 48.79 23.32 -5.09
CA GLN B 240 49.44 22.28 -4.31
C GLN B 240 48.69 20.95 -4.46
N ALA B 241 47.36 21.01 -4.59
CA ALA B 241 46.54 19.81 -4.81
C ALA B 241 46.48 19.40 -6.28
N GLY B 242 47.34 20.01 -7.09
CA GLY B 242 47.50 19.65 -8.49
C GLY B 242 46.48 20.23 -9.45
N HIS B 243 45.70 21.20 -8.99
CA HIS B 243 44.61 21.75 -9.82
C HIS B 243 44.82 23.24 -10.13
N PRO B 244 44.56 23.65 -11.39
CA PRO B 244 44.66 25.06 -11.77
C PRO B 244 43.79 26.01 -10.94
N CYS B 245 44.29 27.22 -10.71
CA CYS B 245 43.49 28.32 -10.18
C CYS B 245 42.36 28.69 -11.14
N LEU B 246 41.18 29.01 -10.59
CA LEU B 246 39.99 29.31 -11.40
C LEU B 246 39.83 30.81 -11.57
N GLY B 247 40.59 31.59 -10.81
CA GLY B 247 40.50 33.05 -10.78
C GLY B 247 39.36 33.57 -9.93
N CYS B 248 39.02 32.81 -8.88
CA CYS B 248 37.75 32.98 -8.16
C CYS B 248 37.62 34.26 -7.34
N SER B 249 38.72 34.97 -7.14
CA SER B 249 38.66 36.30 -6.49
C SER B 249 38.53 37.48 -7.48
N GLU B 250 38.38 37.17 -8.76
CA GLU B 250 38.26 38.23 -9.78
C GLU B 250 36.80 38.52 -10.13
N PRO B 251 36.45 39.79 -10.40
CA PRO B 251 35.08 40.15 -10.79
C PRO B 251 34.62 39.35 -12.00
N ASP B 252 33.40 38.79 -11.93
CA ASP B 252 32.79 38.09 -13.06
C ASP B 252 33.61 36.92 -13.60
N PHE B 253 34.40 36.29 -12.74
CA PHE B 253 35.29 35.24 -13.17
C PHE B 253 34.57 34.10 -13.88
N TRP B 254 33.32 33.83 -13.48
CA TRP B 254 32.49 32.79 -14.10
C TRP B 254 32.37 32.95 -15.61
N ASP B 255 32.51 34.18 -16.09
CA ASP B 255 32.47 34.45 -17.50
C ASP B 255 33.80 34.90 -18.11
N THR B 256 34.67 35.52 -17.31
CA THR B 256 35.98 35.97 -17.79
C THR B 256 37.07 34.88 -17.71
N MET B 257 36.91 33.92 -16.81
CA MET B 257 37.92 32.88 -16.60
C MET B 257 37.55 31.53 -17.22
N THR B 258 36.36 31.45 -17.81
CA THR B 258 35.91 30.22 -18.47
C THR B 258 36.23 30.26 -19.97
N PRO B 259 36.53 29.12 -20.62
CA PRO B 259 36.60 27.78 -20.01
C PRO B 259 37.75 27.62 -18.99
N PHE B 260 37.47 26.94 -17.89
CA PHE B 260 38.43 26.85 -16.78
C PHE B 260 39.71 26.08 -17.11
N TYR B 261 39.62 25.08 -17.99
CA TYR B 261 40.78 24.29 -18.37
C TYR B 261 41.48 24.79 -19.64
N GLU B 262 41.15 26.01 -20.06
CA GLU B 262 41.81 26.66 -21.20
C GLU B 262 42.34 28.05 -20.85
N GLN B 263 43.29 28.54 -21.63
CA GLN B 263 43.73 29.95 -21.57
C GLN B 263 43.09 30.77 -22.69
N GLY B 264 43.01 32.09 -22.48
CA GLY B 264 42.37 33.01 -23.43
C GLY B 264 43.18 33.54 -24.60
N HIS C 5 10.60 7.18 -47.35
CA HIS C 5 11.05 6.75 -45.98
C HIS C 5 9.90 6.68 -44.96
N ARG C 6 9.70 5.51 -44.37
CA ARG C 6 8.80 5.37 -43.24
C ARG C 6 9.66 5.26 -41.98
N PRO C 7 9.16 5.78 -40.83
CA PRO C 7 9.89 5.75 -39.56
C PRO C 7 10.29 4.33 -39.15
N SER C 8 11.58 4.15 -38.88
CA SER C 8 12.10 2.84 -38.49
C SER C 8 11.68 2.45 -37.09
N VAL C 9 11.27 1.19 -36.92
CA VAL C 9 10.96 0.59 -35.64
C VAL C 9 11.80 -0.68 -35.48
N VAL C 10 12.46 -0.83 -34.34
CA VAL C 10 13.15 -2.08 -33.97
C VAL C 10 12.41 -2.73 -32.81
N TRP C 11 12.08 -4.00 -32.97
CA TRP C 11 11.23 -4.71 -32.01
C TRP C 11 12.00 -5.87 -31.40
N LEU C 12 12.23 -5.80 -30.09
CA LEU C 12 13.03 -6.81 -29.42
C LEU C 12 12.15 -7.79 -28.64
N HIS C 13 12.58 -9.06 -28.57
CA HIS C 13 11.91 -10.07 -27.77
C HIS C 13 12.86 -10.55 -26.68
N ASN C 14 12.41 -10.42 -25.43
CA ASN C 14 13.22 -10.85 -24.28
C ASN C 14 12.59 -12.03 -23.54
N ALA C 15 12.26 -11.87 -22.26
CA ALA C 15 11.52 -12.91 -21.54
C ALA C 15 10.05 -12.60 -21.68
N GLU C 16 9.44 -13.25 -22.68
CA GLU C 16 8.10 -12.96 -23.13
C GLU C 16 7.45 -14.27 -23.61
N CYS C 17 6.14 -14.24 -23.80
CA CYS C 17 5.42 -15.40 -24.31
C CYS C 17 4.93 -15.17 -25.76
N THR C 18 5.26 -13.99 -26.33
CA THR C 18 4.86 -13.64 -27.70
C THR C 18 3.36 -13.36 -27.79
N GLY C 19 2.74 -13.13 -26.61
CA GLY C 19 1.32 -12.78 -26.51
C GLY C 19 1.14 -11.33 -26.95
N CYS C 20 2.18 -10.53 -26.71
CA CYS C 20 2.12 -9.12 -27.04
C CYS C 20 2.26 -8.92 -28.56
N THR C 21 3.20 -9.61 -29.19
CA THR C 21 3.24 -9.66 -30.68
C THR C 21 1.87 -10.05 -31.25
N GLU C 22 1.35 -11.19 -30.81
CA GLU C 22 0.03 -11.68 -31.27
C GLU C 22 -1.06 -10.61 -31.11
N ALA C 23 -1.09 -9.95 -29.94
CA ALA C 23 -1.95 -8.79 -29.70
C ALA C 23 -1.79 -7.69 -30.76
N ALA C 24 -0.55 -7.29 -31.04
CA ALA C 24 -0.29 -6.24 -32.01
C ALA C 24 -0.91 -6.50 -33.38
N ILE C 25 -0.81 -7.75 -33.86
CA ILE C 25 -1.33 -8.11 -35.18
C ILE C 25 -2.84 -8.33 -35.18
N ARG C 26 -3.50 -8.04 -34.06
CA ARG C 26 -4.95 -8.05 -34.02
C ARG C 26 -5.55 -6.69 -34.36
N THR C 27 -4.68 -5.70 -34.56
CA THR C 27 -5.08 -4.33 -34.91
C THR C 27 -5.92 -4.25 -36.17
N ILE C 28 -7.01 -3.49 -36.12
CA ILE C 28 -7.82 -3.23 -37.32
C ILE C 28 -7.96 -1.75 -37.67
N LYS C 29 -7.18 -0.87 -37.01
CA LYS C 29 -7.24 0.56 -37.38
C LYS C 29 -5.87 1.25 -37.36
N PRO C 30 -5.01 0.96 -38.33
CA PRO C 30 -5.30 0.08 -39.46
C PRO C 30 -4.88 -1.38 -39.21
N TYR C 31 -5.09 -2.24 -40.21
CA TYR C 31 -4.59 -3.61 -40.18
C TYR C 31 -3.06 -3.64 -40.20
N ILE C 32 -2.50 -4.77 -39.78
CA ILE C 32 -1.05 -4.88 -39.62
C ILE C 32 -0.26 -4.73 -40.94
N ASP C 33 -0.83 -5.15 -42.06
CA ASP C 33 -0.19 -4.99 -43.37
C ASP C 33 -0.08 -3.52 -43.79
N ALA C 34 -1.19 -2.79 -43.72
CA ALA C 34 -1.17 -1.35 -43.97
C ALA C 34 -0.25 -0.68 -42.95
N LEU C 35 -0.18 -1.21 -41.72
CA LEU C 35 0.71 -0.62 -40.73
C LEU C 35 2.18 -0.72 -41.17
N ILE C 36 2.57 -1.92 -41.60
CA ILE C 36 3.96 -2.18 -41.98
C ILE C 36 4.31 -1.83 -43.44
N LEU C 37 3.30 -1.61 -44.27
CA LEU C 37 3.51 -1.14 -45.64
C LEU C 37 3.44 0.38 -45.78
N ASP C 38 2.57 1.01 -44.99
CA ASP C 38 2.23 2.42 -45.20
C ASP C 38 2.81 3.39 -44.18
N THR C 39 2.92 2.94 -42.92
CA THR C 39 3.14 3.84 -41.81
C THR C 39 4.52 3.72 -41.14
N ILE C 40 4.85 2.55 -40.62
CA ILE C 40 6.15 2.31 -40.00
C ILE C 40 7.01 1.44 -40.92
N SER C 41 8.32 1.44 -40.66
CA SER C 41 9.19 0.48 -41.30
C SER C 41 9.72 -0.45 -40.22
N LEU C 42 9.08 -1.61 -40.11
CA LEU C 42 9.43 -2.58 -39.07
C LEU C 42 10.68 -3.33 -39.50
N ASP C 43 11.82 -2.96 -38.92
CA ASP C 43 13.10 -3.39 -39.44
C ASP C 43 13.75 -4.58 -38.72
N TYR C 44 13.13 -5.01 -37.64
CA TYR C 44 13.55 -6.18 -36.90
C TYR C 44 12.37 -6.62 -36.05
N GLN C 45 11.97 -7.88 -36.22
CA GLN C 45 10.85 -8.48 -35.51
C GLN C 45 10.98 -9.99 -35.66
N GLU C 46 11.57 -10.64 -34.66
CA GLU C 46 11.98 -12.05 -34.76
C GLU C 46 10.85 -13.01 -35.16
N THR C 47 9.65 -12.76 -34.65
CA THR C 47 8.51 -13.66 -34.84
C THR C 47 8.09 -13.76 -36.30
N ILE C 48 8.23 -12.68 -37.07
CA ILE C 48 7.74 -12.64 -38.45
C ILE C 48 8.78 -12.32 -39.54
N MET C 49 10.04 -12.06 -39.17
CA MET C 49 11.04 -11.64 -40.15
C MET C 49 11.63 -12.81 -40.95
N ALA C 50 11.97 -12.53 -42.21
CA ALA C 50 12.50 -13.53 -43.16
C ALA C 50 13.89 -14.07 -42.83
N ALA C 51 14.84 -13.17 -42.57
CA ALA C 51 16.20 -13.55 -42.22
C ALA C 51 16.24 -14.34 -40.91
N ALA C 52 17.23 -15.22 -40.80
CA ALA C 52 17.49 -15.99 -39.58
C ALA C 52 18.99 -15.96 -39.28
N GLY C 53 19.34 -16.18 -38.01
CA GLY C 53 20.75 -16.30 -37.62
C GLY C 53 21.54 -15.05 -37.94
N GLU C 54 22.76 -15.25 -38.44
CA GLU C 54 23.68 -14.15 -38.78
C GLU C 54 23.06 -13.06 -39.65
N ALA C 55 22.24 -13.48 -40.61
CA ALA C 55 21.52 -12.57 -41.51
C ALA C 55 20.48 -11.73 -40.78
N ALA C 56 19.82 -12.33 -39.79
CA ALA C 56 18.88 -11.60 -38.95
C ALA C 56 19.60 -10.57 -38.08
N GLU C 57 20.74 -10.96 -37.52
CA GLU C 57 21.50 -10.11 -36.60
C GLU C 57 22.12 -8.93 -37.36
N ALA C 58 22.51 -9.18 -38.60
CA ALA C 58 22.99 -8.15 -39.51
C ALA C 58 21.88 -7.15 -39.79
N ALA C 59 20.66 -7.64 -39.90
CA ALA C 59 19.48 -6.79 -40.02
C ALA C 59 19.27 -5.90 -38.80
N LEU C 60 19.41 -6.46 -37.60
CA LEU C 60 19.34 -5.66 -36.36
C LEU C 60 20.41 -4.58 -36.35
N HIS C 61 21.68 -5.00 -36.50
CA HIS C 61 22.84 -4.09 -36.47
C HIS C 61 22.76 -3.00 -37.53
N GLN C 62 22.18 -3.33 -38.68
CA GLN C 62 21.87 -2.38 -39.74
C GLN C 62 20.88 -1.31 -39.26
N ALA C 63 19.81 -1.79 -38.65
CA ALA C 63 18.72 -0.95 -38.21
C ALA C 63 19.18 0.01 -37.12
N LEU C 64 19.95 -0.52 -36.17
CA LEU C 64 20.48 0.29 -35.07
C LEU C 64 21.42 1.39 -35.54
N GLU C 65 22.04 1.17 -36.70
CA GLU C 65 22.90 2.18 -37.32
C GLU C 65 22.22 2.99 -38.42
N GLY C 66 20.90 2.89 -38.51
CA GLY C 66 20.12 3.71 -39.45
C GLY C 66 20.40 5.19 -39.27
N LYS C 67 20.47 5.91 -40.39
CA LYS C 67 20.80 7.33 -40.38
C LYS C 67 19.68 8.21 -39.87
N ASP C 68 18.44 7.78 -40.09
CA ASP C 68 17.27 8.55 -39.66
C ASP C 68 16.82 8.19 -38.26
N GLY C 69 17.56 7.27 -37.62
CA GLY C 69 17.24 6.83 -36.27
C GLY C 69 16.10 5.84 -36.25
N TYR C 70 15.77 5.36 -35.06
CA TYR C 70 14.76 4.33 -34.90
C TYR C 70 14.04 4.47 -33.57
N TYR C 71 12.84 3.90 -33.50
CA TYR C 71 12.11 3.76 -32.25
C TYR C 71 12.21 2.33 -31.77
N LEU C 72 12.29 2.17 -30.46
CA LEU C 72 12.47 0.85 -29.88
C LEU C 72 11.18 0.35 -29.22
N VAL C 73 10.72 -0.83 -29.63
CA VAL C 73 9.65 -1.54 -28.93
C VAL C 73 10.26 -2.73 -28.18
N VAL C 74 9.92 -2.88 -26.90
CA VAL C 74 10.42 -4.02 -26.13
C VAL C 74 9.28 -4.92 -25.62
N GLU C 75 9.41 -6.21 -25.88
CA GLU C 75 8.49 -7.21 -25.42
C GLU C 75 9.23 -8.14 -24.51
N GLY C 76 8.76 -8.25 -23.27
CA GLY C 76 9.36 -9.19 -22.32
C GLY C 76 10.24 -8.55 -21.27
N GLY C 77 10.40 -9.23 -20.14
CA GLY C 77 11.30 -8.76 -19.10
C GLY C 77 12.74 -9.17 -19.36
N LEU C 78 13.63 -8.69 -18.50
CA LEU C 78 15.05 -8.94 -18.65
C LEU C 78 15.59 -9.81 -17.52
N PRO C 79 15.99 -11.06 -17.82
CA PRO C 79 16.58 -11.93 -16.79
C PRO C 79 18.03 -11.57 -16.50
N THR C 80 18.32 -11.26 -15.23
CA THR C 80 19.61 -10.64 -14.89
C THR C 80 20.58 -11.58 -14.15
N ILE C 81 20.08 -12.70 -13.66
CA ILE C 81 20.92 -13.69 -12.97
C ILE C 81 22.04 -14.20 -13.89
N ASP C 82 23.20 -14.54 -13.31
CA ASP C 82 24.35 -15.08 -14.06
C ASP C 82 24.78 -14.18 -15.20
N GLY C 83 24.81 -12.88 -14.95
CA GLY C 83 25.25 -11.90 -15.94
C GLY C 83 24.35 -11.81 -17.15
N GLY C 84 23.08 -12.20 -16.97
CA GLY C 84 22.08 -12.16 -18.03
C GLY C 84 22.06 -13.36 -18.96
N GLN C 85 22.72 -14.45 -18.57
CA GLN C 85 22.91 -15.60 -19.46
C GLN C 85 21.73 -16.57 -19.57
N TRP C 86 20.70 -16.41 -18.75
CA TRP C 86 19.54 -17.30 -18.80
C TRP C 86 18.56 -16.86 -19.88
N GLY C 87 18.88 -15.76 -20.56
CA GLY C 87 18.10 -15.23 -21.67
C GLY C 87 19.05 -14.68 -22.70
N MET C 88 19.24 -15.42 -23.79
CA MET C 88 20.25 -15.07 -24.77
C MET C 88 19.73 -15.14 -26.21
N VAL C 89 20.16 -14.18 -27.02
CA VAL C 89 19.87 -14.14 -28.45
C VAL C 89 21.17 -13.90 -29.21
N ALA C 90 21.48 -14.80 -30.14
CA ALA C 90 22.70 -14.76 -30.93
C ALA C 90 23.98 -14.77 -30.06
N GLY C 91 23.88 -15.45 -28.92
CA GLY C 91 24.99 -15.57 -28.00
C GLY C 91 25.21 -14.36 -27.09
N HIS C 92 24.28 -13.41 -27.10
CA HIS C 92 24.38 -12.21 -26.27
C HIS C 92 23.25 -12.19 -25.26
N PRO C 93 23.58 -11.85 -24.00
CA PRO C 93 22.51 -11.67 -23.03
C PRO C 93 21.52 -10.62 -23.54
N MET C 94 20.23 -10.88 -23.30
CA MET C 94 19.17 -9.95 -23.68
C MET C 94 19.31 -8.56 -23.05
N ILE C 95 19.75 -8.50 -21.80
CA ILE C 95 20.01 -7.23 -21.12
C ILE C 95 21.07 -6.40 -21.87
N GLU C 96 22.11 -7.06 -22.36
CA GLU C 96 23.16 -6.37 -23.09
C GLU C 96 22.65 -5.79 -24.40
N THR C 97 21.88 -6.59 -25.15
CA THR C 97 21.36 -6.16 -26.44
C THR C 97 20.32 -5.02 -26.29
N THR C 98 19.40 -5.17 -25.34
CA THR C 98 18.37 -4.15 -25.06
C THR C 98 19.01 -2.85 -24.62
N LYS C 99 20.05 -2.96 -23.80
CA LYS C 99 20.79 -1.81 -23.34
C LYS C 99 21.43 -1.04 -24.49
N LYS C 100 21.99 -1.76 -25.47
CA LYS C 100 22.60 -1.12 -26.65
C LYS C 100 21.54 -0.43 -27.48
N ALA C 101 20.45 -1.16 -27.74
CA ALA C 101 19.38 -0.66 -28.58
C ALA C 101 18.71 0.55 -27.97
N ALA C 102 18.53 0.52 -26.65
CA ALA C 102 18.02 1.67 -25.92
C ALA C 102 18.91 2.87 -26.13
N ALA C 103 20.22 2.68 -26.01
CA ALA C 103 21.18 3.80 -25.99
C ALA C 103 20.86 4.90 -27.00
N LYS C 104 20.50 4.53 -28.21
CA LYS C 104 20.29 5.51 -29.26
C LYS C 104 18.87 5.66 -29.76
N ALA C 105 17.95 4.92 -29.16
CA ALA C 105 16.53 4.99 -29.53
C ALA C 105 16.01 6.43 -29.44
N LYS C 106 15.14 6.81 -30.39
CA LYS C 106 14.40 8.07 -30.31
C LYS C 106 13.41 8.00 -29.14
N GLY C 107 12.87 6.82 -28.92
CA GLY C 107 11.96 6.58 -27.80
C GLY C 107 11.85 5.09 -27.58
N ILE C 108 11.42 4.71 -26.40
CA ILE C 108 11.25 3.32 -26.03
C ILE C 108 9.81 3.06 -25.60
N ILE C 109 9.14 2.14 -26.31
CA ILE C 109 7.81 1.69 -25.95
C ILE C 109 7.86 0.26 -25.43
N CYS C 110 7.47 0.07 -24.17
CA CYS C 110 7.36 -1.26 -23.62
C CYS C 110 5.97 -1.82 -23.83
N ILE C 111 5.84 -2.72 -24.79
CA ILE C 111 4.59 -3.44 -25.00
C ILE C 111 4.47 -4.59 -24.00
N GLY C 112 3.44 -4.51 -23.14
CA GLY C 112 3.07 -5.60 -22.25
C GLY C 112 3.51 -5.35 -20.83
N THR C 113 2.89 -6.07 -19.90
CA THR C 113 3.25 -5.97 -18.48
C THR C 113 4.68 -6.45 -18.18
N CYS C 114 5.18 -7.39 -18.98
CA CYS C 114 6.53 -7.95 -18.80
C CYS C 114 7.63 -6.95 -19.03
N SER C 115 7.60 -6.27 -20.16
CA SER C 115 8.63 -5.28 -20.46
C SER C 115 8.49 -4.04 -19.57
N ALA C 116 7.25 -3.63 -19.33
CA ALA C 116 6.96 -2.46 -18.51
C ALA C 116 7.41 -2.61 -17.06
N TYR C 117 7.10 -3.76 -16.47
CA TYR C 117 7.14 -3.94 -15.01
C TYR C 117 7.84 -5.23 -14.55
N GLY C 118 8.15 -6.14 -15.47
CA GLY C 118 8.83 -7.38 -15.13
C GLY C 118 8.01 -8.64 -15.48
N GLY C 119 6.71 -8.58 -15.19
CA GLY C 119 5.76 -9.60 -15.61
C GLY C 119 5.86 -10.96 -14.93
N VAL C 120 5.42 -11.98 -15.64
CA VAL C 120 5.19 -13.28 -15.03
C VAL C 120 6.47 -13.92 -14.45
N GLN C 121 7.57 -13.82 -15.18
CA GLN C 121 8.86 -14.39 -14.76
C GLN C 121 9.42 -13.73 -13.49
N LYS C 122 9.00 -12.49 -13.22
CA LYS C 122 9.39 -11.75 -12.02
C LYS C 122 8.59 -12.17 -10.77
N ALA C 123 7.42 -12.79 -10.95
CA ALA C 123 6.62 -13.24 -9.81
C ALA C 123 7.45 -14.12 -8.87
N LYS C 124 7.19 -14.02 -7.56
CA LYS C 124 7.94 -14.77 -6.54
C LYS C 124 8.02 -16.27 -6.87
N PRO C 125 9.20 -16.89 -6.72
CA PRO C 125 10.38 -16.25 -6.13
C PRO C 125 11.38 -15.69 -7.16
N ASN C 126 10.90 -15.36 -8.36
CA ASN C 126 11.72 -14.78 -9.41
C ASN C 126 13.09 -15.48 -9.65
N PRO C 127 13.05 -16.75 -10.12
CA PRO C 127 14.29 -17.53 -10.21
C PRO C 127 15.35 -16.94 -11.15
N SER C 128 14.92 -16.27 -12.23
CA SER C 128 15.84 -15.68 -13.20
C SER C 128 16.28 -14.26 -12.87
N GLN C 129 15.82 -13.73 -11.74
CA GLN C 129 16.06 -12.32 -11.36
C GLN C 129 15.64 -11.37 -12.50
N ALA C 130 14.42 -11.58 -12.98
CA ALA C 130 13.84 -10.78 -14.07
C ALA C 130 13.41 -9.38 -13.60
N LYS C 131 13.68 -8.38 -14.43
CA LYS C 131 13.34 -6.99 -14.14
C LYS C 131 12.58 -6.36 -15.32
N GLY C 132 11.84 -5.30 -15.05
CA GLY C 132 11.29 -4.47 -16.14
C GLY C 132 12.39 -3.69 -16.83
N VAL C 133 12.10 -3.18 -18.03
CA VAL C 133 13.09 -2.45 -18.83
C VAL C 133 13.63 -1.20 -18.13
N SER C 134 12.74 -0.34 -17.61
CA SER C 134 13.19 0.85 -16.90
C SER C 134 14.11 0.52 -15.71
N GLU C 135 13.76 -0.47 -14.89
CA GLU C 135 14.62 -0.85 -13.77
C GLU C 135 15.99 -1.38 -14.21
N ALA C 136 15.99 -2.24 -15.22
CA ALA C 136 17.23 -2.84 -15.71
C ALA C 136 18.15 -1.83 -16.40
N LEU C 137 17.57 -0.89 -17.15
CA LEU C 137 18.39 0.03 -17.93
C LEU C 137 18.50 1.37 -17.25
N GLY C 138 17.64 1.60 -16.28
CA GLY C 138 17.64 2.86 -15.53
C GLY C 138 17.27 4.03 -16.44
N VAL C 139 16.32 3.82 -17.34
CA VAL C 139 15.84 4.88 -18.22
C VAL C 139 14.31 4.90 -18.28
N LYS C 140 13.74 6.05 -18.61
CA LYS C 140 12.27 6.15 -18.77
C LYS C 140 11.74 5.42 -20.01
N THR C 141 10.55 4.84 -19.87
CA THR C 141 9.88 4.12 -20.95
C THR C 141 8.40 4.50 -21.02
N ILE C 142 7.83 4.42 -22.21
CA ILE C 142 6.39 4.58 -22.39
C ILE C 142 5.78 3.20 -22.27
N ASN C 143 4.99 2.99 -21.21
CA ASN C 143 4.46 1.66 -20.90
C ASN C 143 3.06 1.39 -21.45
N ILE C 144 2.92 0.29 -22.18
CA ILE C 144 1.63 -0.16 -22.70
C ILE C 144 1.33 -1.54 -22.09
N PRO C 145 0.91 -1.56 -20.81
CA PRO C 145 0.79 -2.82 -20.13
C PRO C 145 -0.58 -3.47 -20.29
N GLY C 146 -0.75 -4.60 -19.61
CA GLY C 146 -1.78 -5.58 -19.93
C GLY C 146 -1.05 -6.85 -20.32
N CYS C 147 -1.75 -7.97 -20.26
CA CYS C 147 -1.13 -9.26 -20.47
C CYS C 147 -2.00 -10.10 -21.40
N PRO C 148 -2.14 -9.72 -22.66
CA PRO C 148 -1.41 -8.61 -23.29
C PRO C 148 -2.23 -7.32 -23.41
N PRO C 149 -1.60 -6.17 -23.73
CA PRO C 149 -2.40 -4.97 -23.95
C PRO C 149 -3.30 -5.14 -25.15
N ASN C 150 -4.32 -4.29 -25.24
CA ASN C 150 -5.20 -4.20 -26.40
C ASN C 150 -4.39 -3.58 -27.54
N PRO C 151 -4.51 -4.11 -28.77
CA PRO C 151 -3.81 -3.51 -29.91
C PRO C 151 -4.19 -2.04 -30.14
N ILE C 152 -5.41 -1.64 -29.76
CA ILE C 152 -5.82 -0.25 -29.85
C ILE C 152 -4.88 0.63 -29.01
N ASN C 153 -4.53 0.16 -27.82
CA ASN C 153 -3.61 0.89 -26.95
C ASN C 153 -2.17 0.93 -27.47
N PHE C 154 -1.68 -0.17 -28.01
CA PHE C 154 -0.31 -0.21 -28.54
C PHE C 154 -0.15 0.57 -29.85
N VAL C 155 -1.00 0.29 -30.82
CA VAL C 155 -0.95 0.99 -32.08
C VAL C 155 -1.25 2.49 -31.88
N GLY C 156 -2.22 2.80 -31.04
CA GLY C 156 -2.57 4.18 -30.74
C GLY C 156 -1.39 4.98 -30.21
N ALA C 157 -0.68 4.37 -29.25
CA ALA C 157 0.55 4.93 -28.69
C ALA C 157 1.62 5.13 -29.77
N VAL C 158 1.86 4.10 -30.56
CA VAL C 158 2.85 4.13 -31.65
C VAL C 158 2.57 5.28 -32.61
N VAL C 159 1.33 5.38 -33.10
CA VAL C 159 0.93 6.44 -34.02
C VAL C 159 1.11 7.82 -33.37
N HIS C 160 0.71 7.94 -32.11
CA HIS C 160 0.84 9.19 -31.38
C HIS C 160 2.29 9.63 -31.28
N VAL C 161 3.16 8.71 -30.85
CA VAL C 161 4.60 9.01 -30.75
C VAL C 161 5.21 9.49 -32.07
N LEU C 162 4.81 8.86 -33.18
CA LEU C 162 5.37 9.21 -34.50
C LEU C 162 4.81 10.48 -35.11
N THR C 163 3.61 10.89 -34.70
CA THR C 163 2.92 12.01 -35.34
C THR C 163 2.69 13.23 -34.46
N LYS C 164 2.66 13.03 -33.14
CA LYS C 164 2.29 14.11 -32.21
C LYS C 164 3.29 14.40 -31.11
N GLY C 165 4.00 13.36 -30.65
CA GLY C 165 4.95 13.49 -29.55
C GLY C 165 4.63 12.45 -28.49
N ILE C 166 5.26 12.56 -27.34
CA ILE C 166 5.00 11.64 -26.25
C ILE C 166 3.65 12.00 -25.62
N PRO C 167 2.75 11.00 -25.49
CA PRO C 167 1.45 11.27 -24.86
C PRO C 167 1.61 11.47 -23.36
N ASP C 168 0.62 12.09 -22.71
CA ASP C 168 0.64 12.27 -21.27
C ASP C 168 0.59 10.93 -20.55
N LEU C 169 1.49 10.77 -19.59
CA LEU C 169 1.68 9.51 -18.88
C LEU C 169 1.31 9.62 -17.41
N ASP C 170 0.77 8.53 -16.85
CA ASP C 170 0.44 8.47 -15.42
C ASP C 170 1.69 8.07 -14.64
N GLU C 171 1.57 7.83 -13.33
CA GLU C 171 2.80 7.55 -12.56
C GLU C 171 3.56 6.30 -12.88
N ASN C 172 2.90 5.34 -13.51
CA ASN C 172 3.54 4.12 -13.92
C ASN C 172 3.82 4.16 -15.42
N GLY C 173 3.90 5.37 -15.96
CA GLY C 173 4.34 5.59 -17.34
C GLY C 173 3.36 5.13 -18.41
N ARG C 174 2.09 5.01 -18.07
CA ARG C 174 1.05 4.59 -19.01
C ARG C 174 0.33 5.79 -19.62
N PRO C 175 0.05 5.75 -20.94
CA PRO C 175 -0.70 6.86 -21.54
C PRO C 175 -2.09 6.99 -20.91
N LYS C 176 -2.43 8.22 -20.50
CA LYS C 176 -3.74 8.53 -19.92
C LYS C 176 -4.88 8.39 -20.93
N LEU C 177 -4.57 8.58 -22.22
CA LEU C 177 -5.52 8.29 -23.29
C LEU C 177 -6.19 6.90 -23.11
N PHE C 178 -5.42 5.91 -22.71
CA PHE C 178 -5.92 4.53 -22.64
C PHE C 178 -6.09 4.00 -21.23
N TYR C 179 -5.27 4.50 -20.30
CA TYR C 179 -5.25 3.98 -18.94
C TYR C 179 -5.72 4.99 -17.91
N GLY C 180 -6.41 6.03 -18.36
CA GLY C 180 -6.90 7.09 -17.49
C GLY C 180 -8.06 6.67 -16.58
N GLU C 181 -8.70 5.55 -16.93
CA GLU C 181 -9.93 5.13 -16.25
C GLU C 181 -9.87 3.73 -15.69
N LEU C 182 -10.48 3.58 -14.52
CA LEU C 182 -10.67 2.27 -13.92
C LEU C 182 -11.54 1.44 -14.85
N VAL C 183 -11.17 0.16 -14.97
CA VAL C 183 -12.01 -0.84 -15.64
C VAL C 183 -13.43 -0.78 -15.06
N HIS C 184 -13.50 -0.80 -13.72
CA HIS C 184 -14.75 -0.78 -12.95
C HIS C 184 -15.69 0.39 -13.30
N ASP C 185 -15.11 1.56 -13.51
CA ASP C 185 -15.89 2.75 -13.76
C ASP C 185 -16.67 2.70 -15.06
N ASN C 186 -16.27 1.80 -15.97
CA ASN C 186 -16.92 1.62 -17.27
C ASN C 186 -17.67 0.28 -17.42
N CYS C 187 -17.74 -0.48 -16.33
CA CYS C 187 -18.30 -1.84 -16.39
C CYS C 187 -19.82 -1.82 -16.41
N PRO C 188 -20.44 -2.61 -17.32
CA PRO C 188 -21.90 -2.68 -17.38
C PRO C 188 -22.53 -3.37 -16.18
N ARG C 189 -21.70 -3.99 -15.34
CA ARG C 189 -22.22 -4.64 -14.12
C ARG C 189 -22.18 -3.70 -12.91
N LEU C 190 -21.68 -2.48 -13.12
CA LEU C 190 -21.66 -1.45 -12.08
C LEU C 190 -22.99 -1.27 -11.32
N PRO C 191 -24.15 -1.30 -12.03
CA PRO C 191 -25.38 -1.18 -11.26
C PRO C 191 -25.58 -2.31 -10.22
N HIS C 192 -25.19 -3.54 -10.57
CA HIS C 192 -25.22 -4.65 -9.61
C HIS C 192 -24.30 -4.42 -8.43
N PHE C 193 -23.09 -3.92 -8.70
CA PHE C 193 -22.12 -3.58 -7.67
C PHE C 193 -22.70 -2.55 -6.68
N GLU C 194 -23.28 -1.49 -7.25
CA GLU C 194 -23.88 -0.44 -6.46
C GLU C 194 -25.06 -0.93 -5.61
N ALA C 195 -25.76 -1.96 -6.10
CA ALA C 195 -26.92 -2.50 -5.41
C ALA C 195 -26.56 -3.71 -4.53
N SER C 196 -25.26 -3.98 -4.38
CA SER C 196 -24.77 -5.15 -3.60
C SER C 196 -25.36 -6.49 -4.11
N GLU C 197 -25.41 -6.62 -5.43
CA GLU C 197 -25.85 -7.83 -6.13
C GLU C 197 -24.64 -8.56 -6.72
N PHE C 198 -24.08 -9.47 -5.92
CA PHE C 198 -22.86 -10.20 -6.28
C PHE C 198 -23.12 -11.69 -6.47
N ALA C 199 -22.47 -12.29 -7.47
CA ALA C 199 -22.47 -13.75 -7.62
C ALA C 199 -21.57 -14.40 -6.56
N PRO C 200 -22.10 -15.41 -5.83
CA PRO C 200 -21.31 -16.08 -4.81
C PRO C 200 -20.50 -17.25 -5.37
N SER C 201 -20.82 -17.67 -6.60
CA SER C 201 -20.13 -18.77 -7.24
C SER C 201 -20.43 -18.71 -8.73
N PHE C 202 -19.66 -19.47 -9.52
CA PHE C 202 -19.84 -19.44 -10.97
C PHE C 202 -21.03 -20.26 -11.43
N ASP C 203 -21.47 -21.18 -10.59
CA ASP C 203 -22.61 -22.02 -10.90
C ASP C 203 -23.97 -21.42 -10.46
N SER C 204 -23.92 -20.28 -9.74
CA SER C 204 -25.10 -19.68 -9.11
C SER C 204 -26.02 -19.02 -10.09
N GLU C 205 -27.28 -18.87 -9.69
CA GLU C 205 -28.28 -18.16 -10.48
C GLU C 205 -27.88 -16.70 -10.61
N GLU C 206 -27.24 -16.16 -9.57
CA GLU C 206 -26.72 -14.79 -9.61
C GLU C 206 -25.73 -14.64 -10.75
N ALA C 207 -24.86 -15.62 -10.91
CA ALA C 207 -23.88 -15.60 -12.01
C ALA C 207 -24.56 -15.68 -13.38
N LYS C 208 -25.57 -16.55 -13.49
CA LYS C 208 -26.36 -16.70 -14.72
C LYS C 208 -27.10 -15.41 -15.08
N LYS C 209 -27.53 -14.67 -14.07
CA LYS C 209 -28.19 -13.39 -14.29
C LYS C 209 -27.22 -12.24 -14.57
N GLY C 210 -25.93 -12.50 -14.58
CA GLY C 210 -24.92 -11.45 -14.86
C GLY C 210 -24.62 -10.49 -13.70
N PHE C 211 -24.67 -11.01 -12.45
CA PHE C 211 -24.39 -10.19 -11.25
C PHE C 211 -22.91 -9.80 -11.18
N CYS C 212 -22.61 -8.81 -10.34
CA CYS C 212 -21.23 -8.32 -10.20
C CYS C 212 -20.29 -9.42 -9.69
N LEU C 213 -19.03 -9.37 -10.12
CA LEU C 213 -18.05 -10.42 -9.86
C LEU C 213 -17.03 -10.13 -8.75
N TYR C 214 -17.32 -9.09 -7.96
CA TYR C 214 -16.41 -8.59 -6.94
C TYR C 214 -16.17 -9.64 -5.84
N GLU C 215 -17.22 -10.31 -5.40
CA GLU C 215 -17.07 -11.42 -4.43
C GLU C 215 -16.20 -12.56 -4.96
N LEU C 216 -16.14 -12.70 -6.27
CA LEU C 216 -15.36 -13.78 -6.88
C LEU C 216 -13.96 -13.32 -7.26
N GLY C 217 -13.55 -12.16 -6.71
CA GLY C 217 -12.18 -11.64 -6.89
C GLY C 217 -11.92 -10.60 -7.97
N CYS C 218 -12.98 -10.04 -8.57
CA CYS C 218 -12.79 -9.07 -9.67
C CYS C 218 -11.94 -7.89 -9.22
N LYS C 219 -10.88 -7.59 -9.99
CA LYS C 219 -9.96 -6.52 -9.60
C LYS C 219 -10.22 -5.26 -10.42
N GLY C 220 -11.35 -5.24 -11.13
CA GLY C 220 -11.80 -4.04 -11.86
C GLY C 220 -11.68 -2.77 -11.08
N PRO C 221 -12.13 -2.76 -9.80
CA PRO C 221 -12.05 -1.54 -8.97
C PRO C 221 -10.67 -0.92 -8.71
N VAL C 222 -9.59 -1.64 -8.98
CA VAL C 222 -8.24 -1.16 -8.73
C VAL C 222 -7.38 -1.21 -10.01
N THR C 223 -8.00 -1.46 -11.16
CA THR C 223 -7.28 -1.73 -12.42
C THR C 223 -7.56 -0.64 -13.47
N TYR C 224 -6.49 0.00 -13.95
CA TYR C 224 -6.61 1.03 -14.99
C TYR C 224 -6.43 0.42 -16.39
N ASN C 225 -7.51 0.43 -17.16
CA ASN C 225 -7.54 -0.11 -18.52
C ASN C 225 -8.87 0.33 -19.16
N ASN C 226 -9.00 0.16 -20.47
CA ASN C 226 -10.19 0.63 -21.19
C ASN C 226 -11.05 -0.52 -21.76
N CYS C 227 -10.86 -1.72 -21.19
CA CYS C 227 -11.43 -2.98 -21.67
C CYS C 227 -12.93 -2.97 -21.98
N PRO C 228 -13.78 -2.56 -21.01
CA PRO C 228 -15.23 -2.53 -21.30
C PRO C 228 -15.61 -1.46 -22.33
N LYS C 229 -14.78 -0.43 -22.45
CA LYS C 229 -15.07 0.64 -23.39
C LYS C 229 -14.77 0.23 -24.83
N VAL C 230 -13.67 -0.48 -25.07
CA VAL C 230 -13.23 -0.78 -26.45
C VAL C 230 -13.41 -2.24 -26.89
N LEU C 231 -13.54 -3.12 -25.90
CA LEU C 231 -13.61 -4.58 -26.08
C LEU C 231 -12.33 -5.16 -26.69
N PHE C 232 -12.23 -6.48 -26.68
CA PHE C 232 -11.20 -7.19 -27.42
C PHE C 232 -11.81 -7.86 -28.65
N ASN C 233 -11.02 -7.91 -29.73
CA ASN C 233 -11.37 -8.60 -30.97
C ASN C 233 -12.72 -8.15 -31.52
N GLN C 234 -13.09 -6.92 -31.20
CA GLN C 234 -14.36 -6.30 -31.57
C GLN C 234 -15.62 -6.98 -31.00
N VAL C 235 -15.46 -7.85 -30.00
CA VAL C 235 -16.60 -8.72 -29.60
C VAL C 235 -16.87 -8.93 -28.12
N ASN C 236 -15.85 -8.83 -27.27
CA ASN C 236 -15.98 -9.32 -25.89
C ASN C 236 -14.93 -8.75 -24.94
N TRP C 237 -15.18 -8.92 -23.64
CA TRP C 237 -14.13 -8.72 -22.64
C TRP C 237 -14.34 -9.67 -21.45
N PRO C 238 -13.31 -9.86 -20.60
CA PRO C 238 -13.46 -10.90 -19.56
C PRO C 238 -14.75 -10.90 -18.71
N VAL C 239 -15.16 -9.73 -18.21
CA VAL C 239 -16.34 -9.64 -17.37
C VAL C 239 -17.63 -9.97 -18.18
N GLN C 240 -17.70 -9.49 -19.42
CA GLN C 240 -18.79 -9.90 -20.33
C GLN C 240 -18.82 -11.44 -20.50
N ALA C 241 -17.64 -12.09 -20.48
CA ALA C 241 -17.55 -13.55 -20.58
C ALA C 241 -17.75 -14.21 -19.20
N GLY C 242 -18.21 -13.39 -18.25
CA GLY C 242 -18.54 -13.85 -16.92
C GLY C 242 -17.40 -14.11 -15.96
N HIS C 243 -16.20 -13.61 -16.28
CA HIS C 243 -15.01 -13.89 -15.46
C HIS C 243 -14.43 -12.60 -14.87
N PRO C 244 -14.00 -12.63 -13.58
CA PRO C 244 -13.37 -11.45 -12.93
C PRO C 244 -12.13 -10.91 -13.68
N CYS C 245 -11.96 -9.58 -13.65
CA CYS C 245 -10.69 -8.92 -14.04
C CYS C 245 -9.57 -9.41 -13.12
N LEU C 246 -8.38 -9.64 -13.70
CA LEU C 246 -7.21 -10.16 -12.95
C LEU C 246 -6.30 -8.99 -12.53
N GLY C 247 -6.60 -7.79 -13.04
CA GLY C 247 -5.74 -6.62 -12.82
C GLY C 247 -4.48 -6.62 -13.66
N CYS C 248 -4.56 -7.20 -14.86
CA CYS C 248 -3.37 -7.55 -15.66
C CYS C 248 -2.57 -6.38 -16.25
N SER C 249 -3.13 -5.18 -16.21
CA SER C 249 -2.40 -3.97 -16.59
C SER C 249 -1.71 -3.26 -15.41
N GLU C 250 -1.78 -3.84 -14.22
CA GLU C 250 -1.14 -3.21 -13.05
C GLU C 250 0.24 -3.78 -12.76
N PRO C 251 1.18 -2.94 -12.33
CA PRO C 251 2.52 -3.43 -12.04
C PRO C 251 2.51 -4.58 -11.02
N ASP C 252 3.26 -5.65 -11.30
CA ASP C 252 3.44 -6.76 -10.36
C ASP C 252 2.12 -7.44 -9.97
N PHE C 253 1.15 -7.44 -10.88
CA PHE C 253 -0.19 -7.94 -10.54
C PHE C 253 -0.14 -9.41 -10.15
N TRP C 254 0.85 -10.14 -10.68
CA TRP C 254 1.02 -11.55 -10.35
C TRP C 254 1.11 -11.77 -8.85
N ASP C 255 1.65 -10.78 -8.15
CA ASP C 255 1.82 -10.86 -6.69
C ASP C 255 0.92 -9.92 -5.87
N THR C 256 0.39 -8.85 -6.47
CA THR C 256 -0.48 -7.89 -5.76
C THR C 256 -1.97 -8.22 -5.93
N MET C 257 -2.31 -8.92 -7.03
CA MET C 257 -3.71 -9.26 -7.33
C MET C 257 -4.09 -10.71 -7.01
N THR C 258 -3.12 -11.52 -6.62
CA THR C 258 -3.38 -12.90 -6.25
C THR C 258 -3.66 -12.99 -4.73
N PRO C 259 -4.52 -13.93 -4.27
CA PRO C 259 -5.24 -14.91 -5.09
C PRO C 259 -6.30 -14.27 -6.01
N PHE C 260 -6.33 -14.71 -7.27
CA PHE C 260 -7.22 -14.09 -8.28
C PHE C 260 -8.72 -14.20 -7.99
N TYR C 261 -9.14 -15.25 -7.29
CA TYR C 261 -10.57 -15.41 -7.00
C TYR C 261 -11.04 -14.92 -5.62
N GLU C 262 -10.22 -14.08 -4.99
CA GLU C 262 -10.56 -13.53 -3.69
C GLU C 262 -10.25 -12.05 -3.68
N GLN C 263 -10.71 -11.37 -2.64
CA GLN C 263 -10.37 -9.96 -2.44
C GLN C 263 -9.32 -9.77 -1.34
N GLY C 264 -9.01 -10.85 -0.61
CA GLY C 264 -8.12 -10.81 0.53
C GLY C 264 -6.66 -10.71 0.16
N PRO D 6 2.30 -4.14 6.37
CA PRO D 6 1.65 -2.89 6.77
C PRO D 6 0.14 -2.98 6.72
N THR D 7 -0.52 -2.06 7.40
CA THR D 7 -1.99 -2.00 7.43
C THR D 7 -2.52 -1.62 6.04
N PRO D 8 -3.37 -2.47 5.43
CA PRO D 8 -3.94 -2.16 4.10
C PRO D 8 -4.67 -0.82 4.09
N GLN D 9 -4.48 -0.05 3.04
CA GLN D 9 -5.08 1.28 2.98
C GLN D 9 -5.25 1.68 1.52
N SER D 10 -6.46 2.06 1.13
CA SER D 10 -6.74 2.44 -0.27
C SER D 10 -6.24 3.85 -0.52
N THR D 11 -6.46 4.36 -1.72
CA THR D 11 -6.17 5.77 -2.00
C THR D 11 -7.47 6.59 -2.06
N PHE D 12 -8.56 6.01 -1.57
CA PHE D 12 -9.86 6.65 -1.63
C PHE D 12 -9.91 8.05 -0.99
N THR D 13 -10.41 9.00 -1.78
CA THR D 13 -10.75 10.32 -1.30
C THR D 13 -12.24 10.62 -1.57
N GLY D 14 -13.00 10.88 -0.50
CA GLY D 14 -14.43 11.17 -0.59
C GLY D 14 -15.18 10.91 0.70
N PRO D 15 -16.52 11.07 0.67
CA PRO D 15 -17.32 10.80 1.86
C PRO D 15 -17.65 9.32 1.95
N ILE D 16 -17.82 8.81 3.17
CA ILE D 16 -18.45 7.50 3.40
C ILE D 16 -19.52 7.66 4.47
N VAL D 17 -20.71 7.13 4.20
CA VAL D 17 -21.76 7.07 5.23
C VAL D 17 -22.11 5.60 5.53
N VAL D 18 -22.11 5.22 6.82
CA VAL D 18 -22.56 3.91 7.28
C VAL D 18 -23.81 4.04 8.17
N ASP D 19 -24.96 3.65 7.61
CA ASP D 19 -26.26 3.77 8.28
C ASP D 19 -27.14 2.73 7.61
N PRO D 20 -27.53 1.67 8.33
CA PRO D 20 -27.37 1.55 9.77
C PRO D 20 -25.97 1.07 10.20
N ILE D 21 -25.52 1.48 11.39
CA ILE D 21 -24.41 0.78 12.06
C ILE D 21 -25.09 -0.41 12.74
N THR D 22 -24.83 -1.61 12.27
CA THR D 22 -25.41 -2.83 12.85
C THR D 22 -24.51 -3.37 13.96
N ARG D 23 -24.97 -4.40 14.66
CA ARG D 23 -24.27 -4.99 15.79
C ARG D 23 -23.90 -3.95 16.87
N ILE D 24 -24.83 -3.01 17.07
CA ILE D 24 -24.87 -2.14 18.25
C ILE D 24 -26.31 -2.20 18.75
N GLU D 25 -26.58 -1.54 19.87
CA GLU D 25 -27.93 -1.25 20.28
C GLU D 25 -28.29 0.12 19.67
N GLY D 26 -29.44 0.16 19.00
CA GLY D 26 -30.04 1.43 18.59
C GLY D 26 -29.60 1.88 17.21
N HIS D 27 -29.84 3.15 16.93
CA HIS D 27 -29.84 3.60 15.54
C HIS D 27 -28.82 4.70 15.35
N LEU D 28 -27.71 4.34 14.69
CA LEU D 28 -26.57 5.21 14.54
C LEU D 28 -26.19 5.37 13.07
N ARG D 29 -25.95 6.63 12.68
CA ARG D 29 -25.46 6.93 11.36
C ARG D 29 -24.08 7.57 11.52
N ILE D 30 -23.10 7.04 10.81
CA ILE D 30 -21.72 7.55 10.89
C ILE D 30 -21.43 8.14 9.53
N MET D 31 -20.93 9.37 9.53
CA MET D 31 -20.46 10.02 8.33
C MET D 31 -18.98 10.36 8.50
N VAL D 32 -18.17 10.04 7.50
CA VAL D 32 -16.75 10.43 7.50
C VAL D 32 -16.31 11.09 6.20
N GLU D 33 -15.27 11.90 6.28
CA GLU D 33 -14.54 12.33 5.11
C GLU D 33 -13.23 11.57 5.09
N VAL D 34 -12.89 11.05 3.91
CA VAL D 34 -11.68 10.24 3.74
C VAL D 34 -10.78 10.92 2.71
N GLU D 35 -9.48 10.87 2.97
CA GLU D 35 -8.50 11.47 2.08
C GLU D 35 -7.30 10.56 1.97
N ASN D 36 -6.97 10.17 0.73
N ASN D 36 -6.96 10.19 0.74
CA ASN D 36 -5.92 9.18 0.48
CA ASN D 36 -5.95 9.17 0.44
C ASN D 36 -6.04 7.92 1.35
C ASN D 36 -6.04 7.93 1.35
N GLY D 37 -7.26 7.41 1.50
CA GLY D 37 -7.51 6.17 2.24
C GLY D 37 -7.51 6.26 3.76
N LYS D 38 -7.44 7.47 4.30
CA LYS D 38 -7.49 7.67 5.75
C LYS D 38 -8.55 8.68 6.20
N VAL D 39 -9.31 8.35 7.24
CA VAL D 39 -10.39 9.22 7.70
C VAL D 39 -9.80 10.53 8.22
N LYS D 40 -10.33 11.64 7.71
CA LYS D 40 -9.82 12.95 8.05
C LYS D 40 -10.78 13.78 8.91
N ASP D 41 -12.06 13.41 8.90
CA ASP D 41 -13.09 14.08 9.71
C ASP D 41 -14.23 13.11 9.90
N ALA D 42 -15.01 13.29 10.98
CA ALA D 42 -16.06 12.34 11.33
C ALA D 42 -17.25 12.98 12.06
N TRP D 43 -18.42 12.35 11.89
CA TRP D 43 -19.63 12.79 12.58
C TRP D 43 -20.38 11.58 13.10
N SER D 44 -20.83 11.67 14.34
CA SER D 44 -21.58 10.59 14.98
C SER D 44 -23.00 11.09 15.14
N SER D 45 -23.91 10.50 14.35
CA SER D 45 -25.29 10.95 14.25
C SER D 45 -26.31 9.94 14.78
N SER D 46 -26.88 10.20 15.95
CA SER D 46 -27.88 9.30 16.53
C SER D 46 -29.25 9.66 15.94
N GLN D 47 -30.00 8.62 15.56
CA GLN D 47 -31.11 8.75 14.61
C GLN D 47 -32.51 8.48 15.23
N LEU D 48 -32.56 8.18 16.53
CA LEU D 48 -33.84 7.99 17.23
C LEU D 48 -33.92 8.82 18.50
N PHE D 49 -35.08 9.49 18.70
CA PHE D 49 -35.42 10.15 19.96
C PHE D 49 -36.70 9.54 20.58
N ARG D 50 -36.68 9.26 21.89
CA ARG D 50 -37.86 8.77 22.60
C ARG D 50 -38.36 9.77 23.66
N GLY D 51 -37.44 10.38 24.39
CA GLY D 51 -37.82 11.48 25.27
C GLY D 51 -38.26 11.09 26.66
N LEU D 52 -37.54 10.16 27.29
CA LEU D 52 -37.90 9.71 28.63
C LEU D 52 -37.92 10.81 29.68
N GLU D 53 -36.98 11.74 29.59
CA GLU D 53 -36.93 12.87 30.53
C GLU D 53 -38.22 13.70 30.47
N ILE D 54 -38.71 13.91 29.27
CA ILE D 54 -39.99 14.57 29.05
C ILE D 54 -41.12 13.81 29.70
N ILE D 55 -41.20 12.51 29.37
CA ILE D 55 -42.25 11.62 29.90
C ILE D 55 -42.33 11.58 31.44
N LEU D 56 -41.19 11.65 32.11
CA LEU D 56 -41.16 11.52 33.58
C LEU D 56 -41.68 12.75 34.33
N LYS D 57 -41.68 13.92 33.66
CA LYS D 57 -42.08 15.14 34.35
C LYS D 57 -43.51 15.08 34.93
N GLY D 58 -43.64 15.38 36.22
CA GLY D 58 -44.92 15.36 36.91
C GLY D 58 -45.25 13.99 37.54
N ARG D 59 -44.44 12.96 37.28
CA ARG D 59 -44.79 11.63 37.76
C ARG D 59 -44.26 11.36 39.19
N ASP D 60 -44.66 10.23 39.75
CA ASP D 60 -44.24 9.80 41.08
C ASP D 60 -42.75 9.40 41.04
N PRO D 61 -41.91 10.00 41.89
CA PRO D 61 -40.50 9.60 41.92
C PRO D 61 -40.27 8.09 42.12
N ARG D 62 -41.19 7.37 42.75
CA ARG D 62 -41.04 5.93 42.90
C ARG D 62 -41.16 5.19 41.55
N ASP D 63 -41.82 5.82 40.58
CA ASP D 63 -42.00 5.20 39.26
C ASP D 63 -40.80 5.38 38.36
N ALA D 64 -39.92 6.32 38.67
CA ALA D 64 -38.82 6.66 37.76
C ALA D 64 -38.04 5.43 37.30
N GLN D 65 -37.61 4.61 38.26
CA GLN D 65 -36.77 3.46 37.89
C GLN D 65 -37.35 2.57 36.83
N HIS D 66 -38.67 2.45 36.78
CA HIS D 66 -39.35 1.51 35.88
C HIS D 66 -39.43 2.07 34.47
N PHE D 67 -39.66 3.40 34.35
CA PHE D 67 -39.53 4.08 33.07
C PHE D 67 -38.10 4.10 32.59
N THR D 68 -37.14 4.53 33.45
CA THR D 68 -35.73 4.66 33.01
C THR D 68 -35.05 3.34 32.67
N GLN D 69 -35.46 2.21 33.27
CA GLN D 69 -34.83 0.95 32.90
C GLN D 69 -35.05 0.70 31.41
N ARG D 70 -36.20 1.10 30.89
CA ARG D 70 -36.50 0.95 29.45
C ARG D 70 -35.74 1.92 28.53
N ALA D 71 -34.81 2.71 29.11
CA ALA D 71 -33.83 3.36 28.24
C ALA D 71 -33.02 2.36 27.43
N CYS D 72 -32.87 1.12 27.95
CA CYS D 72 -32.06 0.09 27.33
C CYS D 72 -32.32 -1.31 27.86
N GLY D 73 -32.49 -2.29 26.95
CA GLY D 73 -32.67 -3.68 27.32
C GLY D 73 -31.43 -4.52 27.14
N VAL D 74 -30.36 -3.90 26.64
CA VAL D 74 -29.06 -4.50 26.52
C VAL D 74 -28.33 -4.27 27.84
N CYS D 75 -28.09 -2.98 28.17
CA CYS D 75 -27.71 -2.65 29.56
C CYS D 75 -28.98 -2.62 30.41
N THR D 76 -29.69 -3.75 30.46
CA THR D 76 -30.85 -3.86 31.31
C THR D 76 -30.33 -3.65 32.74
N TYR D 77 -31.25 -3.35 33.66
CA TYR D 77 -30.98 -3.09 35.10
C TYR D 77 -30.27 -1.78 35.41
N VAL D 78 -29.19 -1.48 34.70
CA VAL D 78 -28.34 -0.37 35.14
C VAL D 78 -29.07 0.96 35.40
N HIS D 79 -30.07 1.30 34.57
CA HIS D 79 -30.88 2.50 34.78
C HIS D 79 -31.84 2.41 35.97
N ALA D 80 -32.46 1.23 36.15
CA ALA D 80 -33.23 0.99 37.38
C ALA D 80 -32.34 1.22 38.61
N LEU D 81 -31.10 0.73 38.57
CA LEU D 81 -30.11 0.94 39.65
C LEU D 81 -29.72 2.42 39.82
N ALA D 82 -29.40 3.08 38.71
CA ALA D 82 -29.08 4.55 38.78
C ALA D 82 -30.29 5.34 39.29
N SER D 83 -31.49 5.00 38.82
CA SER D 83 -32.69 5.68 39.31
C SER D 83 -32.93 5.49 40.80
N SER D 84 -32.78 4.25 41.26
CA SER D 84 -32.94 3.93 42.68
C SER D 84 -31.92 4.67 43.55
N ARG D 85 -30.64 4.68 43.13
CA ARG D 85 -29.59 5.39 43.84
C ARG D 85 -29.92 6.88 43.84
N CYS D 86 -30.39 7.40 42.70
CA CYS D 86 -30.82 8.78 42.58
C CYS D 86 -31.93 9.18 43.60
N VAL D 87 -32.99 8.36 43.64
CA VAL D 87 -34.13 8.64 44.50
C VAL D 87 -33.77 8.37 45.97
N ASP D 88 -33.04 7.29 46.27
CA ASP D 88 -32.50 7.07 47.62
C ASP D 88 -31.71 8.32 48.13
N ASP D 89 -30.88 8.90 47.25
CA ASP D 89 -30.10 10.11 47.62
C ASP D 89 -31.02 11.32 47.86
N ALA D 90 -32.07 11.42 47.05
CA ALA D 90 -32.99 12.59 47.12
C ALA D 90 -33.84 12.58 48.38
N VAL D 91 -34.18 11.37 48.86
CA VAL D 91 -34.98 11.24 50.08
C VAL D 91 -34.08 10.99 51.29
N LYS D 92 -32.78 10.88 51.02
CA LYS D 92 -31.74 10.75 52.08
C LYS D 92 -31.88 9.47 52.90
N VAL D 93 -32.03 8.36 52.22
CA VAL D 93 -32.08 7.09 52.89
C VAL D 93 -30.78 6.36 52.57
N SER D 94 -30.20 5.72 53.57
CA SER D 94 -29.01 4.92 53.38
C SER D 94 -29.49 3.48 53.38
N ILE D 95 -29.23 2.74 52.31
CA ILE D 95 -29.77 1.38 52.16
C ILE D 95 -29.04 0.37 53.05
N PRO D 96 -29.73 -0.71 53.47
CA PRO D 96 -29.05 -1.71 54.31
C PRO D 96 -27.92 -2.38 53.57
N ALA D 97 -26.97 -2.93 54.34
CA ALA D 97 -25.80 -3.57 53.77
C ALA D 97 -26.16 -4.66 52.77
N ASN D 98 -27.16 -5.47 53.09
CA ASN D 98 -27.62 -6.52 52.18
C ASN D 98 -28.13 -5.99 50.82
N ALA D 99 -28.74 -4.81 50.82
CA ALA D 99 -29.21 -4.20 49.60
C ALA D 99 -28.04 -3.73 48.74
N ARG D 100 -27.03 -3.14 49.38
CA ARG D 100 -25.82 -2.75 48.66
C ARG D 100 -25.21 -3.98 47.98
N MET D 101 -25.06 -5.07 48.73
CA MET D 101 -24.45 -6.28 48.18
C MET D 101 -25.26 -6.88 47.03
N MET D 102 -26.57 -6.97 47.22
CA MET D 102 -27.40 -7.54 46.19
C MET D 102 -27.42 -6.65 44.95
N ARG D 103 -27.52 -5.34 45.15
CA ARG D 103 -27.48 -4.40 44.00
C ARG D 103 -26.19 -4.53 43.21
N ASN D 104 -25.06 -4.69 43.93
CA ASN D 104 -23.73 -4.77 43.29
C ASN D 104 -23.49 -6.11 42.60
N LEU D 105 -23.98 -7.18 43.18
CA LEU D 105 -23.90 -8.48 42.50
C LEU D 105 -24.70 -8.53 41.17
N VAL D 106 -25.93 -8.01 41.18
CA VAL D 106 -26.73 -7.98 39.95
C VAL D 106 -25.92 -7.20 38.91
N MET D 107 -25.31 -6.09 39.31
CA MET D 107 -24.41 -5.32 38.40
C MET D 107 -23.22 -6.13 37.89
N ALA D 108 -22.59 -6.92 38.78
CA ALA D 108 -21.52 -7.82 38.33
C ALA D 108 -22.05 -8.81 37.31
N SER D 109 -23.19 -9.42 37.61
CA SER D 109 -23.82 -10.35 36.66
C SER D 109 -24.11 -9.67 35.28
N GLN D 110 -24.46 -8.37 35.31
CA GLN D 110 -24.74 -7.63 34.06
C GLN D 110 -23.48 -7.46 33.24
N TYR D 111 -22.38 -7.09 33.90
CA TYR D 111 -21.05 -7.00 33.25
C TYR D 111 -20.72 -8.30 32.50
N LEU D 112 -20.80 -9.43 33.20
CA LEU D 112 -20.53 -10.74 32.59
C LEU D 112 -21.39 -10.96 31.34
N HIS D 113 -22.70 -10.83 31.49
CA HIS D 113 -23.56 -11.08 30.34
C HIS D 113 -23.29 -10.12 29.19
N ASP D 114 -23.25 -8.82 29.49
CA ASP D 114 -23.11 -7.76 28.46
C ASP D 114 -21.80 -7.94 27.69
N HIS D 115 -20.68 -8.05 28.42
CA HIS D 115 -19.34 -8.15 27.79
C HIS D 115 -19.16 -9.42 26.95
N LEU D 116 -19.73 -10.53 27.38
CA LEU D 116 -19.61 -11.75 26.61
C LEU D 116 -20.34 -11.58 25.29
N VAL D 117 -21.58 -11.12 25.35
CA VAL D 117 -22.38 -10.93 24.14
C VAL D 117 -21.73 -9.88 23.22
N HIS D 118 -21.19 -8.82 23.79
CA HIS D 118 -20.56 -7.82 22.93
C HIS D 118 -19.37 -8.38 22.15
N PHE D 119 -18.43 -9.03 22.83
CA PHE D 119 -17.28 -9.54 22.11
C PHE D 119 -17.68 -10.50 20.99
N TYR D 120 -18.54 -11.47 21.30
CA TYR D 120 -18.86 -12.52 20.31
C TYR D 120 -19.88 -12.10 19.26
N HIS D 121 -21.01 -11.59 19.70
CA HIS D 121 -22.15 -11.47 18.83
C HIS D 121 -22.27 -10.09 18.19
N LEU D 122 -21.60 -9.08 18.75
CA LEU D 122 -21.56 -7.75 18.19
C LEU D 122 -20.22 -7.37 17.56
N HIS D 123 -19.09 -7.67 18.21
CA HIS D 123 -17.78 -7.19 17.77
C HIS D 123 -16.97 -8.15 16.88
N ALA D 124 -17.00 -9.45 17.19
CA ALA D 124 -16.15 -10.44 16.58
C ALA D 124 -16.21 -10.44 15.04
N LEU D 125 -17.40 -10.26 14.48
CA LEU D 125 -17.57 -10.27 13.02
C LEU D 125 -16.81 -9.20 12.26
N ASP D 126 -16.29 -8.21 13.00
CA ASP D 126 -15.34 -7.25 12.46
C ASP D 126 -13.92 -7.80 12.28
N TRP D 127 -13.60 -8.89 12.98
CA TRP D 127 -12.24 -9.43 13.03
C TRP D 127 -12.15 -10.87 12.51
N VAL D 128 -13.27 -11.58 12.57
CA VAL D 128 -13.36 -12.98 12.17
C VAL D 128 -14.15 -13.11 10.86
N ASP D 129 -13.53 -13.74 9.86
CA ASP D 129 -14.20 -14.10 8.60
C ASP D 129 -14.82 -15.50 8.80
N VAL D 130 -16.13 -15.55 9.05
CA VAL D 130 -16.84 -16.81 9.29
C VAL D 130 -16.75 -17.82 8.13
N THR D 131 -16.87 -17.31 6.90
CA THR D 131 -16.77 -18.18 5.72
C THR D 131 -15.39 -18.80 5.52
N ALA D 132 -14.34 -18.06 5.85
CA ALA D 132 -12.97 -18.62 5.81
C ALA D 132 -12.77 -19.79 6.78
N ALA D 133 -13.60 -19.87 7.82
CA ALA D 133 -13.60 -21.03 8.74
C ALA D 133 -13.83 -22.36 8.02
N LEU D 134 -14.58 -22.35 6.93
CA LEU D 134 -14.83 -23.54 6.11
C LEU D 134 -13.61 -24.09 5.40
N LYS D 135 -12.56 -23.26 5.28
CA LYS D 135 -11.36 -23.66 4.57
C LYS D 135 -10.40 -24.35 5.52
N ALA D 136 -10.69 -24.25 6.81
CA ALA D 136 -9.78 -24.72 7.85
C ALA D 136 -9.72 -26.26 7.92
N ASP D 137 -8.55 -26.77 8.28
CA ASP D 137 -8.41 -28.16 8.62
C ASP D 137 -8.64 -28.27 10.14
N PRO D 138 -9.64 -29.10 10.56
CA PRO D 138 -10.03 -29.14 11.98
C PRO D 138 -8.96 -29.72 12.92
N ASN D 139 -8.07 -30.57 12.39
CA ASN D 139 -6.90 -31.06 13.15
C ASN D 139 -5.88 -29.95 13.36
N LYS D 140 -5.61 -29.18 12.31
CA LYS D 140 -4.74 -28.02 12.41
C LYS D 140 -5.28 -26.98 13.40
N ALA D 141 -6.61 -26.93 13.51
CA ALA D 141 -7.28 -25.97 14.38
C ALA D 141 -7.29 -26.45 15.81
N ALA D 142 -7.51 -27.76 15.98
CA ALA D 142 -7.47 -28.38 17.30
C ALA D 142 -6.10 -28.14 17.95
N LYS D 143 -5.03 -28.27 17.16
CA LYS D 143 -3.64 -28.09 17.63
C LYS D 143 -3.28 -26.63 17.91
N LEU D 144 -3.66 -25.73 16.99
CA LEU D 144 -3.56 -24.29 17.23
C LEU D 144 -4.29 -23.88 18.50
N ALA D 145 -5.49 -24.41 18.73
CA ALA D 145 -6.29 -24.02 19.89
C ALA D 145 -5.66 -24.49 21.20
N ALA D 146 -4.92 -25.59 21.14
CA ALA D 146 -4.09 -26.06 22.24
C ALA D 146 -2.92 -25.12 22.53
N SER D 147 -2.55 -24.29 21.56
CA SER D 147 -1.42 -23.37 21.69
C SER D 147 -1.80 -21.89 21.96
N ILE D 148 -3.10 -21.62 22.15
CA ILE D 148 -3.55 -20.26 22.45
C ILE D 148 -4.54 -20.16 23.61
N ALA D 149 -4.88 -21.30 24.23
CA ALA D 149 -6.00 -21.35 25.19
C ALA D 149 -6.02 -22.69 25.94
N PRO D 150 -6.71 -22.74 27.10
CA PRO D 150 -6.91 -23.95 27.92
C PRO D 150 -7.40 -25.19 27.15
N ALA D 151 -7.03 -26.39 27.64
CA ALA D 151 -7.57 -27.64 27.07
C ALA D 151 -9.03 -27.80 27.46
N ARG D 152 -9.87 -28.15 26.49
CA ARG D 152 -11.31 -28.28 26.71
C ARG D 152 -11.91 -29.13 25.57
N PRO D 153 -12.92 -29.96 25.88
CA PRO D 153 -13.52 -30.84 24.85
C PRO D 153 -14.12 -30.06 23.68
N GLY D 154 -14.65 -28.87 23.96
CA GLY D 154 -15.22 -27.97 22.94
C GLY D 154 -14.20 -27.49 21.92
N ASN D 155 -12.91 -27.71 22.22
CA ASN D 155 -11.84 -27.33 21.30
C ASN D 155 -11.25 -28.53 20.56
N SER D 156 -11.83 -29.71 20.75
CA SER D 156 -11.33 -30.93 20.07
C SER D 156 -11.55 -30.84 18.56
N ALA D 157 -10.81 -31.65 17.81
CA ALA D 157 -10.99 -31.71 16.35
C ALA D 157 -12.41 -32.17 15.97
N LYS D 158 -12.90 -33.19 16.66
CA LYS D 158 -14.29 -33.65 16.50
C LYS D 158 -15.30 -32.51 16.67
N ALA D 159 -15.09 -31.70 17.71
CA ALA D 159 -15.98 -30.59 18.03
C ALA D 159 -15.91 -29.50 16.96
N LEU D 160 -14.70 -29.12 16.58
CA LEU D 160 -14.49 -28.07 15.60
C LEU D 160 -14.96 -28.50 14.19
N LYS D 161 -14.89 -29.80 13.91
CA LYS D 161 -15.42 -30.37 12.67
C LYS D 161 -16.96 -30.28 12.60
N ALA D 162 -17.64 -30.56 13.71
CA ALA D 162 -19.08 -30.46 13.78
C ALA D 162 -19.52 -29.03 13.45
N VAL D 163 -18.89 -28.05 14.08
CA VAL D 163 -19.18 -26.65 13.80
C VAL D 163 -19.02 -26.38 12.30
N GLN D 164 -17.88 -26.79 11.74
CA GLN D 164 -17.60 -26.60 10.32
C GLN D 164 -18.66 -27.23 9.42
N ASP D 165 -19.05 -28.47 9.72
CA ASP D 165 -20.12 -29.17 8.99
C ASP D 165 -21.45 -28.42 9.02
N LYS D 166 -21.84 -27.98 10.21
CA LYS D 166 -23.07 -27.23 10.41
C LYS D 166 -23.00 -25.96 9.59
N LEU D 167 -21.84 -25.30 9.66
CA LEU D 167 -21.65 -24.04 8.97
C LEU D 167 -21.66 -24.27 7.45
N LYS D 168 -21.10 -25.41 7.03
CA LYS D 168 -21.04 -25.77 5.61
C LYS D 168 -22.42 -25.99 5.03
N ALA D 169 -23.25 -26.78 5.70
CA ALA D 169 -24.65 -26.98 5.31
C ALA D 169 -25.43 -25.65 5.26
N PHE D 170 -25.27 -24.83 6.29
CA PHE D 170 -25.89 -23.50 6.33
C PHE D 170 -25.54 -22.66 5.08
N VAL D 171 -24.25 -22.54 4.79
CA VAL D 171 -23.75 -21.76 3.65
C VAL D 171 -24.16 -22.38 2.29
N GLU D 172 -24.12 -23.71 2.20
CA GLU D 172 -24.50 -24.40 0.96
C GLU D 172 -25.99 -24.31 0.66
N SER D 173 -26.80 -23.92 1.64
CA SER D 173 -28.24 -23.80 1.45
C SER D 173 -28.61 -22.59 0.62
N GLY D 174 -27.72 -21.61 0.54
CA GLY D 174 -28.02 -20.41 -0.22
C GLY D 174 -28.71 -19.31 0.57
N GLN D 175 -29.23 -19.66 1.75
CA GLN D 175 -29.79 -18.68 2.68
C GLN D 175 -28.78 -18.32 3.78
N LEU D 176 -27.99 -17.25 3.55
CA LEU D 176 -26.92 -16.86 4.50
C LEU D 176 -27.39 -16.11 5.73
N GLY D 177 -28.68 -15.75 5.75
CA GLY D 177 -29.28 -15.15 6.95
C GLY D 177 -28.54 -13.92 7.40
N ILE D 178 -28.10 -13.94 8.66
CA ILE D 178 -27.40 -12.79 9.26
C ILE D 178 -26.00 -12.53 8.64
N PHE D 179 -25.53 -13.44 7.79
CA PHE D 179 -24.24 -13.27 7.11
C PHE D 179 -24.36 -12.66 5.69
N THR D 180 -25.59 -12.46 5.25
CA THR D 180 -25.87 -11.95 3.90
C THR D 180 -25.14 -10.61 3.68
N ASN D 181 -24.44 -10.51 2.56
CA ASN D 181 -23.67 -9.30 2.23
C ASN D 181 -22.62 -8.91 3.28
N ALA D 182 -22.12 -9.88 4.05
CA ALA D 182 -21.08 -9.60 5.04
C ALA D 182 -19.88 -8.91 4.35
N TYR D 183 -19.23 -7.99 5.05
CA TYR D 183 -18.02 -7.35 4.52
C TYR D 183 -16.87 -8.32 4.24
N PHE D 184 -16.90 -9.50 4.84
CA PHE D 184 -15.80 -10.46 4.63
C PHE D 184 -16.02 -11.48 3.51
N LEU D 185 -17.23 -11.49 2.90
CA LEU D 185 -17.53 -12.44 1.84
C LEU D 185 -16.61 -12.18 0.64
N GLY D 186 -15.93 -13.23 0.16
CA GLY D 186 -14.96 -13.10 -0.93
C GLY D 186 -13.55 -12.78 -0.46
N GLY D 187 -13.35 -12.69 0.85
CA GLY D 187 -12.05 -12.26 1.37
C GLY D 187 -12.00 -10.73 1.44
N HIS D 188 -11.16 -10.23 2.32
CA HIS D 188 -11.07 -8.78 2.54
C HIS D 188 -9.67 -8.54 3.05
N LYS D 189 -8.98 -7.54 2.49
CA LYS D 189 -7.59 -7.27 2.91
C LYS D 189 -7.42 -6.95 4.42
N ALA D 190 -8.41 -6.29 5.03
CA ALA D 190 -8.32 -5.91 6.45
C ALA D 190 -8.58 -7.07 7.44
N TYR D 191 -9.01 -8.21 6.93
CA TYR D 191 -9.26 -9.38 7.76
C TYR D 191 -8.00 -10.22 7.75
N TYR D 192 -7.31 -10.35 8.89
CA TYR D 192 -5.97 -11.00 8.93
C TYR D 192 -5.92 -12.46 9.38
N LEU D 193 -6.96 -12.95 10.05
CA LEU D 193 -6.88 -14.24 10.76
C LEU D 193 -6.70 -15.45 9.84
N PRO D 194 -5.86 -16.45 10.25
CA PRO D 194 -5.81 -17.74 9.57
C PRO D 194 -7.18 -18.40 9.62
N PRO D 195 -7.50 -19.26 8.64
CA PRO D 195 -8.79 -19.93 8.68
C PRO D 195 -9.01 -20.67 10.00
N GLU D 196 -7.97 -21.29 10.55
CA GLU D 196 -8.05 -22.08 11.81
C GLU D 196 -8.52 -21.24 12.99
N VAL D 197 -8.02 -20.00 13.11
CA VAL D 197 -8.48 -19.09 14.15
C VAL D 197 -9.95 -18.66 13.89
N ASP D 198 -10.29 -18.44 12.63
CA ASP D 198 -11.68 -18.16 12.27
C ASP D 198 -12.60 -19.26 12.79
N LEU D 199 -12.19 -20.53 12.55
CA LEU D 199 -12.98 -21.68 13.00
C LEU D 199 -13.15 -21.73 14.52
N ILE D 200 -12.05 -21.55 15.24
CA ILE D 200 -12.05 -21.59 16.71
C ILE D 200 -13.01 -20.54 17.26
N ALA D 201 -12.87 -19.30 16.76
CA ALA D 201 -13.74 -18.20 17.17
C ALA D 201 -15.21 -18.45 16.80
N THR D 202 -15.44 -19.07 15.66
CA THR D 202 -16.80 -19.36 15.21
C THR D 202 -17.50 -20.42 16.09
N ALA D 203 -16.76 -21.46 16.46
CA ALA D 203 -17.25 -22.42 17.45
C ALA D 203 -17.63 -21.73 18.77
N HIS D 204 -16.77 -20.83 19.25
CA HIS D 204 -17.03 -20.16 20.54
C HIS D 204 -18.20 -19.20 20.43
N TYR D 205 -18.37 -18.62 19.25
CA TYR D 205 -19.52 -17.72 18.94
C TYR D 205 -20.81 -18.45 19.19
N LEU D 206 -20.91 -19.67 18.67
CA LEU D 206 -22.09 -20.51 18.87
C LEU D 206 -22.24 -20.90 20.33
N GLU D 207 -21.14 -21.30 20.97
CA GLU D 207 -21.16 -21.64 22.39
C GLU D 207 -21.64 -20.45 23.26
N ALA D 208 -21.16 -19.25 22.95
CA ALA D 208 -21.53 -18.03 23.67
C ALA D 208 -23.05 -17.72 23.59
N LEU D 209 -23.67 -18.06 22.48
CA LEU D 209 -25.13 -18.02 22.38
C LEU D 209 -25.83 -18.81 23.50
N HIS D 210 -25.26 -19.97 23.89
CA HIS D 210 -25.85 -20.78 24.97
C HIS D 210 -25.40 -20.27 26.34
N MET D 211 -24.14 -19.89 26.44
CA MET D 211 -23.62 -19.41 27.72
C MET D 211 -24.33 -18.16 28.20
N GLN D 212 -24.76 -17.31 27.27
CA GLN D 212 -25.32 -15.99 27.69
C GLN D 212 -26.67 -16.23 28.38
N VAL D 213 -27.30 -17.34 28.01
CA VAL D 213 -28.54 -17.76 28.65
C VAL D 213 -28.31 -18.04 30.16
N LYS D 214 -27.22 -18.76 30.47
CA LYS D 214 -26.86 -19.07 31.84
C LYS D 214 -26.45 -17.80 32.60
N ALA D 215 -25.70 -16.92 31.96
CA ALA D 215 -25.38 -15.62 32.56
C ALA D 215 -26.62 -14.82 32.96
N ALA D 216 -27.63 -14.78 32.07
CA ALA D 216 -28.91 -14.10 32.34
C ALA D 216 -29.73 -14.80 33.43
N SER D 217 -29.68 -16.14 33.45
CA SER D 217 -30.33 -16.91 34.49
C SER D 217 -29.74 -16.60 35.86
N ALA D 218 -28.41 -16.59 35.96
CA ALA D 218 -27.77 -16.17 37.22
C ALA D 218 -28.33 -14.79 37.66
N MET D 219 -28.29 -13.83 36.75
CA MET D 219 -28.75 -12.47 37.05
C MET D 219 -30.20 -12.47 37.55
N ALA D 220 -31.04 -13.29 36.93
CA ALA D 220 -32.46 -13.43 37.28
C ALA D 220 -32.73 -13.96 38.68
N ILE D 221 -31.80 -14.75 39.25
CA ILE D 221 -32.03 -15.31 40.58
C ILE D 221 -32.16 -14.19 41.62
N LEU D 222 -31.31 -13.17 41.50
CA LEU D 222 -31.36 -11.97 42.35
C LEU D 222 -32.28 -10.86 41.77
N GLY D 223 -32.32 -10.76 40.43
CA GLY D 223 -33.11 -9.70 39.75
C GLY D 223 -34.60 -9.92 39.48
N GLY D 224 -35.10 -11.13 39.69
CA GLY D 224 -36.49 -11.44 39.35
C GLY D 224 -36.72 -11.92 37.91
N LYS D 225 -36.03 -11.30 36.95
CA LYS D 225 -36.11 -11.66 35.52
C LYS D 225 -35.06 -10.87 34.77
N ASN D 226 -34.80 -11.27 33.52
CA ASN D 226 -33.87 -10.63 32.58
C ASN D 226 -34.37 -10.96 31.17
N PRO D 227 -34.61 -9.97 30.32
CA PRO D 227 -34.37 -8.55 30.58
C PRO D 227 -35.37 -7.87 31.53
N HIS D 228 -34.91 -6.72 32.06
CA HIS D 228 -35.68 -5.81 32.90
C HIS D 228 -36.00 -6.35 34.29
N THR D 229 -35.02 -6.19 35.18
CA THR D 229 -35.13 -6.67 36.56
C THR D 229 -36.24 -5.95 37.30
N GLN D 230 -36.62 -6.53 38.43
CA GLN D 230 -37.81 -6.07 39.17
C GLN D 230 -37.64 -6.51 40.63
N PHE D 231 -36.63 -5.96 41.32
CA PHE D 231 -36.24 -6.32 42.68
C PHE D 231 -35.76 -5.08 43.49
N THR D 232 -35.57 -3.95 42.82
CA THR D 232 -35.12 -2.72 43.51
C THR D 232 -36.33 -1.88 43.92
N VAL D 233 -36.25 -1.31 45.12
CA VAL D 233 -37.23 -0.38 45.64
C VAL D 233 -36.53 0.78 46.34
N VAL D 234 -37.25 1.85 46.61
CA VAL D 234 -36.67 2.95 47.37
C VAL D 234 -36.30 2.45 48.75
N GLY D 235 -35.04 2.64 49.14
CA GLY D 235 -34.56 2.14 50.43
C GLY D 235 -33.89 0.76 50.40
N GLY D 236 -33.90 0.10 49.24
CA GLY D 236 -33.13 -1.13 49.04
C GLY D 236 -33.65 -2.10 47.99
N CYS D 237 -33.99 -3.30 48.44
CA CYS D 237 -34.44 -4.36 47.54
C CYS D 237 -35.65 -5.07 48.15
N SER D 238 -36.35 -5.85 47.30
CA SER D 238 -37.56 -6.51 47.69
C SER D 238 -37.33 -8.03 47.84
N ASN D 239 -36.21 -8.51 47.28
CA ASN D 239 -35.94 -9.95 47.09
C ASN D 239 -35.35 -10.68 48.28
N TYR D 240 -36.18 -10.95 49.29
CA TYR D 240 -35.70 -11.71 50.46
C TYR D 240 -35.19 -13.13 50.12
N GLN D 241 -35.85 -13.79 49.17
CA GLN D 241 -35.43 -15.14 48.73
C GLN D 241 -33.98 -15.13 48.21
N GLY D 242 -33.56 -14.02 47.58
CA GLY D 242 -32.18 -13.85 47.10
C GLY D 242 -31.10 -13.81 48.18
N LEU D 243 -31.50 -13.75 49.45
CA LEU D 243 -30.53 -13.82 50.55
C LEU D 243 -30.39 -15.24 51.15
N THR D 244 -31.12 -16.21 50.60
CA THR D 244 -31.20 -17.55 51.15
C THR D 244 -30.29 -18.55 50.44
N LYS D 245 -30.05 -19.67 51.11
CA LYS D 245 -28.98 -20.59 50.76
C LYS D 245 -29.07 -21.17 49.36
N ASP D 246 -30.19 -21.80 49.04
CA ASP D 246 -30.31 -22.57 47.79
C ASP D 246 -30.24 -21.72 46.52
N PRO D 247 -31.00 -20.60 46.47
CA PRO D 247 -30.82 -19.69 45.35
C PRO D 247 -29.38 -19.16 45.21
N LEU D 248 -28.72 -18.87 46.33
CA LEU D 248 -27.32 -18.39 46.27
C LEU D 248 -26.31 -19.46 45.82
N ALA D 249 -26.59 -20.73 46.11
CA ALA D 249 -25.81 -21.85 45.60
C ALA D 249 -26.02 -22.03 44.09
N ASN D 250 -27.25 -21.87 43.63
CA ASN D 250 -27.53 -21.94 42.22
C ASN D 250 -26.81 -20.81 41.47
N TYR D 251 -26.88 -19.60 42.05
CA TYR D 251 -26.25 -18.42 41.53
C TYR D 251 -24.74 -18.60 41.40
N LEU D 252 -24.10 -19.06 42.46
CA LEU D 252 -22.67 -19.37 42.38
C LEU D 252 -22.34 -20.39 41.29
N ALA D 253 -23.11 -21.46 41.24
CA ALA D 253 -22.88 -22.52 40.22
C ALA D 253 -22.92 -21.97 38.81
N LEU D 254 -24.01 -21.28 38.45
CA LEU D 254 -24.18 -20.67 37.12
C LEU D 254 -23.07 -19.68 36.82
N SER D 255 -22.71 -18.87 37.84
CA SER D 255 -21.63 -17.89 37.72
C SER D 255 -20.28 -18.54 37.46
N LYS D 256 -19.99 -19.63 38.18
CA LYS D 256 -18.74 -20.37 37.94
C LYS D 256 -18.65 -20.90 36.50
N GLU D 257 -19.77 -21.41 35.98
CA GLU D 257 -19.80 -21.82 34.57
C GLU D 257 -19.47 -20.69 33.59
N VAL D 258 -20.16 -19.55 33.75
CA VAL D 258 -19.97 -18.39 32.90
C VAL D 258 -18.50 -17.94 32.95
N CYS D 259 -17.93 -17.97 34.15
CA CYS D 259 -16.56 -17.51 34.35
C CYS D 259 -15.54 -18.50 33.81
N GLN D 260 -15.90 -19.78 33.85
CA GLN D 260 -15.08 -20.77 33.17
C GLN D 260 -15.00 -20.49 31.66
N PHE D 261 -16.15 -20.20 31.05
CA PHE D 261 -16.20 -19.78 29.64
C PHE D 261 -15.43 -18.48 29.38
N VAL D 262 -15.50 -17.51 30.31
CA VAL D 262 -14.69 -16.29 30.22
C VAL D 262 -13.21 -16.63 30.16
N ASN D 263 -12.77 -17.48 31.10
CA ASN D 263 -11.35 -17.79 31.19
C ASN D 263 -10.89 -18.74 30.10
N GLU D 264 -11.76 -19.66 29.68
CA GLU D 264 -11.37 -20.65 28.69
C GLU D 264 -11.47 -20.19 27.24
N CYS D 265 -12.43 -19.32 26.96
CA CYS D 265 -12.70 -18.95 25.57
C CYS D 265 -12.57 -17.44 25.32
N TYR D 266 -13.26 -16.63 26.10
CA TYR D 266 -13.32 -15.18 25.81
C TYR D 266 -11.91 -14.55 25.81
N ILE D 267 -11.21 -14.65 26.92
CA ILE D 267 -9.89 -14.03 27.06
C ILE D 267 -8.85 -14.58 26.06
N PRO D 268 -8.77 -15.93 25.88
CA PRO D 268 -7.86 -16.48 24.88
C PRO D 268 -8.20 -16.06 23.43
N ASP D 269 -9.49 -16.04 23.08
CA ASP D 269 -9.90 -15.54 21.75
C ASP D 269 -9.52 -14.06 21.59
N LEU D 270 -9.78 -13.26 22.63
CA LEU D 270 -9.42 -11.84 22.64
C LEU D 270 -7.93 -11.66 22.41
N LEU D 271 -7.11 -12.45 23.14
CA LEU D 271 -5.66 -12.35 23.04
C LEU D 271 -5.12 -12.81 21.67
N ALA D 272 -5.71 -13.89 21.15
CA ALA D 272 -5.35 -14.37 19.82
C ALA D 272 -5.63 -13.28 18.76
N VAL D 273 -6.85 -12.77 18.72
CA VAL D 273 -7.22 -11.64 17.83
C VAL D 273 -6.31 -10.43 18.00
N ALA D 274 -6.06 -10.02 19.25
CA ALA D 274 -5.19 -8.87 19.49
C ALA D 274 -3.80 -9.11 18.95
N GLY D 275 -3.33 -10.36 19.04
CA GLY D 275 -2.01 -10.76 18.54
C GLY D 275 -1.86 -10.55 17.03
N PHE D 276 -2.91 -10.87 16.26
CA PHE D 276 -2.87 -10.71 14.81
C PHE D 276 -3.15 -9.28 14.35
N TYR D 277 -3.82 -8.51 15.20
CA TYR D 277 -4.20 -7.15 14.84
C TYR D 277 -3.40 -6.10 15.64
N LYS D 278 -2.12 -6.39 15.84
CA LYS D 278 -1.24 -5.58 16.67
C LYS D 278 -1.19 -4.14 16.17
N ASP D 279 -1.30 -3.96 14.86
CA ASP D 279 -1.36 -2.64 14.27
C ASP D 279 -2.53 -1.78 14.80
N TRP D 280 -3.58 -2.39 15.31
CA TRP D 280 -4.72 -1.62 15.82
C TRP D 280 -4.43 -1.05 17.21
N GLY D 281 -3.24 -1.37 17.74
CA GLY D 281 -2.67 -0.66 18.89
C GLY D 281 -2.26 0.75 18.52
N GLY D 282 -2.21 1.08 17.23
CA GLY D 282 -1.88 2.44 16.80
C GLY D 282 -3.05 3.19 16.16
N ILE D 283 -4.26 2.66 16.32
CA ILE D 283 -5.43 3.28 15.69
C ILE D 283 -6.52 3.48 16.71
N GLY D 284 -7.22 4.62 16.63
CA GLY D 284 -8.47 4.81 17.40
C GLY D 284 -8.34 5.34 18.81
N GLY D 285 -7.28 6.08 19.09
CA GLY D 285 -6.96 6.48 20.46
C GLY D 285 -7.58 7.81 20.87
N THR D 286 -7.76 8.01 22.18
CA THR D 286 -8.23 9.27 22.76
C THR D 286 -7.39 9.61 23.99
N SER D 287 -7.78 10.64 24.73
CA SER D 287 -6.84 11.30 25.67
C SER D 287 -7.31 11.43 27.12
N ASN D 288 -8.61 11.59 27.29
CA ASN D 288 -9.27 11.86 28.57
C ASN D 288 -10.24 10.73 28.91
N TYR D 289 -10.30 10.37 30.19
CA TYR D 289 -11.05 9.22 30.70
C TYR D 289 -11.76 9.57 32.02
N LEU D 290 -13.00 9.10 32.15
CA LEU D 290 -13.84 9.39 33.33
C LEU D 290 -14.50 8.11 33.80
N ALA D 291 -14.54 7.92 35.12
CA ALA D 291 -15.34 6.84 35.74
C ALA D 291 -15.89 7.30 37.06
N PHE D 292 -17.14 6.94 37.32
CA PHE D 292 -17.77 7.17 38.63
C PHE D 292 -17.46 6.04 39.57
N GLY D 293 -16.78 5.01 39.05
CA GLY D 293 -16.44 3.82 39.83
C GLY D 293 -17.65 2.90 39.95
N GLU D 294 -17.42 1.65 40.35
CA GLU D 294 -18.50 0.73 40.65
C GLU D 294 -18.01 -0.32 41.68
N PHE D 295 -18.96 -1.09 42.26
CA PHE D 295 -18.68 -2.13 43.29
C PHE D 295 -18.15 -1.52 44.60
N ALA D 296 -18.88 -0.53 45.10
CA ALA D 296 -18.46 0.20 46.28
C ALA D 296 -18.74 -0.57 47.58
N THR D 297 -17.88 -0.39 48.57
CA THR D 297 -18.12 -0.94 49.92
C THR D 297 -18.99 -0.05 50.78
N ASP D 298 -19.21 1.17 50.31
CA ASP D 298 -20.08 2.10 51.00
C ASP D 298 -20.87 2.88 49.97
N ASP D 299 -22.17 2.59 49.88
CA ASP D 299 -23.04 3.28 48.93
C ASP D 299 -24.09 4.15 49.66
N SER D 300 -23.76 4.60 50.86
CA SER D 300 -24.67 5.44 51.65
C SER D 300 -24.89 6.79 51.00
N SER D 301 -23.97 7.22 50.14
CA SER D 301 -24.16 8.46 49.40
C SER D 301 -23.31 8.47 48.14
N PRO D 302 -23.61 9.43 47.22
CA PRO D 302 -22.74 9.53 46.05
C PRO D 302 -21.28 9.74 46.39
N GLU D 303 -20.99 10.60 47.38
CA GLU D 303 -19.60 10.85 47.82
C GLU D 303 -18.89 9.57 48.26
N LYS D 304 -19.58 8.75 49.05
CA LYS D 304 -19.04 7.46 49.45
C LYS D 304 -18.95 6.44 48.28
N HIS D 305 -19.90 6.48 47.34
CA HIS D 305 -19.75 5.68 46.11
C HIS D 305 -18.44 5.99 45.36
N LEU D 306 -18.19 7.29 45.16
CA LEU D 306 -17.00 7.74 44.44
C LEU D 306 -15.71 7.38 45.18
N ALA D 307 -15.77 7.37 46.50
CA ALA D 307 -14.57 7.11 47.30
C ALA D 307 -14.28 5.61 47.54
N THR D 308 -15.31 4.77 47.59
CA THR D 308 -15.13 3.40 48.03
C THR D 308 -15.36 2.37 46.91
N SER D 309 -15.67 2.82 45.69
CA SER D 309 -15.84 1.88 44.55
C SER D 309 -14.56 1.05 44.35
N GLN D 310 -14.69 -0.28 44.40
CA GLN D 310 -13.53 -1.17 44.27
C GLN D 310 -12.93 -1.14 42.84
N PHE D 311 -13.78 -0.93 41.83
CA PHE D 311 -13.32 -0.45 40.53
C PHE D 311 -13.41 1.07 40.67
N PRO D 312 -12.27 1.73 40.87
CA PRO D 312 -12.22 3.12 41.36
C PRO D 312 -12.68 4.20 40.37
N SER D 313 -13.15 5.31 40.94
CA SER D 313 -13.52 6.49 40.19
C SER D 313 -12.27 7.38 39.92
N GLY D 314 -12.41 8.33 39.00
CA GLY D 314 -11.33 9.22 38.63
C GLY D 314 -11.49 9.94 37.31
N VAL D 315 -10.56 10.85 37.07
CA VAL D 315 -10.49 11.61 35.84
C VAL D 315 -9.02 11.63 35.41
N ILE D 316 -8.76 11.25 34.17
CA ILE D 316 -7.40 11.29 33.58
C ILE D 316 -7.53 12.20 32.37
N THR D 317 -6.54 13.05 32.18
CA THR D 317 -6.55 14.04 31.13
C THR D 317 -5.19 14.03 30.47
N GLY D 318 -5.18 14.22 29.14
CA GLY D 318 -3.95 14.18 28.33
C GLY D 318 -3.12 12.91 28.44
N ARG D 319 -3.78 11.76 28.68
CA ARG D 319 -3.13 10.43 28.87
C ARG D 319 -2.18 10.36 30.06
N ASP D 320 -2.36 11.26 31.00
CA ASP D 320 -1.38 11.41 32.08
C ASP D 320 -1.75 10.47 33.23
N LEU D 321 -1.15 9.29 33.24
CA LEU D 321 -1.41 8.29 34.30
C LEU D 321 -0.71 8.62 35.63
N GLY D 322 -0.01 9.75 35.65
CA GLY D 322 0.66 10.22 36.86
C GLY D 322 -0.21 11.11 37.72
N LYS D 323 -1.41 11.42 37.24
CA LYS D 323 -2.28 12.36 37.93
C LYS D 323 -3.75 11.98 37.75
N VAL D 324 -4.29 11.15 38.64
CA VAL D 324 -5.72 10.84 38.63
C VAL D 324 -6.46 11.79 39.59
N ASP D 325 -7.32 12.65 39.04
CA ASP D 325 -8.10 13.62 39.82
C ASP D 325 -9.45 13.07 40.29
N ASN D 326 -9.99 13.67 41.35
CA ASN D 326 -11.28 13.26 41.88
C ASN D 326 -12.33 13.72 40.92
N VAL D 327 -13.45 12.98 40.87
CA VAL D 327 -14.60 13.38 40.08
C VAL D 327 -15.26 14.58 40.75
N ASP D 328 -15.37 15.69 40.01
CA ASP D 328 -16.12 16.88 40.44
C ASP D 328 -17.50 16.88 39.76
N LEU D 329 -18.50 16.33 40.45
CA LEU D 329 -19.88 16.23 39.93
C LEU D 329 -20.48 17.60 39.54
N GLY D 330 -19.92 18.66 40.11
CA GLY D 330 -20.34 20.01 39.77
C GLY D 330 -19.83 20.49 38.42
N ALA D 331 -18.81 19.83 37.88
CA ALA D 331 -18.16 20.28 36.64
C ALA D 331 -18.75 19.61 35.39
N ILE D 332 -19.70 18.70 35.59
CA ILE D 332 -20.35 18.00 34.48
C ILE D 332 -21.43 18.92 33.87
N TYR D 333 -21.52 18.96 32.57
CA TYR D 333 -22.62 19.66 31.90
C TYR D 333 -22.85 19.11 30.49
N GLU D 334 -23.99 19.48 29.89
CA GLU D 334 -24.33 19.01 28.57
C GLU D 334 -24.59 20.21 27.67
N ASP D 335 -24.04 20.14 26.45
CA ASP D 335 -24.22 21.14 25.37
C ASP D 335 -25.19 20.60 24.33
N VAL D 336 -25.85 21.52 23.60
CA VAL D 336 -26.81 21.15 22.56
C VAL D 336 -26.57 21.80 21.22
N LYS D 337 -25.52 22.61 21.11
CA LYS D 337 -25.20 23.35 19.88
C LYS D 337 -25.29 22.54 18.56
N TYR D 338 -24.68 21.35 18.50
CA TYR D 338 -24.71 20.50 17.30
C TYR D 338 -25.73 19.36 17.43
N SER D 339 -26.68 19.52 18.34
CA SER D 339 -27.72 18.52 18.59
C SER D 339 -29.11 19.00 18.15
N TRP D 340 -30.03 18.06 18.01
CA TRP D 340 -31.40 18.41 17.60
C TRP D 340 -32.26 18.91 18.76
N TYR D 341 -31.81 19.99 19.42
CA TYR D 341 -32.54 20.60 20.52
C TYR D 341 -32.59 22.12 20.36
N ALA D 342 -33.54 22.71 21.07
CA ALA D 342 -33.90 24.13 20.95
C ALA D 342 -32.70 25.01 21.28
N PRO D 343 -32.60 26.19 20.65
CA PRO D 343 -31.48 27.05 21.00
C PRO D 343 -31.55 27.48 22.45
N GLY D 344 -30.41 27.89 23.00
CA GLY D 344 -30.35 28.33 24.38
C GLY D 344 -30.10 27.30 25.44
N GLY D 345 -29.87 26.03 25.08
CA GLY D 345 -29.71 24.99 26.10
C GLY D 345 -28.29 24.50 26.36
N ASP D 346 -27.28 25.26 25.93
CA ASP D 346 -25.87 24.88 26.16
C ASP D 346 -25.43 25.02 27.63
N GLY D 347 -24.42 24.24 28.01
CA GLY D 347 -23.77 24.43 29.32
C GLY D 347 -24.66 24.24 30.53
N LYS D 348 -25.60 23.30 30.44
CA LYS D 348 -26.52 23.03 31.52
C LYS D 348 -25.98 21.89 32.41
N HIS D 349 -25.81 22.15 33.71
CA HIS D 349 -25.61 21.08 34.69
C HIS D 349 -26.89 20.19 34.68
N PRO D 350 -26.74 18.86 34.86
CA PRO D 350 -27.95 18.01 34.76
C PRO D 350 -29.08 18.37 35.74
N TYR D 351 -28.74 18.87 36.94
CA TYR D 351 -29.80 19.34 37.84
C TYR D 351 -30.63 20.46 37.19
N ASP D 352 -30.06 21.09 36.16
CA ASP D 352 -30.72 22.21 35.45
C ASP D 352 -30.93 21.84 34.00
N GLY D 353 -30.95 20.55 33.70
CA GLY D 353 -31.05 20.07 32.32
C GLY D 353 -32.36 20.43 31.65
N VAL D 354 -32.30 20.58 30.33
CA VAL D 354 -33.45 20.98 29.51
C VAL D 354 -33.47 20.05 28.29
N THR D 355 -34.64 19.48 28.02
CA THR D 355 -34.82 18.56 26.91
C THR D 355 -35.96 19.08 26.04
N ASP D 356 -35.60 19.85 25.02
N ASP D 356 -35.56 19.81 25.00
CA ASP D 356 -36.58 20.55 24.21
CA ASP D 356 -36.48 20.56 24.18
C ASP D 356 -36.26 20.20 22.75
C ASP D 356 -36.23 20.19 22.72
N PRO D 357 -36.80 19.06 22.25
CA PRO D 357 -36.42 18.52 20.92
C PRO D 357 -36.73 19.45 19.76
N LYS D 358 -35.81 19.54 18.79
CA LYS D 358 -36.01 20.37 17.62
C LYS D 358 -35.22 19.86 16.43
N TYR D 359 -35.91 19.23 15.48
CA TYR D 359 -35.23 18.59 14.36
C TYR D 359 -34.95 19.62 13.23
N THR D 360 -33.89 19.41 12.47
CA THR D 360 -33.68 20.24 11.28
C THR D 360 -33.82 19.39 10.00
N LYS D 361 -32.71 18.81 9.55
CA LYS D 361 -32.73 17.92 8.40
C LYS D 361 -31.54 16.97 8.52
N LEU D 362 -31.64 15.78 7.92
CA LEU D 362 -30.55 14.81 7.82
C LEU D 362 -29.22 15.42 7.38
N ASP D 363 -28.14 15.14 8.10
CA ASP D 363 -26.79 15.56 7.76
C ASP D 363 -26.57 17.08 7.75
N ASP D 364 -27.35 17.80 8.53
CA ASP D 364 -27.08 19.19 8.84
C ASP D 364 -25.83 19.23 9.75
N LYS D 365 -24.68 19.69 9.25
CA LYS D 365 -23.43 19.68 10.06
C LYS D 365 -23.50 20.67 11.24
N ASP D 366 -24.53 21.52 11.27
CA ASP D 366 -24.80 22.39 12.43
C ASP D 366 -25.64 21.74 13.53
N HIS D 367 -26.44 20.74 13.17
CA HIS D 367 -27.28 19.99 14.12
C HIS D 367 -27.46 18.60 13.50
N TYR D 368 -26.82 17.60 14.09
CA TYR D 368 -26.73 16.31 13.46
C TYR D 368 -26.90 15.09 14.38
N SER D 369 -27.35 15.30 15.62
CA SER D 369 -27.58 14.16 16.51
C SER D 369 -28.67 14.37 17.55
N TRP D 370 -29.33 13.27 17.92
CA TRP D 370 -30.32 13.31 18.99
C TRP D 370 -29.66 13.24 20.39
N MET D 371 -28.35 12.91 20.42
CA MET D 371 -27.61 13.00 21.70
C MET D 371 -27.19 14.45 21.99
N LYS D 372 -27.21 14.83 23.28
CA LYS D 372 -26.59 16.03 23.78
C LYS D 372 -25.11 15.71 23.81
N ALA D 373 -24.28 16.69 24.13
CA ALA D 373 -22.83 16.53 24.20
C ALA D 373 -22.36 16.84 25.62
N PRO D 374 -22.18 15.79 26.46
CA PRO D 374 -21.69 15.98 27.83
C PRO D 374 -20.23 16.37 27.82
N ARG D 375 -19.86 17.29 28.68
CA ARG D 375 -18.50 17.80 28.72
C ARG D 375 -18.14 17.99 30.18
N TYR D 376 -16.84 17.86 30.47
CA TYR D 376 -16.30 17.98 31.81
C TYR D 376 -15.26 19.14 31.88
N LYS D 377 -15.65 20.22 32.54
CA LYS D 377 -14.80 21.45 32.57
C LYS D 377 -14.43 21.81 31.14
N GLY D 378 -15.36 21.59 30.21
CA GLY D 378 -15.11 21.81 28.79
C GLY D 378 -14.45 20.71 27.95
N LYS D 379 -14.09 19.60 28.58
CA LYS D 379 -13.40 18.52 27.86
C LYS D 379 -14.34 17.36 27.57
N ALA D 380 -14.21 16.74 26.41
CA ALA D 380 -14.86 15.47 26.08
C ALA D 380 -14.19 14.35 26.89
N MET D 381 -14.97 13.35 27.27
CA MET D 381 -14.46 12.30 28.16
C MET D 381 -14.85 10.92 27.64
N GLU D 382 -13.85 10.08 27.44
CA GLU D 382 -14.13 8.68 27.16
C GLU D 382 -14.46 7.98 28.46
N VAL D 383 -15.49 7.14 28.40
CA VAL D 383 -15.99 6.38 29.55
C VAL D 383 -16.14 4.91 29.11
N GLY D 384 -16.17 4.01 30.10
CA GLY D 384 -16.27 2.58 29.82
C GLY D 384 -15.09 1.80 30.31
N PRO D 385 -14.95 0.54 29.84
CA PRO D 385 -13.88 -0.37 30.30
C PRO D 385 -12.46 0.19 30.20
N LEU D 386 -12.13 0.84 29.11
CA LEU D 386 -10.79 1.43 28.96
C LEU D 386 -10.55 2.52 30.01
N ALA D 387 -11.56 3.35 30.26
CA ALA D 387 -11.47 4.41 31.29
C ALA D 387 -11.26 3.84 32.66
N ARG D 388 -12.08 2.86 33.03
CA ARG D 388 -11.96 2.17 34.31
C ARG D 388 -10.60 1.49 34.45
N THR D 389 -10.12 0.90 33.37
CA THR D 389 -8.83 0.18 33.37
C THR D 389 -7.62 1.11 33.59
N PHE D 390 -7.60 2.23 32.87
CA PHE D 390 -6.52 3.24 33.04
C PHE D 390 -6.47 3.88 34.45
N ILE D 391 -7.65 4.23 34.96
CA ILE D 391 -7.80 4.83 36.29
C ILE D 391 -7.38 3.84 37.35
N ALA D 392 -7.84 2.59 37.23
CA ALA D 392 -7.44 1.54 38.18
C ALA D 392 -5.95 1.21 38.13
N TYR D 393 -5.42 1.11 36.91
CA TYR D 393 -4.00 0.85 36.72
C TYR D 393 -3.13 1.97 37.30
N ALA D 394 -3.49 3.21 36.98
CA ALA D 394 -2.78 4.39 37.48
C ALA D 394 -2.85 4.49 38.99
N LYS D 395 -3.97 4.08 39.55
CA LYS D 395 -4.14 4.11 41.00
C LYS D 395 -3.53 2.89 41.69
N GLY D 396 -2.99 1.95 40.92
CA GLY D 396 -2.30 0.78 41.51
C GLY D 396 -3.24 -0.31 42.03
N GLN D 397 -4.50 -0.29 41.64
CA GLN D 397 -5.43 -1.37 41.97
C GLN D 397 -4.81 -2.70 41.54
N PRO D 398 -4.61 -3.61 42.51
CA PRO D 398 -3.81 -4.85 42.36
C PRO D 398 -4.30 -5.78 41.25
N ASP D 399 -5.62 -5.99 41.14
CA ASP D 399 -6.18 -6.90 40.13
C ASP D 399 -5.92 -6.38 38.72
N PHE D 400 -6.25 -5.11 38.50
CA PHE D 400 -5.97 -4.43 37.24
C PHE D 400 -4.48 -4.34 36.90
N LYS D 401 -3.65 -3.97 37.88
CA LYS D 401 -2.19 -3.98 37.65
C LYS D 401 -1.75 -5.36 37.15
N LYS D 402 -2.15 -6.41 37.85
CA LYS D 402 -1.76 -7.77 37.49
C LYS D 402 -2.29 -8.12 36.10
N VAL D 403 -3.60 -7.96 35.89
CA VAL D 403 -4.21 -8.38 34.63
C VAL D 403 -3.68 -7.57 33.45
N VAL D 404 -3.59 -6.24 33.60
CA VAL D 404 -3.07 -5.36 32.54
C VAL D 404 -1.64 -5.79 32.16
N ASP D 405 -0.79 -5.96 33.17
CA ASP D 405 0.58 -6.45 32.95
C ASP D 405 0.63 -7.82 32.21
N MET D 406 -0.31 -8.73 32.50
CA MET D 406 -0.40 -10.00 31.75
C MET D 406 -0.57 -9.71 30.27
N VAL D 407 -1.66 -9.02 29.95
CA VAL D 407 -2.00 -8.67 28.59
C VAL D 407 -0.83 -8.00 27.86
N LEU D 408 -0.26 -6.97 28.48
CA LEU D 408 0.84 -6.22 27.89
C LEU D 408 2.03 -7.11 27.61
N GLY D 409 2.30 -8.06 28.51
CA GLY D 409 3.38 -9.02 28.32
C GLY D 409 3.06 -10.05 27.26
N LYS D 410 1.80 -10.48 27.19
CA LYS D 410 1.42 -11.52 26.22
C LYS D 410 1.58 -10.95 24.81
N LEU D 411 1.26 -9.67 24.68
CA LEU D 411 1.27 -8.98 23.40
C LEU D 411 2.57 -8.27 23.09
N SER D 412 3.45 -8.13 24.09
CA SER D 412 4.71 -7.41 23.93
C SER D 412 4.46 -6.02 23.40
N VAL D 413 3.62 -5.26 24.11
CA VAL D 413 3.36 -3.88 23.73
C VAL D 413 3.50 -3.00 24.97
N PRO D 414 3.90 -1.71 24.80
CA PRO D 414 3.91 -0.82 25.97
C PRO D 414 2.50 -0.50 26.41
N ALA D 415 2.33 -0.05 27.66
CA ALA D 415 1.00 0.32 28.15
C ALA D 415 0.38 1.46 27.32
N THR D 416 1.23 2.25 26.67
CA THR D 416 0.76 3.30 25.76
C THR D 416 0.01 2.77 24.53
N ALA D 417 0.24 1.51 24.18
CA ALA D 417 -0.49 0.88 23.10
C ALA D 417 -1.99 0.70 23.40
N LEU D 418 -2.34 0.84 24.68
CA LEU D 418 -3.72 0.70 25.14
C LEU D 418 -4.60 1.90 24.80
N HIS D 419 -3.99 3.06 24.50
CA HIS D 419 -4.75 4.21 24.04
C HIS D 419 -5.08 4.00 22.56
N SER D 420 -6.03 3.10 22.27
CA SER D 420 -6.32 2.66 20.89
C SER D 420 -7.58 1.81 20.87
N THR D 421 -8.01 1.42 19.68
CA THR D 421 -9.15 0.51 19.50
C THR D 421 -8.83 -0.88 20.05
N LEU D 422 -7.59 -1.37 19.83
CA LEU D 422 -7.16 -2.65 20.42
C LEU D 422 -7.20 -2.61 21.95
N GLY D 423 -6.65 -1.54 22.54
CA GLY D 423 -6.70 -1.33 23.98
C GLY D 423 -8.12 -1.27 24.52
N ARG D 424 -8.99 -0.56 23.80
CA ARG D 424 -10.39 -0.38 24.17
C ARG D 424 -11.12 -1.73 24.18
N THR D 425 -10.88 -2.52 23.15
CA THR D 425 -11.35 -3.91 23.07
C THR D 425 -10.76 -4.86 24.15
N ALA D 426 -9.45 -4.77 24.38
CA ALA D 426 -8.75 -5.56 25.40
C ALA D 426 -9.21 -5.26 26.82
N ALA D 427 -9.41 -3.97 27.13
CA ALA D 427 -9.86 -3.53 28.45
C ALA D 427 -11.20 -4.16 28.85
N ARG D 428 -12.09 -4.32 27.86
CA ARG D 428 -13.40 -4.94 28.10
C ARG D 428 -13.23 -6.37 28.67
N GLY D 429 -12.29 -7.12 28.10
CA GLY D 429 -12.01 -8.49 28.55
C GLY D 429 -11.27 -8.50 29.88
N ILE D 430 -10.35 -7.58 30.04
CA ILE D 430 -9.59 -7.40 31.25
C ILE D 430 -10.53 -7.34 32.44
N GLU D 431 -11.48 -6.43 32.39
CA GLU D 431 -12.35 -6.23 33.54
C GLU D 431 -13.37 -7.36 33.72
N THR D 432 -13.76 -8.05 32.65
CA THR D 432 -14.62 -9.23 32.75
C THR D 432 -13.91 -10.33 33.56
N ALA D 433 -12.63 -10.54 33.26
CA ALA D 433 -11.79 -11.47 34.01
C ALA D 433 -11.73 -11.07 35.49
N ILE D 434 -11.65 -9.77 35.76
CA ILE D 434 -11.59 -9.29 37.14
C ILE D 434 -12.90 -9.46 37.92
N VAL D 435 -14.03 -9.09 37.31
CA VAL D 435 -15.33 -9.38 37.90
C VAL D 435 -15.43 -10.88 38.26
N CYS D 436 -15.02 -11.72 37.32
CA CYS D 436 -15.08 -13.16 37.50
C CYS D 436 -14.27 -13.60 38.72
N ALA D 437 -13.09 -13.02 38.89
CA ALA D 437 -12.22 -13.36 40.00
C ALA D 437 -12.81 -12.89 41.35
N ASN D 438 -13.83 -12.05 41.33
CA ASN D 438 -14.39 -11.50 42.57
C ASN D 438 -15.76 -12.07 42.98
N MET D 439 -16.37 -12.83 42.06
CA MET D 439 -17.73 -13.33 42.22
C MET D 439 -17.93 -14.19 43.47
N GLU D 440 -17.05 -15.18 43.67
CA GLU D 440 -17.12 -16.02 44.85
C GLU D 440 -17.02 -15.23 46.17
N LYS D 441 -15.98 -14.42 46.33
CA LYS D 441 -15.88 -13.54 47.50
C LYS D 441 -17.17 -12.72 47.73
N TRP D 442 -17.64 -12.00 46.70
CA TRP D 442 -18.84 -11.20 46.83
C TRP D 442 -20.05 -12.04 47.25
N ILE D 443 -20.26 -13.18 46.58
CA ILE D 443 -21.38 -14.07 46.93
C ILE D 443 -21.34 -14.56 48.40
N LYS D 444 -20.16 -15.01 48.83
CA LYS D 444 -19.97 -15.44 50.20
C LYS D 444 -20.27 -14.29 51.20
N GLU D 445 -19.84 -13.08 50.87
CA GLU D 445 -20.14 -11.91 51.70
C GLU D 445 -21.65 -11.76 51.97
N MET D 446 -22.45 -11.91 50.93
CA MET D 446 -23.90 -11.73 51.02
C MET D 446 -24.62 -12.94 51.63
N ALA D 447 -24.13 -14.14 51.32
CA ALA D 447 -24.63 -15.35 51.97
C ALA D 447 -24.45 -15.28 53.49
N ASP D 448 -23.25 -14.92 53.94
CA ASP D 448 -22.94 -14.80 55.38
C ASP D 448 -23.77 -13.71 56.04
N SER D 449 -23.77 -12.51 55.44
CA SER D 449 -24.56 -11.40 55.94
C SER D 449 -26.06 -11.75 56.02
N GLY D 450 -26.60 -12.20 54.89
CA GLY D 450 -27.99 -12.64 54.80
C GLY D 450 -28.46 -13.63 55.85
N ALA D 451 -27.61 -14.62 56.17
CA ALA D 451 -27.95 -15.63 57.16
C ALA D 451 -28.01 -15.01 58.55
N LYS D 452 -27.17 -14.01 58.79
CA LYS D 452 -27.13 -13.34 60.08
C LYS D 452 -28.30 -12.36 60.24
N ASP D 453 -28.78 -11.77 59.16
CA ASP D 453 -29.81 -10.72 59.26
C ASP D 453 -30.35 -10.47 57.88
N ASN D 454 -31.63 -10.74 57.68
CA ASN D 454 -32.20 -10.57 56.34
C ASN D 454 -32.80 -9.18 56.07
N THR D 455 -32.29 -8.16 56.76
CA THR D 455 -32.72 -6.81 56.49
C THR D 455 -32.28 -6.49 55.07
N LEU D 456 -33.22 -5.94 54.28
CA LEU D 456 -32.99 -5.67 52.88
C LEU D 456 -33.52 -4.32 52.40
N CYS D 457 -34.44 -3.73 53.16
CA CYS D 457 -35.05 -2.41 52.80
C CYS D 457 -35.11 -1.51 54.05
N ALA D 458 -34.65 -0.26 53.94
CA ALA D 458 -34.73 0.69 55.04
C ALA D 458 -36.01 1.51 54.97
N LYS D 459 -36.43 2.09 56.09
CA LYS D 459 -37.56 3.02 56.09
C LYS D 459 -37.14 4.40 55.52
N TRP D 460 -38.10 5.15 54.98
CA TRP D 460 -37.82 6.44 54.34
C TRP D 460 -39.09 7.30 54.21
N GLU D 461 -38.90 8.59 53.95
CA GLU D 461 -40.03 9.50 53.76
C GLU D 461 -39.90 10.39 52.55
N MET D 462 -41.00 10.60 51.84
CA MET D 462 -40.96 11.44 50.63
C MET D 462 -40.93 12.92 51.01
N PRO D 463 -39.86 13.63 50.62
CA PRO D 463 -39.80 15.04 50.96
C PRO D 463 -40.65 15.88 49.98
N GLU D 464 -41.13 17.01 50.47
CA GLU D 464 -41.88 17.97 49.64
C GLU D 464 -40.99 18.45 48.49
N GLU D 465 -39.72 18.62 48.80
CA GLU D 465 -38.79 19.23 47.89
C GLU D 465 -37.37 18.77 48.20
N SER D 466 -36.69 18.27 47.19
CA SER D 466 -35.32 17.81 47.32
C SER D 466 -34.67 17.65 45.95
N LYS D 467 -33.40 17.25 45.95
CA LYS D 467 -32.73 16.81 44.73
C LYS D 467 -31.82 15.63 45.06
N GLY D 468 -31.49 14.83 44.06
CA GLY D 468 -30.55 13.72 44.24
C GLY D 468 -29.85 13.29 42.96
N VAL D 469 -28.71 12.61 43.13
CA VAL D 469 -27.94 12.07 42.01
C VAL D 469 -27.61 10.60 42.30
N GLY D 470 -27.84 9.74 41.30
CA GLY D 470 -27.50 8.32 41.37
C GLY D 470 -26.38 8.02 40.40
N LEU D 471 -25.24 7.57 40.92
CA LEU D 471 -24.04 7.25 40.10
C LEU D 471 -23.87 5.76 39.91
N ALA D 472 -23.47 5.36 38.70
CA ALA D 472 -23.07 3.97 38.46
C ALA D 472 -22.05 3.91 37.35
N ASP D 473 -21.15 2.92 37.41
CA ASP D 473 -20.39 2.59 36.22
C ASP D 473 -20.98 1.34 35.56
N ALA D 474 -21.79 1.59 34.53
CA ALA D 474 -22.45 0.56 33.74
C ALA D 474 -21.41 -0.11 32.83
N PRO D 475 -21.77 -1.23 32.18
CA PRO D 475 -20.74 -1.87 31.32
C PRO D 475 -20.12 -0.92 30.29
N ARG D 476 -20.85 0.10 29.87
CA ARG D 476 -20.35 1.10 28.90
C ARG D 476 -19.75 2.33 29.54
N GLY D 477 -19.91 2.49 30.84
CA GLY D 477 -19.23 3.57 31.56
C GLY D 477 -20.04 4.40 32.55
N ALA D 478 -19.54 5.59 32.83
CA ALA D 478 -20.09 6.49 33.86
C ALA D 478 -21.52 6.95 33.56
N LEU D 479 -22.47 6.43 34.34
CA LEU D 479 -23.87 6.73 34.29
C LEU D 479 -24.34 7.58 35.47
N SER D 480 -25.14 8.61 35.20
CA SER D 480 -25.78 9.37 36.28
C SER D 480 -27.23 9.76 35.94
N HIS D 481 -28.11 9.66 36.95
CA HIS D 481 -29.47 10.12 36.91
C HIS D 481 -29.60 11.22 37.96
N TRP D 482 -30.32 12.26 37.62
CA TRP D 482 -30.38 13.46 38.45
C TRP D 482 -31.82 13.92 38.55
N ILE D 483 -32.31 14.06 39.77
CA ILE D 483 -33.70 14.40 39.99
C ILE D 483 -33.86 15.70 40.76
N ARG D 484 -34.87 16.48 40.37
CA ARG D 484 -35.40 17.52 41.23
C ARG D 484 -36.84 17.14 41.61
N ILE D 485 -37.11 17.14 42.92
CA ILE D 485 -38.43 16.83 43.45
C ILE D 485 -39.08 18.12 43.91
N LYS D 486 -40.34 18.32 43.55
CA LYS D 486 -41.06 19.51 43.97
C LYS D 486 -42.51 19.12 44.13
N GLY D 487 -43.07 19.43 45.30
CA GLY D 487 -44.43 18.95 45.61
C GLY D 487 -44.52 17.42 45.62
N LYS D 488 -43.44 16.73 46.02
CA LYS D 488 -43.41 15.27 46.08
C LYS D 488 -43.55 14.61 44.69
N LYS D 489 -43.34 15.41 43.64
CA LYS D 489 -43.38 14.90 42.27
C LYS D 489 -42.07 15.17 41.57
N ILE D 490 -41.86 14.51 40.44
CA ILE D 490 -40.71 14.80 39.57
C ILE D 490 -40.88 16.15 38.86
N ASP D 491 -39.99 17.07 39.19
CA ASP D 491 -39.96 18.40 38.59
C ASP D 491 -38.96 18.42 37.42
N ASN D 492 -37.84 17.73 37.58
CA ASN D 492 -36.88 17.50 36.51
C ASN D 492 -36.23 16.13 36.72
N PHE D 493 -36.02 15.39 35.63
CA PHE D 493 -35.30 14.11 35.69
C PHE D 493 -34.38 13.98 34.48
N GLN D 494 -33.09 13.94 34.72
CA GLN D 494 -32.12 13.98 33.65
C GLN D 494 -31.22 12.74 33.71
N LEU D 495 -31.11 12.04 32.59
CA LEU D 495 -30.11 10.97 32.43
C LEU D 495 -28.93 11.54 31.63
N VAL D 496 -27.71 11.25 32.09
CA VAL D 496 -26.46 11.44 31.34
C VAL D 496 -25.78 10.08 31.35
N VAL D 497 -25.65 9.47 30.18
CA VAL D 497 -25.47 8.04 30.03
C VAL D 497 -24.15 7.85 29.31
N PRO D 498 -23.43 6.72 29.57
CA PRO D 498 -22.09 6.53 29.01
C PRO D 498 -22.01 6.75 27.50
N SER D 499 -22.93 6.16 26.71
CA SER D 499 -22.86 6.40 25.24
C SER D 499 -23.13 7.88 24.83
N THR D 500 -23.72 8.66 25.74
CA THR D 500 -23.87 10.10 25.52
C THR D 500 -22.48 10.73 25.58
N TRP D 501 -21.67 10.30 26.57
CA TRP D 501 -20.29 10.80 26.69
C TRP D 501 -19.46 10.40 25.47
N ASN D 502 -19.52 9.10 25.13
CA ASN D 502 -18.69 8.52 24.09
C ASN D 502 -19.08 8.87 22.62
N LEU D 503 -20.38 8.89 22.33
CA LEU D 503 -20.86 8.89 20.94
C LEU D 503 -21.69 10.10 20.58
N GLY D 504 -21.76 11.04 21.52
CA GLY D 504 -22.49 12.25 21.37
C GLY D 504 -21.76 13.11 20.33
N PRO D 505 -22.41 14.19 19.89
CA PRO D 505 -21.81 15.01 18.87
C PRO D 505 -20.79 15.98 19.42
N ARG D 506 -20.42 16.99 18.60
CA ARG D 506 -19.52 18.04 19.06
C ARG D 506 -20.14 18.91 20.16
N GLY D 507 -19.29 19.50 21.00
CA GLY D 507 -19.74 20.41 22.05
C GLY D 507 -19.83 21.85 21.57
N ALA D 508 -20.18 22.75 22.49
CA ALA D 508 -20.37 24.17 22.15
C ALA D 508 -19.16 24.80 21.48
N GLN D 509 -17.96 24.27 21.74
CA GLN D 509 -16.73 24.73 21.10
C GLN D 509 -16.47 24.12 19.72
N GLY D 510 -17.31 23.14 19.33
CA GLY D 510 -17.07 22.48 18.05
C GLY D 510 -16.04 21.38 18.20
N ASP D 511 -15.69 21.08 19.45
CA ASP D 511 -14.80 19.97 19.81
C ASP D 511 -15.45 18.59 19.63
N LYS D 512 -14.78 17.71 18.88
CA LYS D 512 -15.26 16.35 18.61
C LYS D 512 -15.41 15.53 19.87
N SER D 513 -16.43 14.67 19.88
CA SER D 513 -16.63 13.69 20.94
C SER D 513 -15.57 12.59 20.84
N PRO D 514 -15.49 11.67 21.83
CA PRO D 514 -14.47 10.62 21.83
C PRO D 514 -14.49 9.71 20.61
N VAL D 515 -15.66 9.24 20.19
CA VAL D 515 -15.76 8.41 18.97
C VAL D 515 -15.36 9.18 17.71
N GLU D 516 -15.80 10.44 17.58
CA GLU D 516 -15.44 11.23 16.38
C GLU D 516 -13.93 11.44 16.29
N GLU D 517 -13.30 11.60 17.45
CA GLU D 517 -11.85 11.80 17.56
C GLU D 517 -11.12 10.50 17.25
N ALA D 518 -11.58 9.41 17.83
CA ALA D 518 -11.01 8.09 17.63
C ALA D 518 -11.00 7.70 16.15
N LEU D 519 -12.05 8.12 15.43
CA LEU D 519 -12.20 7.81 14.00
C LEU D 519 -11.17 8.49 13.08
N ILE D 520 -10.63 9.62 13.53
CA ILE D 520 -9.63 10.34 12.75
C ILE D 520 -8.40 9.45 12.62
N GLY D 521 -7.95 9.27 11.38
CA GLY D 521 -6.74 8.49 11.12
C GLY D 521 -7.02 7.03 10.81
N THR D 522 -8.27 6.63 10.86
CA THR D 522 -8.66 5.28 10.47
C THR D 522 -8.27 5.00 9.00
N PRO D 523 -7.54 3.89 8.75
CA PRO D 523 -7.25 3.51 7.39
C PRO D 523 -8.43 2.74 6.77
N ILE D 524 -8.69 2.96 5.48
CA ILE D 524 -9.80 2.29 4.78
C ILE D 524 -9.23 1.44 3.63
N ALA D 525 -9.17 0.12 3.82
CA ALA D 525 -8.62 -0.78 2.80
C ALA D 525 -9.50 -0.79 1.55
N ASP D 526 -10.80 -0.74 1.79
CA ASP D 526 -11.81 -0.93 0.76
C ASP D 526 -13.00 -0.08 1.17
N PRO D 527 -13.24 1.04 0.45
CA PRO D 527 -14.29 2.00 0.77
C PRO D 527 -15.70 1.45 0.58
N LYS D 528 -15.81 0.39 -0.23
CA LYS D 528 -17.05 -0.32 -0.46
C LYS D 528 -17.43 -1.12 0.79
N ARG D 529 -16.41 -1.61 1.50
CA ARG D 529 -16.66 -2.42 2.67
C ARG D 529 -15.85 -1.90 3.88
N PRO D 530 -16.28 -0.76 4.48
CA PRO D 530 -15.38 -0.10 5.45
C PRO D 530 -15.40 -0.72 6.88
N VAL D 531 -14.88 -1.93 7.02
CA VAL D 531 -14.86 -2.65 8.31
C VAL D 531 -14.12 -1.86 9.41
N GLU D 532 -13.13 -1.07 9.01
CA GLU D 532 -12.30 -0.28 9.93
C GLU D 532 -13.10 0.74 10.73
N ILE D 533 -14.12 1.32 10.10
CA ILE D 533 -15.04 2.19 10.83
C ILE D 533 -15.80 1.40 11.86
N LEU D 534 -16.30 0.23 11.46
CA LEU D 534 -17.00 -0.64 12.38
C LEU D 534 -16.16 -1.02 13.57
N ARG D 535 -14.85 -1.29 13.36
CA ARG D 535 -14.00 -1.80 14.44
C ARG D 535 -13.88 -0.83 15.58
N THR D 536 -13.66 0.44 15.23
CA THR D 536 -13.48 1.48 16.21
C THR D 536 -14.81 1.82 16.84
N VAL D 537 -15.86 2.00 16.04
CA VAL D 537 -17.19 2.31 16.59
C VAL D 537 -17.67 1.23 17.58
N HIS D 538 -17.62 -0.03 17.14
CA HIS D 538 -18.00 -1.16 17.99
C HIS D 538 -17.19 -1.23 19.27
N ALA D 539 -15.92 -0.88 19.23
CA ALA D 539 -15.03 -1.02 20.39
C ALA D 539 -15.50 -0.14 21.58
N PHE D 540 -16.23 0.93 21.26
CA PHE D 540 -16.86 1.79 22.24
C PHE D 540 -18.17 1.17 22.75
N ASP D 541 -18.60 0.08 22.12
CA ASP D 541 -19.82 -0.62 22.59
C ASP D 541 -21.02 0.34 22.58
N PRO D 542 -21.34 0.92 21.39
CA PRO D 542 -22.38 1.98 21.36
C PRO D 542 -23.78 1.49 21.78
N CSO D 543 -24.47 2.30 22.56
CA CSO D 543 -25.84 2.01 22.97
CB CSO D 543 -25.86 1.60 24.44
SG CSO D 543 -27.24 0.55 24.81
C CSO D 543 -26.63 3.28 22.71
O CSO D 543 -26.56 4.23 23.49
OD CSO D 543 -28.61 1.54 24.40
N ILE D 544 -27.36 3.35 21.60
CA ILE D 544 -27.97 4.65 21.17
C ILE D 544 -29.27 5.01 21.89
N ALA D 545 -30.03 3.98 22.30
CA ALA D 545 -31.22 4.21 23.12
C ALA D 545 -30.76 4.73 24.49
N CYS D 546 -29.64 4.22 25.00
CA CYS D 546 -29.01 4.77 26.23
C CYS D 546 -28.60 6.24 25.99
N GLY D 547 -27.82 6.47 24.94
CA GLY D 547 -27.25 7.81 24.69
C GLY D 547 -28.29 8.90 24.54
N VAL D 548 -29.42 8.57 23.91
CA VAL D 548 -30.45 9.56 23.61
C VAL D 548 -31.57 9.53 24.68
N HIS D 549 -32.01 8.33 25.06
CA HIS D 549 -33.17 8.18 25.93
C HIS D 549 -34.35 9.11 25.54
N LYS E 5 5.27 15.49 32.80
CA LYS E 5 3.96 14.92 32.34
C LYS E 5 3.94 14.66 30.83
N PRO E 6 2.77 14.89 30.20
CA PRO E 6 2.61 14.70 28.75
C PRO E 6 3.33 15.79 27.93
N THR E 7 3.39 15.61 26.61
CA THR E 7 3.98 16.61 25.72
C THR E 7 3.14 17.88 25.81
N PRO E 8 3.77 19.02 26.18
CA PRO E 8 3.03 20.26 26.33
C PRO E 8 2.41 20.71 25.02
N GLN E 9 1.17 21.19 25.08
CA GLN E 9 0.40 21.50 23.89
C GLN E 9 -0.59 22.60 24.25
N SER E 10 -0.57 23.72 23.52
CA SER E 10 -1.53 24.79 23.75
C SER E 10 -2.91 24.40 23.20
N THR E 11 -3.86 25.33 23.22
CA THR E 11 -5.14 25.10 22.56
C THR E 11 -5.23 25.99 21.32
N PHE E 12 -4.08 26.49 20.86
CA PHE E 12 -4.05 27.45 19.76
C PHE E 12 -4.65 26.90 18.45
N THR E 13 -5.56 27.69 17.89
CA THR E 13 -6.13 27.42 16.57
C THR E 13 -5.89 28.65 15.68
N GLY E 14 -5.20 28.43 14.55
CA GLY E 14 -4.90 29.49 13.58
C GLY E 14 -3.64 29.22 12.77
N PRO E 15 -3.25 30.19 11.92
CA PRO E 15 -2.04 30.01 11.12
C PRO E 15 -0.80 30.34 11.91
N ILE E 16 0.33 29.72 11.58
CA ILE E 16 1.64 30.20 12.04
C ILE E 16 2.56 30.24 10.82
N VAL E 17 3.31 31.32 10.69
CA VAL E 17 4.37 31.39 9.68
C VAL E 17 5.73 31.61 10.39
N VAL E 18 6.73 30.79 10.03
CA VAL E 18 8.12 30.97 10.42
C VAL E 18 8.97 31.26 9.18
N ASP E 19 9.51 32.48 9.14
CA ASP E 19 10.30 33.00 8.01
C ASP E 19 11.04 34.25 8.54
N PRO E 20 12.36 34.22 8.64
CA PRO E 20 13.20 33.09 8.22
C PRO E 20 13.22 31.87 9.16
N ILE E 21 13.33 30.67 8.58
CA ILE E 21 13.77 29.50 9.34
C ILE E 21 15.28 29.67 9.44
N THR E 22 15.78 29.92 10.65
CA THR E 22 17.21 30.06 10.89
C THR E 22 17.86 28.73 11.24
N ARG E 23 19.20 28.74 11.38
CA ARG E 23 19.98 27.55 11.64
C ARG E 23 19.73 26.43 10.63
N ILE E 24 19.57 26.84 9.36
CA ILE E 24 19.66 25.95 8.19
C ILE E 24 20.58 26.67 7.20
N GLU E 25 20.83 26.01 6.06
CA GLU E 25 21.41 26.69 4.92
C GLU E 25 20.24 27.19 4.07
N GLY E 26 20.24 28.48 3.75
CA GLY E 26 19.35 29.00 2.74
C GLY E 26 18.08 29.63 3.26
N HIS E 27 17.16 29.92 2.35
CA HIS E 27 16.00 30.73 2.70
C HIS E 27 14.67 29.96 2.64
N LEU E 28 14.19 29.57 3.83
CA LEU E 28 12.97 28.77 3.95
C LEU E 28 11.87 29.52 4.69
N ARG E 29 10.66 29.35 4.20
CA ARG E 29 9.49 29.91 4.82
C ARG E 29 8.60 28.72 5.08
N ILE E 30 8.16 28.58 6.32
CA ILE E 30 7.23 27.52 6.70
C ILE E 30 5.92 28.14 7.13
N MET E 31 4.84 27.66 6.53
CA MET E 31 3.49 28.04 6.90
C MET E 31 2.78 26.79 7.40
N VAL E 32 2.13 26.88 8.56
CA VAL E 32 1.26 25.80 9.05
C VAL E 32 -0.13 26.32 9.45
N GLU E 33 -1.13 25.42 9.39
CA GLU E 33 -2.40 25.57 10.08
C GLU E 33 -2.42 24.72 11.35
N VAL E 34 -2.87 25.35 12.44
CA VAL E 34 -2.88 24.71 13.76
C VAL E 34 -4.32 24.65 14.25
N GLU E 35 -4.68 23.50 14.80
CA GLU E 35 -6.00 23.35 15.38
C GLU E 35 -5.86 22.72 16.76
N ASN E 36 -6.36 23.42 17.78
CA ASN E 36 -6.30 22.94 19.17
C ASN E 36 -4.87 22.54 19.57
N GLY E 37 -3.90 23.35 19.18
CA GLY E 37 -2.52 23.11 19.54
C GLY E 37 -1.74 22.12 18.73
N LYS E 38 -2.35 21.52 17.71
CA LYS E 38 -1.63 20.58 16.85
C LYS E 38 -1.65 21.00 15.40
N VAL E 39 -0.51 20.89 14.71
CA VAL E 39 -0.44 21.22 13.28
C VAL E 39 -1.33 20.27 12.46
N LYS E 40 -2.20 20.86 11.63
CA LYS E 40 -3.14 20.10 10.84
C LYS E 40 -2.84 20.16 9.33
N ASP E 41 -2.10 21.19 8.90
CA ASP E 41 -1.68 21.30 7.51
C ASP E 41 -0.38 22.11 7.44
N ALA E 42 0.40 21.91 6.38
CA ALA E 42 1.73 22.50 6.28
C ALA E 42 2.15 22.76 4.86
N TRP E 43 3.04 23.77 4.73
CA TRP E 43 3.58 24.16 3.45
C TRP E 43 5.07 24.48 3.65
N SER E 44 5.88 23.97 2.75
CA SER E 44 7.33 24.25 2.76
C SER E 44 7.65 25.12 1.54
N SER E 45 8.00 26.36 1.83
CA SER E 45 8.15 27.41 0.81
C SER E 45 9.58 27.91 0.73
N SER E 46 10.31 27.47 -0.29
CA SER E 46 11.68 27.94 -0.55
C SER E 46 11.66 29.28 -1.25
N GLN E 47 12.49 30.21 -0.75
CA GLN E 47 12.34 31.65 -1.00
C GLN E 47 13.40 32.29 -1.90
N LEU E 48 14.39 31.49 -2.35
CA LEU E 48 15.43 31.97 -3.26
C LEU E 48 15.64 31.08 -4.49
N PHE E 49 15.72 31.71 -5.67
CA PHE E 49 16.11 31.05 -6.94
C PHE E 49 17.39 31.66 -7.52
N ARG E 50 18.32 30.81 -7.98
CA ARG E 50 19.58 31.24 -8.60
C ARG E 50 19.69 30.79 -10.04
N GLY E 51 19.30 29.55 -10.32
CA GLY E 51 19.20 29.07 -11.70
C GLY E 51 20.46 28.48 -12.32
N LEU E 52 21.17 27.64 -11.59
CA LEU E 52 22.43 27.08 -12.10
C LEU E 52 22.23 26.20 -13.34
N GLU E 53 21.09 25.51 -13.41
CA GLU E 53 20.77 24.69 -14.57
C GLU E 53 20.66 25.55 -15.83
N ILE E 54 20.04 26.72 -15.71
CA ILE E 54 19.94 27.67 -16.82
C ILE E 54 21.36 28.16 -17.21
N ILE E 55 22.11 28.60 -16.20
CA ILE E 55 23.47 29.11 -16.38
C ILE E 55 24.41 28.14 -17.13
N LEU E 56 24.27 26.84 -16.88
CA LEU E 56 25.15 25.81 -17.44
C LEU E 56 24.96 25.58 -18.94
N LYS E 57 23.78 25.89 -19.45
CA LYS E 57 23.44 25.59 -20.85
C LYS E 57 24.43 26.23 -21.82
N GLY E 58 24.95 25.43 -22.74
CA GLY E 58 25.88 25.91 -23.74
C GLY E 58 27.34 25.93 -23.31
N ARG E 59 27.61 25.67 -22.03
CA ARG E 59 28.97 25.72 -21.53
C ARG E 59 29.75 24.40 -21.75
N ASP E 60 31.06 24.44 -21.50
CA ASP E 60 31.95 23.28 -21.52
C ASP E 60 31.61 22.27 -20.41
N PRO E 61 31.32 21.00 -20.77
CA PRO E 61 31.02 20.01 -19.72
C PRO E 61 32.10 19.88 -18.64
N ARG E 62 33.35 20.20 -18.96
CA ARG E 62 34.43 20.18 -17.95
C ARG E 62 34.28 21.27 -16.89
N ASP E 63 33.54 22.32 -17.24
CA ASP E 63 33.28 23.42 -16.31
C ASP E 63 32.17 23.17 -15.31
N ALA E 64 31.32 22.18 -15.60
CA ALA E 64 30.11 21.94 -14.83
C ALA E 64 30.37 21.83 -13.33
N GLN E 65 31.32 20.97 -12.95
CA GLN E 65 31.63 20.71 -11.55
C GLN E 65 31.97 21.97 -10.76
N HIS E 66 32.48 22.99 -11.45
CA HIS E 66 32.89 24.21 -10.77
C HIS E 66 31.74 25.13 -10.48
N PHE E 67 30.79 25.19 -11.42
CA PHE E 67 29.54 25.90 -11.21
C PHE E 67 28.67 25.20 -10.17
N THR E 68 28.47 23.89 -10.35
CA THR E 68 27.54 23.13 -9.48
C THR E 68 27.99 23.04 -8.04
N GLN E 69 29.30 23.05 -7.79
CA GLN E 69 29.75 22.99 -6.40
C GLN E 69 29.21 24.21 -5.62
N ARG E 70 29.00 25.31 -6.32
CA ARG E 70 28.47 26.52 -5.69
C ARG E 70 26.97 26.46 -5.45
N ALA E 71 26.34 25.33 -5.77
CA ALA E 71 24.99 25.09 -5.30
C ALA E 71 24.94 25.17 -3.77
N CYS E 72 26.06 24.83 -3.10
CA CYS E 72 26.10 24.76 -1.64
C CYS E 72 27.52 24.75 -1.06
N GLY E 73 27.77 25.67 -0.13
CA GLY E 73 29.04 25.73 0.61
C GLY E 73 28.99 25.02 1.96
N VAL E 74 27.81 24.57 2.38
CA VAL E 74 27.71 23.76 3.59
C VAL E 74 28.02 22.32 3.17
N CYS E 75 27.19 21.74 2.31
CA CYS E 75 27.55 20.46 1.63
C CYS E 75 28.47 20.82 0.48
N THR E 76 29.62 21.41 0.83
CA THR E 76 30.64 21.70 -0.14
C THR E 76 31.11 20.35 -0.67
N TYR E 77 31.82 20.37 -1.80
CA TYR E 77 32.30 19.17 -2.49
C TYR E 77 31.28 18.28 -3.18
N VAL E 78 30.19 17.92 -2.49
CA VAL E 78 29.29 16.87 -2.99
C VAL E 78 28.76 17.09 -4.43
N HIS E 79 28.56 18.35 -4.80
CA HIS E 79 28.10 18.69 -6.15
C HIS E 79 29.23 18.64 -7.18
N ALA E 80 30.45 18.98 -6.77
CA ALA E 80 31.61 18.76 -7.64
C ALA E 80 31.78 17.25 -7.90
N LEU E 81 31.54 16.44 -6.87
CA LEU E 81 31.62 14.98 -7.00
C LEU E 81 30.53 14.44 -7.92
N ALA E 82 29.29 14.88 -7.70
CA ALA E 82 28.17 14.40 -8.50
C ALA E 82 28.34 14.83 -9.97
N SER E 83 28.83 16.05 -10.19
CA SER E 83 29.10 16.49 -11.55
C SER E 83 30.23 15.69 -12.20
N SER E 84 31.28 15.40 -11.45
CA SER E 84 32.38 14.61 -12.00
C SER E 84 31.93 13.20 -12.37
N ARG E 85 31.20 12.58 -11.46
CA ARG E 85 30.60 11.26 -11.74
C ARG E 85 29.73 11.34 -12.99
N CYS E 86 28.94 12.41 -13.09
CA CYS E 86 28.02 12.63 -14.20
C CYS E 86 28.74 12.73 -15.54
N VAL E 87 29.77 13.57 -15.56
CA VAL E 87 30.56 13.78 -16.78
C VAL E 87 31.43 12.56 -17.10
N ASP E 88 32.03 11.93 -16.08
CA ASP E 88 32.72 10.64 -16.25
C ASP E 88 31.84 9.58 -16.95
N ASP E 89 30.58 9.47 -16.52
CA ASP E 89 29.61 8.54 -17.11
C ASP E 89 29.27 8.93 -18.56
N ALA E 90 29.08 10.23 -18.79
CA ALA E 90 28.74 10.72 -20.12
C ALA E 90 29.84 10.49 -21.17
N VAL E 91 31.11 10.57 -20.77
CA VAL E 91 32.22 10.33 -21.69
C VAL E 91 32.69 8.89 -21.60
N LYS E 92 32.04 8.15 -20.74
CA LYS E 92 32.33 6.72 -20.56
C LYS E 92 33.76 6.39 -20.14
N VAL E 93 34.26 7.10 -19.16
CA VAL E 93 35.56 6.80 -18.59
C VAL E 93 35.36 6.16 -17.22
N SER E 94 36.14 5.11 -16.95
CA SER E 94 36.12 4.47 -15.65
C SER E 94 37.35 4.99 -14.92
N ILE E 95 37.16 5.55 -13.73
CA ILE E 95 38.24 6.21 -13.02
C ILE E 95 39.18 5.21 -12.35
N PRO E 96 40.47 5.56 -12.16
CA PRO E 96 41.40 4.64 -11.50
C PRO E 96 41.02 4.36 -10.04
N ALA E 97 41.39 3.18 -9.54
CA ALA E 97 41.08 2.77 -8.18
C ALA E 97 41.45 3.86 -7.15
N ASN E 98 42.63 4.46 -7.29
CA ASN E 98 43.04 5.56 -6.40
C ASN E 98 42.10 6.78 -6.40
N ALA E 99 41.49 7.06 -7.55
CA ALA E 99 40.56 8.18 -7.67
C ALA E 99 39.24 7.88 -6.96
N ARG E 100 38.76 6.63 -7.08
CA ARG E 100 37.59 6.18 -6.36
C ARG E 100 37.81 6.30 -4.85
N MET E 101 38.98 5.84 -4.38
CA MET E 101 39.33 5.92 -2.96
C MET E 101 39.45 7.35 -2.47
N MET E 102 40.14 8.21 -3.22
CA MET E 102 40.26 9.62 -2.81
C MET E 102 38.93 10.35 -2.80
N ARG E 103 38.12 10.14 -3.83
CA ARG E 103 36.80 10.75 -3.90
C ARG E 103 35.90 10.32 -2.73
N ASN E 104 35.96 9.04 -2.36
CA ASN E 104 35.10 8.52 -1.27
C ASN E 104 35.56 8.98 0.12
N LEU E 105 36.87 9.12 0.30
CA LEU E 105 37.41 9.65 1.56
C LEU E 105 37.06 11.10 1.80
N VAL E 106 37.15 11.93 0.77
CA VAL E 106 36.74 13.32 0.89
C VAL E 106 35.23 13.41 1.25
N MET E 107 34.44 12.52 0.68
CA MET E 107 33.03 12.39 1.07
C MET E 107 32.85 11.97 2.53
N ALA E 108 33.68 11.02 3.01
CA ALA E 108 33.65 10.62 4.41
C ALA E 108 34.00 11.81 5.29
N SER E 109 35.08 12.53 4.93
CA SER E 109 35.46 13.76 5.62
C SER E 109 34.31 14.76 5.68
N GLN E 110 33.55 14.89 4.58
CA GLN E 110 32.40 15.83 4.51
C GLN E 110 31.27 15.43 5.47
N TYR E 111 30.94 14.15 5.52
CA TYR E 111 29.93 13.64 6.47
C TYR E 111 30.31 14.04 7.89
N LEU E 112 31.57 13.82 8.26
CA LEU E 112 32.03 14.08 9.62
C LEU E 112 31.87 15.56 9.97
N HIS E 113 32.38 16.43 9.09
CA HIS E 113 32.27 17.87 9.33
C HIS E 113 30.82 18.35 9.35
N ASP E 114 30.05 17.95 8.34
CA ASP E 114 28.65 18.40 8.17
C ASP E 114 27.75 17.96 9.34
N HIS E 115 27.80 16.67 9.70
CA HIS E 115 26.98 16.15 10.80
C HIS E 115 27.29 16.75 12.18
N LEU E 116 28.57 16.95 12.50
CA LEU E 116 28.94 17.55 13.78
C LEU E 116 28.43 18.98 13.87
N VAL E 117 28.68 19.77 12.82
CA VAL E 117 28.19 21.14 12.80
C VAL E 117 26.65 21.18 12.91
N HIS E 118 25.96 20.32 12.16
CA HIS E 118 24.52 20.31 12.26
C HIS E 118 24.01 20.04 13.67
N PHE E 119 24.41 18.94 14.29
CA PHE E 119 23.90 18.67 15.62
C PHE E 119 24.15 19.83 16.59
N TYR E 120 25.38 20.32 16.64
CA TYR E 120 25.71 21.34 17.64
C TYR E 120 25.22 22.75 17.29
N HIS E 121 25.54 23.21 16.08
CA HIS E 121 25.44 24.61 15.79
C HIS E 121 24.14 24.99 15.08
N LEU E 122 23.47 23.99 14.52
CA LEU E 122 22.20 24.22 13.86
C LEU E 122 21.00 23.63 14.63
N HIS E 123 21.16 22.42 15.20
CA HIS E 123 19.99 21.69 15.73
C HIS E 123 19.88 21.80 17.26
N ALA E 124 21.01 21.79 17.95
CA ALA E 124 21.00 21.68 19.44
C ALA E 124 20.16 22.72 20.17
N LEU E 125 20.16 23.97 19.65
CA LEU E 125 19.46 25.10 20.29
C LEU E 125 17.94 24.94 20.31
N ASP E 126 17.43 23.94 19.58
CA ASP E 126 16.03 23.54 19.67
C ASP E 126 15.76 22.68 20.90
N TRP E 127 16.82 22.10 21.47
CA TRP E 127 16.65 21.17 22.58
C TRP E 127 17.35 21.67 23.85
N VAL E 128 18.36 22.51 23.67
CA VAL E 128 19.20 22.97 24.79
C VAL E 128 18.93 24.44 25.07
N ASP E 129 18.47 24.74 26.29
CA ASP E 129 18.34 26.10 26.81
C ASP E 129 19.70 26.56 27.36
N VAL E 130 20.42 27.37 26.58
CA VAL E 130 21.76 27.84 26.93
C VAL E 130 21.76 28.71 28.21
N THR E 131 20.70 29.47 28.43
CA THR E 131 20.64 30.37 29.58
C THR E 131 20.39 29.60 30.86
N ALA E 132 19.67 28.49 30.77
CA ALA E 132 19.52 27.57 31.92
C ALA E 132 20.83 26.91 32.35
N ALA E 133 21.80 26.84 31.45
CA ALA E 133 23.13 26.32 31.81
C ALA E 133 23.78 27.13 32.93
N LEU E 134 23.47 28.41 33.02
CA LEU E 134 23.94 29.26 34.12
C LEU E 134 23.38 28.84 35.48
N LYS E 135 22.27 28.11 35.49
CA LYS E 135 21.72 27.67 36.77
C LYS E 135 22.46 26.47 37.32
N ALA E 136 23.14 25.74 36.43
CA ALA E 136 23.80 24.48 36.77
C ALA E 136 24.87 24.63 37.86
N ASP E 137 24.93 23.66 38.76
CA ASP E 137 26.07 23.52 39.66
C ASP E 137 27.14 22.72 38.91
N PRO E 138 28.36 23.29 38.77
CA PRO E 138 29.34 22.59 37.92
C PRO E 138 29.80 21.23 38.47
N ASN E 139 29.83 21.05 39.78
CA ASN E 139 30.17 19.74 40.35
C ASN E 139 29.15 18.64 40.02
N LYS E 140 27.86 18.96 40.13
CA LYS E 140 26.79 18.02 39.76
C LYS E 140 26.87 17.70 38.29
N ALA E 141 27.19 18.71 37.48
CA ALA E 141 27.29 18.53 36.06
C ALA E 141 28.46 17.63 35.69
N ALA E 142 29.59 17.83 36.37
CA ALA E 142 30.77 16.98 36.20
C ALA E 142 30.44 15.52 36.52
N LYS E 143 29.70 15.31 37.61
CA LYS E 143 29.27 13.96 38.03
C LYS E 143 28.29 13.31 37.05
N LEU E 144 27.45 14.12 36.42
CA LEU E 144 26.50 13.61 35.45
C LEU E 144 27.23 13.18 34.20
N ALA E 145 28.14 14.03 33.71
CA ALA E 145 28.94 13.76 32.52
C ALA E 145 29.78 12.51 32.69
N ALA E 146 30.47 12.42 33.83
CA ALA E 146 31.24 11.23 34.18
C ALA E 146 30.42 9.94 34.03
N SER E 147 29.14 9.97 34.39
CA SER E 147 28.34 8.76 34.33
C SER E 147 27.62 8.48 33.00
N ILE E 148 27.61 9.46 32.10
CA ILE E 148 26.87 9.31 30.83
C ILE E 148 27.74 9.26 29.59
N ALA E 149 29.06 9.24 29.80
CA ALA E 149 30.03 9.55 28.75
C ALA E 149 31.43 9.11 29.16
N PRO E 150 32.30 8.84 28.17
CA PRO E 150 33.69 8.55 28.48
C PRO E 150 34.32 9.70 29.27
N ALA E 151 35.10 9.35 30.28
CA ALA E 151 35.83 10.33 31.06
C ALA E 151 36.76 11.15 30.19
N ARG E 152 36.75 12.47 30.39
CA ARG E 152 37.53 13.41 29.59
C ARG E 152 37.73 14.75 30.34
N PRO E 153 38.94 15.35 30.23
CA PRO E 153 39.26 16.58 30.96
C PRO E 153 38.25 17.70 30.71
N GLY E 154 37.74 17.78 29.48
CA GLY E 154 36.77 18.80 29.09
C GLY E 154 35.43 18.64 29.78
N ASN E 155 35.21 17.51 30.44
CA ASN E 155 34.02 17.30 31.24
C ASN E 155 34.22 17.54 32.74
N SER E 156 35.42 17.94 33.16
CA SER E 156 35.69 18.22 34.57
C SER E 156 34.86 19.40 35.09
N ALA E 157 34.72 19.46 36.41
CA ALA E 157 34.01 20.57 37.05
C ALA E 157 34.70 21.89 36.75
N LYS E 158 36.04 21.89 36.83
CA LYS E 158 36.85 23.07 36.49
C LYS E 158 36.57 23.56 35.07
N ALA E 159 36.50 22.63 34.11
CA ALA E 159 36.18 22.95 32.72
C ALA E 159 34.75 23.49 32.53
N LEU E 160 33.77 22.81 33.11
CA LEU E 160 32.37 23.25 32.98
C LEU E 160 32.15 24.60 33.65
N LYS E 161 32.90 24.86 34.72
CA LYS E 161 32.79 26.14 35.42
C LYS E 161 33.28 27.29 34.56
N ALA E 162 34.40 27.05 33.86
CA ALA E 162 34.99 28.05 32.95
C ALA E 162 33.98 28.44 31.87
N VAL E 163 33.38 27.43 31.23
CA VAL E 163 32.30 27.63 30.26
C VAL E 163 31.18 28.49 30.87
N GLN E 164 30.73 28.12 32.06
CA GLN E 164 29.70 28.85 32.76
C GLN E 164 30.05 30.31 33.06
N ASP E 165 31.29 30.56 33.50
CA ASP E 165 31.81 31.92 33.76
C ASP E 165 31.81 32.77 32.48
N LYS E 166 32.31 32.19 31.39
CA LYS E 166 32.40 32.86 30.09
C LYS E 166 31.00 33.23 29.63
N LEU E 167 30.08 32.27 29.72
CA LEU E 167 28.70 32.47 29.34
C LEU E 167 28.05 33.53 30.24
N LYS E 168 28.35 33.48 31.54
CA LYS E 168 27.81 34.45 32.49
C LYS E 168 28.22 35.89 32.14
N ALA E 169 29.53 36.11 31.92
CA ALA E 169 30.04 37.41 31.48
C ALA E 169 29.36 37.88 30.16
N PHE E 170 29.22 36.96 29.20
CA PHE E 170 28.56 37.25 27.92
C PHE E 170 27.11 37.73 28.11
N VAL E 171 26.32 36.94 28.85
CA VAL E 171 24.94 37.28 29.16
C VAL E 171 24.82 38.56 29.99
N GLU E 172 25.69 38.73 30.98
CA GLU E 172 25.66 39.93 31.83
C GLU E 172 26.05 41.21 31.09
N SER E 173 26.59 41.09 29.88
CA SER E 173 27.03 42.27 29.14
C SER E 173 25.82 42.97 28.48
N GLY E 174 24.74 42.23 28.31
CA GLY E 174 23.53 42.79 27.70
C GLY E 174 23.50 42.65 26.18
N GLN E 175 24.62 42.26 25.58
CA GLN E 175 24.67 41.99 24.14
C GLN E 175 24.63 40.48 23.93
N LEU E 176 23.43 39.93 23.72
CA LEU E 176 23.24 38.48 23.63
C LEU E 176 23.58 37.88 22.25
N GLY E 177 23.87 38.75 21.28
CA GLY E 177 24.33 38.34 19.96
C GLY E 177 23.43 37.30 19.33
N ILE E 178 23.99 36.15 18.98
CA ILE E 178 23.21 35.08 18.34
C ILE E 178 22.10 34.48 19.22
N PHE E 179 22.08 34.81 20.51
CA PHE E 179 21.04 34.32 21.45
C PHE E 179 19.87 35.30 21.65
N THR E 180 19.95 36.45 20.98
CA THR E 180 18.94 37.51 21.11
C THR E 180 17.56 37.02 20.70
N ASN E 181 16.58 37.25 21.56
CA ASN E 181 15.20 36.77 21.32
C ASN E 181 15.06 35.25 21.16
N ALA E 182 16.00 34.47 21.71
CA ALA E 182 15.94 33.02 21.61
C ALA E 182 14.59 32.50 22.12
N TYR E 183 14.06 31.46 21.48
CA TYR E 183 12.80 30.87 21.97
C TYR E 183 12.85 30.38 23.41
N PHE E 184 14.05 30.11 23.93
CA PHE E 184 14.17 29.58 25.30
C PHE E 184 14.34 30.62 26.43
N LEU E 185 14.48 31.90 26.07
CA LEU E 185 14.76 32.92 27.09
C LEU E 185 13.54 33.08 28.00
N GLY E 186 13.78 33.10 29.30
CA GLY E 186 12.72 33.10 30.31
C GLY E 186 12.04 31.75 30.50
N GLY E 187 12.64 30.70 29.94
CA GLY E 187 12.07 29.36 30.08
C GLY E 187 10.99 29.07 29.07
N HIS E 188 10.74 27.77 28.85
CA HIS E 188 9.85 27.33 27.78
C HIS E 188 9.45 25.89 28.05
N LYS E 189 8.13 25.64 28.11
CA LYS E 189 7.57 24.34 28.41
C LYS E 189 8.09 23.17 27.56
N ALA E 190 8.42 23.44 26.31
CA ALA E 190 8.84 22.35 25.44
C ALA E 190 10.34 22.01 25.60
N TYR E 191 11.05 22.80 26.39
CA TYR E 191 12.46 22.50 26.69
C TYR E 191 12.52 21.68 27.99
N TYR E 192 12.99 20.44 27.92
CA TYR E 192 12.91 19.53 29.06
C TYR E 192 14.21 19.35 29.86
N LEU E 193 15.36 19.74 29.31
CA LEU E 193 16.66 19.39 29.91
C LEU E 193 16.94 19.98 31.30
N PRO E 194 17.49 19.17 32.24
CA PRO E 194 18.02 19.72 33.51
C PRO E 194 19.13 20.72 33.17
N PRO E 195 19.33 21.74 34.01
CA PRO E 195 20.37 22.75 33.77
C PRO E 195 21.79 22.15 33.54
N GLU E 196 22.10 21.08 34.28
CA GLU E 196 23.39 20.38 34.16
C GLU E 196 23.60 19.84 32.75
N VAL E 197 22.55 19.25 32.17
CA VAL E 197 22.66 18.75 30.78
C VAL E 197 22.86 19.90 29.80
N ASP E 198 22.09 20.98 29.98
CA ASP E 198 22.30 22.22 29.22
C ASP E 198 23.77 22.66 29.27
N LEU E 199 24.36 22.67 30.46
CA LEU E 199 25.76 23.09 30.60
C LEU E 199 26.72 22.19 29.80
N ILE E 200 26.53 20.86 29.93
CA ILE E 200 27.38 19.87 29.28
C ILE E 200 27.33 20.08 27.76
N ALA E 201 26.12 20.19 27.25
CA ALA E 201 25.90 20.41 25.82
C ALA E 201 26.49 21.74 25.36
N THR E 202 26.41 22.77 26.22
CA THR E 202 26.89 24.10 25.84
C THR E 202 28.42 24.12 25.74
N ALA E 203 29.09 23.46 26.68
CA ALA E 203 30.53 23.32 26.66
C ALA E 203 30.96 22.59 25.40
N HIS E 204 30.26 21.52 25.05
CA HIS E 204 30.57 20.77 23.83
C HIS E 204 30.30 21.56 22.55
N TYR E 205 29.24 22.37 22.58
CA TYR E 205 28.93 23.29 21.49
C TYR E 205 30.13 24.16 21.19
N LEU E 206 30.71 24.75 22.23
CA LEU E 206 31.90 25.58 22.08
C LEU E 206 33.09 24.76 21.59
N GLU E 207 33.28 23.58 22.17
CA GLU E 207 34.33 22.67 21.72
C GLU E 207 34.18 22.31 20.23
N ALA E 208 32.94 22.11 19.79
CA ALA E 208 32.66 21.70 18.42
C ALA E 208 33.01 22.79 17.40
N LEU E 209 32.92 24.06 17.82
CA LEU E 209 33.39 25.21 17.01
C LEU E 209 34.86 25.09 16.63
N HIS E 210 35.67 24.58 17.54
CA HIS E 210 37.10 24.34 17.31
C HIS E 210 37.31 23.04 16.55
N MET E 211 36.50 22.03 16.86
CA MET E 211 36.69 20.69 16.27
C MET E 211 36.34 20.67 14.78
N GLN E 212 35.34 21.48 14.39
CA GLN E 212 34.97 21.55 12.96
C GLN E 212 36.09 22.15 12.12
N VAL E 213 36.94 22.95 12.75
CA VAL E 213 38.12 23.48 12.07
C VAL E 213 39.06 22.33 11.69
N LYS E 214 39.24 21.40 12.62
CA LYS E 214 40.08 20.22 12.39
C LYS E 214 39.49 19.25 11.36
N ALA E 215 38.18 19.04 11.42
CA ALA E 215 37.47 18.22 10.43
C ALA E 215 37.61 18.76 9.00
N ALA E 216 37.57 20.08 8.85
CA ALA E 216 37.73 20.74 7.56
C ALA E 216 39.19 20.71 7.07
N SER E 217 40.15 20.85 8.00
CA SER E 217 41.57 20.68 7.68
C SER E 217 41.87 19.28 7.14
N ALA E 218 41.34 18.25 7.79
CA ALA E 218 41.48 16.89 7.29
C ALA E 218 41.02 16.84 5.82
N MET E 219 39.78 17.29 5.58
CA MET E 219 39.20 17.31 4.24
C MET E 219 40.07 18.03 3.21
N ALA E 220 40.69 19.13 3.62
CA ALA E 220 41.53 19.97 2.77
C ALA E 220 42.84 19.32 2.34
N ILE E 221 43.33 18.36 3.13
CA ILE E 221 44.55 17.65 2.79
C ILE E 221 44.36 16.92 1.46
N LEU E 222 43.19 16.30 1.29
CA LEU E 222 42.85 15.60 0.04
C LEU E 222 42.12 16.48 -0.98
N GLY E 223 41.33 17.43 -0.50
CA GLY E 223 40.51 18.29 -1.37
C GLY E 223 41.08 19.62 -1.81
N GLY E 224 42.27 19.99 -1.32
CA GLY E 224 42.93 21.25 -1.71
C GLY E 224 42.56 22.44 -0.83
N LYS E 225 41.29 22.54 -0.46
CA LYS E 225 40.74 23.61 0.40
C LYS E 225 39.30 23.30 0.79
N ASN E 226 38.83 23.99 1.83
CA ASN E 226 37.47 23.89 2.33
C ASN E 226 37.11 25.24 2.96
N PRO E 227 36.04 25.89 2.52
CA PRO E 227 35.07 25.36 1.58
C PRO E 227 35.50 25.34 0.12
N HIS E 228 34.77 24.54 -0.66
CA HIS E 228 34.92 24.42 -2.12
C HIS E 228 36.21 23.77 -2.58
N THR E 229 36.22 22.43 -2.56
CA THR E 229 37.39 21.64 -2.95
C THR E 229 37.74 21.85 -4.43
N GLN E 230 38.96 21.49 -4.78
CA GLN E 230 39.51 21.76 -6.10
C GLN E 230 40.59 20.68 -6.37
N PHE E 231 40.13 19.43 -6.52
CA PHE E 231 40.99 18.26 -6.70
C PHE E 231 40.40 17.18 -7.63
N THR E 232 39.14 17.36 -8.04
CA THR E 232 38.49 16.44 -8.97
C THR E 232 38.65 16.95 -10.40
N VAL E 233 38.82 16.02 -11.34
CA VAL E 233 38.85 16.31 -12.78
C VAL E 233 38.17 15.16 -13.52
N VAL E 234 37.78 15.41 -14.77
CA VAL E 234 37.22 14.34 -15.60
C VAL E 234 38.22 13.19 -15.68
N GLY E 235 37.78 11.99 -15.32
CA GLY E 235 38.66 10.83 -15.31
C GLY E 235 39.31 10.52 -13.98
N GLY E 236 39.19 11.42 -13.01
CA GLY E 236 39.69 11.12 -11.67
C GLY E 236 39.98 12.28 -10.75
N CYS E 237 41.23 12.34 -10.28
CA CYS E 237 41.67 13.42 -9.39
C CYS E 237 43.01 13.98 -9.82
N SER E 238 43.36 15.15 -9.29
CA SER E 238 44.58 15.84 -9.65
C SER E 238 45.62 15.77 -8.54
N ASN E 239 45.20 15.34 -7.36
CA ASN E 239 46.00 15.46 -6.13
C ASN E 239 46.97 14.32 -5.85
N TYR E 240 48.09 14.29 -6.56
CA TYR E 240 49.08 13.22 -6.37
C TYR E 240 49.68 13.24 -4.96
N GLN E 241 49.87 14.45 -4.41
CA GLN E 241 50.40 14.61 -3.05
C GLN E 241 49.51 13.90 -2.00
N GLY E 242 48.20 13.87 -2.25
CA GLY E 242 47.26 13.20 -1.38
C GLY E 242 47.40 11.68 -1.29
N LEU E 243 48.22 11.09 -2.16
CA LEU E 243 48.49 9.65 -2.10
C LEU E 243 49.76 9.35 -1.32
N THR E 244 50.47 10.38 -0.87
CA THR E 244 51.79 10.21 -0.22
C THR E 244 51.72 10.12 1.31
N LYS E 245 52.79 9.62 1.90
CA LYS E 245 52.83 9.17 3.29
C LYS E 245 52.52 10.25 4.31
N ASP E 246 53.26 11.35 4.28
CA ASP E 246 53.15 12.38 5.31
C ASP E 246 51.78 13.07 5.36
N PRO E 247 51.26 13.49 4.19
CA PRO E 247 49.90 14.06 4.21
C PRO E 247 48.85 13.06 4.71
N LEU E 248 49.02 11.77 4.38
CA LEU E 248 48.05 10.77 4.80
C LEU E 248 48.15 10.45 6.30
N ALA E 249 49.35 10.57 6.86
CA ALA E 249 49.54 10.48 8.32
C ALA E 249 48.87 11.66 9.04
N ASN E 250 49.01 12.86 8.50
CA ASN E 250 48.34 14.03 9.03
C ASN E 250 46.83 13.86 8.97
N TYR E 251 46.36 13.35 7.83
CA TYR E 251 44.94 13.13 7.58
C TYR E 251 44.35 12.16 8.60
N LEU E 252 45.03 11.03 8.80
CA LEU E 252 44.61 10.06 9.83
C LEU E 252 44.59 10.71 11.22
N ALA E 253 45.67 11.41 11.58
CA ALA E 253 45.78 12.07 12.89
C ALA E 253 44.59 12.98 13.15
N LEU E 254 44.34 13.92 12.25
CA LEU E 254 43.21 14.85 12.37
C LEU E 254 41.88 14.12 12.43
N SER E 255 41.73 13.10 11.59
CA SER E 255 40.51 12.29 11.57
C SER E 255 40.25 11.55 12.88
N LYS E 256 41.30 10.95 13.45
CA LYS E 256 41.19 10.29 14.75
C LYS E 256 40.71 11.24 15.85
N GLU E 257 41.24 12.47 15.85
CA GLU E 257 40.80 13.52 16.75
C GLU E 257 39.32 13.87 16.62
N VAL E 258 38.88 14.13 15.39
CA VAL E 258 37.47 14.40 15.11
C VAL E 258 36.58 13.25 15.58
N CYS E 259 37.02 12.02 15.32
CA CYS E 259 36.24 10.84 15.68
C CYS E 259 36.22 10.58 17.17
N GLN E 260 37.30 10.98 17.85
CA GLN E 260 37.30 10.95 19.30
C GLN E 260 36.20 11.85 19.84
N PHE E 261 36.09 13.06 19.30
CA PHE E 261 35.03 13.99 19.67
C PHE E 261 33.62 13.49 19.33
N VAL E 262 33.49 12.80 18.21
CA VAL E 262 32.25 12.12 17.86
C VAL E 262 31.89 11.08 18.93
N ASN E 263 32.83 10.23 19.30
CA ASN E 263 32.53 9.17 20.27
C ASN E 263 32.41 9.63 21.72
N GLU E 264 33.17 10.66 22.08
CA GLU E 264 33.15 11.20 23.44
C GLU E 264 32.04 12.24 23.70
N CYS E 265 31.71 13.05 22.72
CA CYS E 265 30.75 14.14 22.95
C CYS E 265 29.47 14.04 22.13
N TYR E 266 29.61 13.90 20.82
CA TYR E 266 28.45 13.93 19.96
C TYR E 266 27.45 12.83 20.32
N ILE E 267 27.89 11.57 20.25
CA ILE E 267 26.95 10.47 20.47
C ILE E 267 26.35 10.47 21.89
N PRO E 268 27.18 10.64 22.95
CA PRO E 268 26.64 10.77 24.29
C PRO E 268 25.65 11.92 24.47
N ASP E 269 25.95 13.08 23.91
CA ASP E 269 25.00 14.18 23.92
C ASP E 269 23.69 13.83 23.22
N LEU E 270 23.79 13.24 22.04
CA LEU E 270 22.61 12.82 21.27
C LEU E 270 21.77 11.84 22.07
N LEU E 271 22.41 10.84 22.68
CA LEU E 271 21.69 9.85 23.49
C LEU E 271 21.06 10.44 24.77
N ALA E 272 21.75 11.35 25.43
CA ALA E 272 21.17 12.07 26.58
C ALA E 272 19.94 12.90 26.14
N VAL E 273 20.08 13.70 25.09
CA VAL E 273 18.91 14.42 24.57
C VAL E 273 17.74 13.51 24.17
N ALA E 274 18.03 12.44 23.45
CA ALA E 274 16.97 11.51 23.04
C ALA E 274 16.28 10.87 24.23
N GLY E 275 17.04 10.67 25.30
CA GLY E 275 16.50 10.09 26.52
C GLY E 275 15.42 10.94 27.15
N PHE E 276 15.66 12.27 27.20
CA PHE E 276 14.69 13.21 27.79
C PHE E 276 13.54 13.51 26.84
N TYR E 277 13.77 13.44 25.53
CA TYR E 277 12.73 13.76 24.58
C TYR E 277 12.11 12.53 23.91
N LYS E 278 11.96 11.48 24.70
CA LYS E 278 11.41 10.20 24.24
C LYS E 278 10.10 10.35 23.50
N ASP E 279 9.28 11.30 23.95
CA ASP E 279 7.98 11.59 23.31
C ASP E 279 8.11 11.98 21.81
N TRP E 280 9.28 12.53 21.45
CA TRP E 280 9.57 12.88 20.07
C TRP E 280 9.84 11.66 19.19
N GLY E 281 9.80 10.48 19.80
CA GLY E 281 9.75 9.22 19.10
C GLY E 281 8.38 8.95 18.49
N GLY E 282 7.42 9.83 18.73
CA GLY E 282 6.10 9.68 18.17
C GLY E 282 5.59 10.87 17.41
N ILE E 283 6.51 11.69 16.93
CA ILE E 283 6.18 12.95 16.24
C ILE E 283 7.07 13.07 15.00
N GLY E 284 6.48 13.36 13.86
CA GLY E 284 7.26 13.68 12.67
C GLY E 284 7.73 12.52 11.81
N GLY E 285 7.03 11.38 11.90
CA GLY E 285 7.31 10.23 11.05
C GLY E 285 6.84 10.37 9.62
N THR E 286 7.52 9.69 8.70
CA THR E 286 7.08 9.60 7.31
C THR E 286 7.16 8.12 6.96
N SER E 287 6.89 7.72 5.73
CA SER E 287 6.74 6.30 5.40
C SER E 287 7.61 5.73 4.26
N ASN E 288 8.14 6.62 3.39
CA ASN E 288 8.96 6.20 2.23
C ASN E 288 10.43 6.67 2.30
N TYR E 289 11.36 5.79 1.93
CA TYR E 289 12.79 6.08 2.05
C TYR E 289 13.57 5.65 0.81
N LEU E 290 14.49 6.51 0.37
CA LEU E 290 15.29 6.29 -0.85
C LEU E 290 16.78 6.62 -0.60
N ALA E 291 17.67 5.77 -1.11
CA ALA E 291 19.09 6.07 -1.13
C ALA E 291 19.76 5.58 -2.43
N PHE E 292 20.78 6.31 -2.87
CA PHE E 292 21.53 5.94 -4.06
C PHE E 292 22.76 5.16 -3.61
N GLY E 293 22.92 5.04 -2.30
CA GLY E 293 24.11 4.46 -1.68
C GLY E 293 25.33 5.36 -1.78
N GLU E 294 26.29 5.15 -0.90
CA GLU E 294 27.57 5.85 -0.97
C GLU E 294 28.69 4.92 -0.52
N PHE E 295 29.92 5.37 -0.75
CA PHE E 295 31.13 4.63 -0.39
C PHE E 295 31.21 3.29 -1.12
N ALA E 296 31.15 3.34 -2.45
CA ALA E 296 31.16 2.15 -3.30
C ALA E 296 32.56 1.64 -3.57
N THR E 297 32.69 0.32 -3.68
CA THR E 297 33.95 -0.34 -4.01
C THR E 297 34.12 -0.43 -5.53
N ASP E 298 33.05 -0.13 -6.27
CA ASP E 298 33.07 -0.12 -7.72
C ASP E 298 32.22 1.05 -8.21
N ASP E 299 32.90 2.11 -8.65
CA ASP E 299 32.26 3.31 -9.16
C ASP E 299 32.42 3.47 -10.67
N SER E 300 32.59 2.37 -11.39
CA SER E 300 32.80 2.45 -12.84
C SER E 300 31.56 2.88 -13.63
N SER E 301 30.38 2.83 -12.99
CA SER E 301 29.13 3.21 -13.64
C SER E 301 28.02 3.49 -12.61
N PRO E 302 26.90 4.14 -13.03
CA PRO E 302 25.82 4.32 -12.05
C PRO E 302 25.38 2.98 -11.49
N GLU E 303 25.18 2.00 -12.39
CA GLU E 303 24.82 0.62 -12.03
C GLU E 303 25.68 0.05 -10.88
N LYS E 304 26.99 0.08 -11.09
CA LYS E 304 27.93 -0.47 -10.13
C LYS E 304 27.97 0.30 -8.81
N HIS E 305 27.68 1.59 -8.88
CA HIS E 305 27.51 2.40 -7.67
C HIS E 305 26.34 1.88 -6.82
N LEU E 306 25.17 1.76 -7.42
CA LEU E 306 23.97 1.30 -6.72
C LEU E 306 24.19 -0.08 -6.11
N ALA E 307 24.90 -0.94 -6.83
CA ALA E 307 25.12 -2.31 -6.39
C ALA E 307 26.16 -2.42 -5.28
N THR E 308 27.22 -1.61 -5.32
CA THR E 308 28.39 -1.90 -4.47
C THR E 308 28.65 -0.91 -3.35
N SER E 309 27.72 0.04 -3.19
CA SER E 309 27.77 1.01 -2.12
C SER E 309 27.78 0.37 -0.73
N GLN E 310 28.81 0.65 0.05
CA GLN E 310 28.95 0.10 1.41
C GLN E 310 27.87 0.58 2.40
N PHE E 311 27.42 1.82 2.24
CA PHE E 311 26.12 2.27 2.77
C PHE E 311 25.17 2.02 1.59
N PRO E 312 24.37 0.93 1.64
CA PRO E 312 23.65 0.45 0.46
C PRO E 312 22.53 1.35 -0.08
N SER E 313 22.34 1.32 -1.40
CA SER E 313 21.19 1.92 -2.07
C SER E 313 19.93 1.12 -1.78
N GLY E 314 18.78 1.70 -2.08
CA GLY E 314 17.52 0.99 -1.91
C GLY E 314 16.30 1.86 -1.87
N VAL E 315 15.12 1.23 -1.90
CA VAL E 315 13.83 1.92 -1.80
C VAL E 315 12.94 1.17 -0.81
N ILE E 316 12.43 1.90 0.19
CA ILE E 316 11.45 1.39 1.18
C ILE E 316 10.14 2.17 1.08
N THR E 317 9.03 1.44 1.06
CA THR E 317 7.70 2.01 0.96
C THR E 317 6.82 1.56 2.12
N GLY E 318 5.97 2.49 2.58
CA GLY E 318 5.02 2.20 3.67
C GLY E 318 5.62 1.47 4.84
N ARG E 319 6.80 1.94 5.27
CA ARG E 319 7.52 1.45 6.46
C ARG E 319 7.87 -0.05 6.47
N ASP E 320 7.76 -0.69 5.30
CA ASP E 320 7.94 -2.12 5.18
C ASP E 320 9.43 -2.46 5.05
N LEU E 321 10.03 -2.84 6.18
CA LEU E 321 11.44 -3.13 6.24
C LEU E 321 11.77 -4.47 5.62
N GLY E 322 10.76 -5.30 5.41
CA GLY E 322 10.94 -6.62 4.78
C GLY E 322 11.06 -6.59 3.26
N LYS E 323 10.90 -5.42 2.66
CA LYS E 323 10.87 -5.31 1.20
C LYS E 323 11.67 -4.10 0.70
N VAL E 324 12.98 -4.29 0.51
CA VAL E 324 13.83 -3.21 -0.03
C VAL E 324 14.04 -3.42 -1.52
N ASP E 325 13.51 -2.51 -2.33
CA ASP E 325 13.61 -2.67 -3.77
C ASP E 325 14.82 -1.94 -4.35
N ASN E 326 15.30 -2.42 -5.50
CA ASN E 326 16.34 -1.69 -6.25
C ASN E 326 15.82 -0.34 -6.74
N VAL E 327 16.70 0.67 -6.75
CA VAL E 327 16.37 1.98 -7.27
C VAL E 327 16.15 1.89 -8.77
N ASP E 328 14.98 2.32 -9.22
CA ASP E 328 14.71 2.42 -10.65
C ASP E 328 14.92 3.83 -11.08
N LEU E 329 16.13 4.10 -11.57
CA LEU E 329 16.48 5.46 -12.03
C LEU E 329 15.52 5.92 -13.13
N GLY E 330 14.84 4.99 -13.77
CA GLY E 330 13.87 5.35 -14.81
C GLY E 330 12.54 5.90 -14.28
N ALA E 331 12.24 5.56 -13.03
CA ALA E 331 11.00 5.98 -12.37
C ALA E 331 11.08 7.32 -11.61
N ILE E 332 12.21 8.01 -11.72
CA ILE E 332 12.37 9.32 -11.06
C ILE E 332 11.86 10.44 -11.98
N TYR E 333 11.02 11.31 -11.45
CA TYR E 333 10.65 12.51 -12.21
C TYR E 333 10.49 13.71 -11.29
N GLU E 334 10.27 14.89 -11.88
CA GLU E 334 9.98 16.08 -11.09
C GLU E 334 8.72 16.79 -11.56
N ASP E 335 7.89 17.19 -10.61
CA ASP E 335 6.70 18.02 -10.84
C ASP E 335 6.96 19.49 -10.49
N VAL E 336 6.16 20.38 -11.11
CA VAL E 336 6.21 21.84 -10.87
C VAL E 336 4.83 22.45 -10.61
N LYS E 337 3.79 21.63 -10.59
CA LYS E 337 2.43 22.16 -10.39
C LYS E 337 2.29 23.16 -9.22
N TYR E 338 2.94 22.87 -8.08
CA TYR E 338 2.83 23.74 -6.90
C TYR E 338 4.12 24.54 -6.72
N SER E 339 4.87 24.69 -7.82
CA SER E 339 6.16 25.36 -7.81
C SER E 339 6.13 26.59 -8.70
N TRP E 340 7.15 27.45 -8.53
CA TRP E 340 7.24 28.68 -9.29
C TRP E 340 7.93 28.47 -10.64
N TYR E 341 7.28 27.64 -11.45
CA TYR E 341 7.72 27.33 -12.80
C TYR E 341 6.54 27.42 -13.77
N ALA E 342 6.81 27.56 -15.07
CA ALA E 342 5.74 27.57 -16.05
C ALA E 342 4.95 26.26 -16.02
N PRO E 343 3.61 26.33 -15.77
CA PRO E 343 2.74 25.14 -15.84
C PRO E 343 2.90 24.31 -17.11
N GLY E 344 2.53 23.03 -17.03
CA GLY E 344 2.73 22.08 -18.11
C GLY E 344 4.14 21.52 -18.09
N GLY E 345 4.82 21.66 -16.94
CA GLY E 345 6.19 21.15 -16.79
C GLY E 345 6.27 19.91 -15.92
N ASP E 346 5.12 19.28 -15.69
CA ASP E 346 5.01 18.16 -14.73
C ASP E 346 5.55 16.83 -15.28
N GLY E 347 5.91 15.91 -14.38
CA GLY E 347 6.27 14.54 -14.77
C GLY E 347 7.47 14.40 -15.69
N LYS E 348 8.47 15.27 -15.52
CA LYS E 348 9.66 15.26 -16.37
C LYS E 348 10.75 14.42 -15.74
N HIS E 349 11.22 13.38 -16.44
CA HIS E 349 12.46 12.69 -16.05
C HIS E 349 13.62 13.68 -16.19
N PRO E 350 14.61 13.63 -15.27
CA PRO E 350 15.68 14.64 -15.27
C PRO E 350 16.48 14.74 -16.58
N TYR E 351 16.56 13.66 -17.35
CA TYR E 351 17.18 13.75 -18.68
C TYR E 351 16.38 14.69 -19.58
N ASP E 352 15.08 14.85 -19.27
CA ASP E 352 14.16 15.71 -20.02
C ASP E 352 13.73 16.92 -19.18
N GLY E 353 14.50 17.26 -18.15
CA GLY E 353 14.14 18.33 -17.23
C GLY E 353 14.00 19.69 -17.91
N VAL E 354 13.07 20.50 -17.40
CA VAL E 354 12.83 21.87 -17.87
C VAL E 354 12.89 22.77 -16.65
N THR E 355 13.60 23.89 -16.76
CA THR E 355 13.69 24.87 -15.68
C THR E 355 13.32 26.24 -16.21
N ASP E 356 12.02 26.55 -16.08
CA ASP E 356 11.38 27.73 -16.68
C ASP E 356 10.74 28.56 -15.57
N PRO E 357 11.55 29.39 -14.86
CA PRO E 357 11.04 30.10 -13.66
C PRO E 357 9.86 31.01 -13.93
N LYS E 358 8.89 31.01 -13.04
CA LYS E 358 7.71 31.85 -13.15
C LYS E 358 7.13 32.12 -11.77
N TYR E 359 7.33 33.32 -11.26
CA TYR E 359 6.89 33.64 -9.91
C TYR E 359 5.43 34.10 -9.90
N THR E 360 4.73 33.87 -8.78
CA THR E 360 3.36 34.37 -8.68
C THR E 360 3.30 35.39 -7.54
N LYS E 361 3.01 34.90 -6.34
CA LYS E 361 2.98 35.76 -5.17
C LYS E 361 3.26 34.96 -3.92
N LEU E 362 3.68 35.67 -2.88
CA LEU E 362 3.95 35.06 -1.58
C LEU E 362 2.68 34.40 -1.09
N ASP E 363 2.83 33.18 -0.58
CA ASP E 363 1.74 32.43 0.05
C ASP E 363 0.56 32.19 -0.90
N ASP E 364 0.91 31.74 -2.10
CA ASP E 364 -0.03 31.31 -3.10
C ASP E 364 -0.07 29.81 -2.97
N LYS E 365 -1.12 29.29 -2.35
CA LYS E 365 -1.16 27.84 -2.09
C LYS E 365 -1.16 26.97 -3.36
N ASP E 366 -1.36 27.61 -4.52
CA ASP E 366 -1.23 26.94 -5.82
C ASP E 366 0.19 26.90 -6.30
N HIS E 367 0.99 27.91 -5.96
CA HIS E 367 2.40 28.00 -6.37
C HIS E 367 3.17 28.66 -5.24
N TYR E 368 3.96 27.89 -4.50
CA TYR E 368 4.52 28.37 -3.23
C TYR E 368 5.97 27.98 -2.95
N SER E 369 6.69 27.48 -3.95
CA SER E 369 8.09 27.13 -3.73
C SER E 369 8.95 27.30 -4.98
N TRP E 370 10.22 27.63 -4.77
CA TRP E 370 11.19 27.59 -5.88
C TRP E 370 11.73 26.17 -6.11
N MET E 371 11.52 25.25 -5.16
CA MET E 371 11.86 23.84 -5.42
C MET E 371 10.84 23.18 -6.34
N LYS E 372 11.33 22.28 -7.19
CA LYS E 372 10.48 21.33 -7.91
C LYS E 372 10.08 20.24 -6.91
N ALA E 373 9.20 19.34 -7.31
CA ALA E 373 8.74 18.26 -6.42
C ALA E 373 9.11 16.90 -7.00
N PRO E 374 10.24 16.32 -6.56
CA PRO E 374 10.68 15.03 -7.09
C PRO E 374 9.82 13.90 -6.54
N ARG E 375 9.45 12.97 -7.42
CA ARG E 375 8.54 11.89 -7.07
C ARG E 375 9.03 10.61 -7.71
N TYR E 376 8.71 9.49 -7.08
CA TYR E 376 9.19 8.19 -7.49
C TYR E 376 7.94 7.33 -7.68
N LYS E 377 7.53 7.14 -8.93
CA LYS E 377 6.30 6.41 -9.26
C LYS E 377 5.10 7.04 -8.54
N GLY E 378 5.13 8.36 -8.39
CA GLY E 378 4.05 9.12 -7.74
C GLY E 378 4.22 9.44 -6.25
N LYS E 379 5.22 8.79 -5.64
CA LYS E 379 5.41 8.79 -4.19
C LYS E 379 6.50 9.75 -3.75
N ALA E 380 6.22 10.45 -2.65
CA ALA E 380 7.19 11.33 -2.03
C ALA E 380 8.22 10.47 -1.32
N MET E 381 9.48 10.87 -1.37
CA MET E 381 10.53 10.02 -0.79
C MET E 381 11.38 10.79 0.21
N GLU E 382 11.49 10.27 1.43
CA GLU E 382 12.42 10.85 2.38
C GLU E 382 13.81 10.35 2.06
N VAL E 383 14.77 11.26 2.01
CA VAL E 383 16.17 10.89 1.77
C VAL E 383 17.00 11.42 2.91
N GLY E 384 18.22 10.92 3.04
CA GLY E 384 19.10 11.38 4.10
C GLY E 384 19.52 10.26 5.04
N PRO E 385 20.12 10.62 6.19
CA PRO E 385 20.62 9.66 7.19
C PRO E 385 19.59 8.60 7.66
N LEU E 386 18.35 9.00 7.92
CA LEU E 386 17.31 8.06 8.34
C LEU E 386 16.99 7.07 7.22
N ALA E 387 16.90 7.56 5.98
CA ALA E 387 16.73 6.68 4.81
C ALA E 387 17.82 5.64 4.70
N ARG E 388 19.08 6.10 4.65
CA ARG E 388 20.24 5.20 4.60
C ARG E 388 20.26 4.19 5.76
N THR E 389 19.91 4.66 6.95
CA THR E 389 19.90 3.82 8.16
C THR E 389 18.87 2.69 8.08
N PHE E 390 17.64 3.01 7.67
CA PHE E 390 16.58 2.01 7.51
C PHE E 390 16.90 0.97 6.46
N ILE E 391 17.38 1.45 5.30
CA ILE E 391 17.75 0.58 4.17
C ILE E 391 18.89 -0.35 4.58
N ALA E 392 19.94 0.19 5.22
CA ALA E 392 21.09 -0.64 5.66
C ALA E 392 20.70 -1.63 6.77
N TYR E 393 19.87 -1.19 7.70
CA TYR E 393 19.40 -2.03 8.79
C TYR E 393 18.55 -3.19 8.26
N ALA E 394 17.61 -2.85 7.36
CA ALA E 394 16.74 -3.85 6.73
C ALA E 394 17.55 -4.82 5.89
N LYS E 395 18.62 -4.33 5.29
CA LYS E 395 19.48 -5.18 4.46
C LYS E 395 20.50 -5.98 5.29
N GLY E 396 20.53 -5.72 6.59
CA GLY E 396 21.42 -6.46 7.50
C GLY E 396 22.88 -6.01 7.49
N GLN E 397 23.14 -4.82 6.97
CA GLN E 397 24.48 -4.25 7.01
C GLN E 397 25.00 -4.24 8.46
N PRO E 398 26.11 -4.97 8.73
CA PRO E 398 26.62 -5.28 10.08
C PRO E 398 26.91 -4.07 10.96
N ASP E 399 27.51 -3.03 10.40
CA ASP E 399 27.81 -1.82 11.18
C ASP E 399 26.54 -1.11 11.63
N PHE E 400 25.60 -0.91 10.70
CA PHE E 400 24.31 -0.31 11.01
C PHE E 400 23.49 -1.16 11.98
N LYS E 401 23.42 -2.48 11.74
CA LYS E 401 22.72 -3.37 12.67
C LYS E 401 23.24 -3.17 14.11
N LYS E 402 24.57 -3.19 14.26
CA LYS E 402 25.25 -3.08 15.56
C LYS E 402 25.09 -1.70 16.23
N VAL E 403 25.20 -0.63 15.44
CA VAL E 403 25.02 0.74 15.98
C VAL E 403 23.55 1.05 16.31
N VAL E 404 22.64 0.76 15.38
CA VAL E 404 21.19 0.88 15.65
C VAL E 404 20.74 0.17 16.94
N ASP E 405 21.05 -1.12 17.06
CA ASP E 405 20.70 -1.89 18.24
C ASP E 405 21.26 -1.28 19.53
N MET E 406 22.51 -0.81 19.51
CA MET E 406 23.12 -0.07 20.62
C MET E 406 22.28 1.15 21.02
N VAL E 407 21.84 1.94 20.03
CA VAL E 407 20.94 3.08 20.25
C VAL E 407 19.58 2.66 20.81
N LEU E 408 18.90 1.73 20.13
CA LEU E 408 17.58 1.30 20.55
C LEU E 408 17.62 0.72 21.96
N GLY E 409 18.73 0.06 22.31
CA GLY E 409 18.90 -0.55 23.62
C GLY E 409 19.18 0.49 24.71
N LYS E 410 20.07 1.43 24.41
CA LYS E 410 20.34 2.51 25.36
C LYS E 410 19.09 3.36 25.66
N LEU E 411 18.18 3.46 24.70
CA LEU E 411 16.95 4.27 24.82
C LEU E 411 15.71 3.48 25.24
N SER E 412 15.78 2.16 25.08
CA SER E 412 14.65 1.26 25.35
C SER E 412 13.42 1.60 24.52
N VAL E 413 13.61 1.65 23.20
CA VAL E 413 12.50 1.93 22.29
C VAL E 413 12.53 0.88 21.18
N PRO E 414 11.34 0.53 20.61
CA PRO E 414 11.33 -0.37 19.45
C PRO E 414 11.93 0.31 18.23
N ALA E 415 12.32 -0.46 17.23
CA ALA E 415 12.86 0.11 16.01
C ALA E 415 11.83 1.00 15.28
N THR E 416 10.53 0.75 15.51
CA THR E 416 9.46 1.56 14.89
C THR E 416 9.44 2.99 15.39
N ALA E 417 10.04 3.21 16.56
CA ALA E 417 10.16 4.56 17.13
C ALA E 417 11.09 5.44 16.30
N LEU E 418 11.87 4.81 15.43
CA LEU E 418 12.78 5.54 14.53
C LEU E 418 12.08 6.32 13.40
N HIS E 419 10.84 5.99 13.12
CA HIS E 419 10.05 6.68 12.09
C HIS E 419 9.48 7.93 12.73
N SER E 420 10.35 8.91 12.99
CA SER E 420 9.96 10.08 13.75
C SER E 420 11.08 11.10 13.71
N THR E 421 10.81 12.28 14.25
CA THR E 421 11.83 13.33 14.37
C THR E 421 13.05 12.93 15.21
N LEU E 422 12.79 12.27 16.35
CA LEU E 422 13.88 11.70 17.19
C LEU E 422 14.74 10.74 16.39
N GLY E 423 14.11 9.82 15.66
CA GLY E 423 14.81 8.82 14.87
C GLY E 423 15.62 9.45 13.76
N ARG E 424 15.03 10.41 13.08
CA ARG E 424 15.73 11.20 12.06
C ARG E 424 17.00 11.87 12.62
N THR E 425 16.92 12.37 13.85
CA THR E 425 18.05 13.00 14.53
C THR E 425 19.12 11.98 14.97
N ALA E 426 18.64 10.86 15.54
CA ALA E 426 19.48 9.74 15.98
C ALA E 426 20.25 9.07 14.82
N ALA E 427 19.56 8.79 13.71
CA ALA E 427 20.20 8.26 12.50
C ALA E 427 21.39 9.09 11.99
N ARG E 428 21.31 10.42 12.10
CA ARG E 428 22.44 11.28 11.71
C ARG E 428 23.71 11.00 12.54
N GLY E 429 23.53 10.78 13.84
CA GLY E 429 24.64 10.41 14.75
C GLY E 429 25.11 8.99 14.49
N ILE E 430 24.16 8.08 14.33
CA ILE E 430 24.44 6.67 14.04
C ILE E 430 25.45 6.51 12.90
N GLU E 431 25.18 7.15 11.77
CA GLU E 431 26.04 7.00 10.61
C GLU E 431 27.36 7.74 10.74
N THR E 432 27.37 8.85 11.49
CA THR E 432 28.63 9.53 11.81
C THR E 432 29.58 8.58 12.56
N ALA E 433 29.03 7.89 13.56
CA ALA E 433 29.75 6.87 14.28
C ALA E 433 30.31 5.80 13.34
N ILE E 434 29.52 5.40 12.35
CA ILE E 434 29.93 4.33 11.43
C ILE E 434 31.03 4.79 10.46
N VAL E 435 30.91 6.03 9.97
CA VAL E 435 31.94 6.61 9.11
C VAL E 435 33.26 6.67 9.87
N CYS E 436 33.19 7.15 11.11
CA CYS E 436 34.34 7.15 12.01
C CYS E 436 35.00 5.77 12.20
N ALA E 437 34.18 4.74 12.35
CA ALA E 437 34.70 3.38 12.51
C ALA E 437 35.40 2.83 11.27
N ASN E 438 35.20 3.49 10.12
CA ASN E 438 35.75 3.00 8.85
C ASN E 438 36.94 3.80 8.32
N MET E 439 37.17 4.97 8.92
CA MET E 439 38.21 5.89 8.45
C MET E 439 39.62 5.27 8.36
N GLU E 440 40.03 4.55 9.41
CA GLU E 440 41.36 3.95 9.42
C GLU E 440 41.52 2.91 8.33
N LYS E 441 40.56 2.01 8.20
CA LYS E 441 40.56 1.02 7.13
C LYS E 441 40.65 1.68 5.74
N TRP E 442 39.77 2.63 5.47
CA TRP E 442 39.75 3.33 4.19
C TRP E 442 41.07 4.04 3.90
N ILE E 443 41.60 4.75 4.90
CA ILE E 443 42.88 5.45 4.75
C ILE E 443 44.05 4.51 4.44
N LYS E 444 44.10 3.38 5.15
CA LYS E 444 45.14 2.38 4.91
C LYS E 444 45.02 1.80 3.51
N GLU E 445 43.79 1.57 3.05
CA GLU E 445 43.55 1.10 1.69
C GLU E 445 44.23 1.99 0.65
N MET E 446 44.02 3.30 0.78
CA MET E 446 44.55 4.26 -0.18
C MET E 446 46.05 4.52 -0.04
N ALA E 447 46.53 4.58 1.21
CA ALA E 447 47.96 4.73 1.51
C ALA E 447 48.80 3.65 0.82
N ASP E 448 48.36 2.40 0.95
CA ASP E 448 49.04 1.26 0.33
C ASP E 448 48.92 1.30 -1.18
N SER E 449 47.68 1.45 -1.66
CA SER E 449 47.42 1.53 -3.09
C SER E 449 48.25 2.64 -3.74
N GLY E 450 48.29 3.80 -3.08
CA GLY E 450 49.04 4.97 -3.56
C GLY E 450 50.55 4.82 -3.51
N ALA E 451 51.05 3.92 -2.66
CA ALA E 451 52.49 3.65 -2.56
C ALA E 451 52.94 2.52 -3.46
N LYS E 452 52.00 1.70 -3.94
CA LYS E 452 52.31 0.67 -4.94
C LYS E 452 52.15 1.22 -6.35
N ASP E 453 51.08 1.99 -6.57
CA ASP E 453 50.83 2.65 -7.84
C ASP E 453 50.14 4.00 -7.66
N ASN E 454 50.74 5.06 -8.21
CA ASN E 454 50.18 6.41 -8.00
C ASN E 454 49.22 6.96 -9.08
N THR E 455 48.74 6.08 -9.97
CA THR E 455 47.77 6.44 -11.02
C THR E 455 46.48 6.98 -10.41
N LEU E 456 46.09 8.18 -10.84
CA LEU E 456 44.99 8.92 -10.22
C LEU E 456 43.97 9.48 -11.22
N CYS E 457 44.34 9.52 -12.50
CA CYS E 457 43.47 10.06 -13.56
C CYS E 457 43.58 9.20 -14.82
N ALA E 458 42.44 8.84 -15.40
CA ALA E 458 42.40 8.02 -16.61
C ALA E 458 42.27 8.91 -17.85
N LYS E 459 42.70 8.41 -19.01
CA LYS E 459 42.52 9.11 -20.28
C LYS E 459 41.09 8.98 -20.77
N TRP E 460 40.60 10.01 -21.46
CA TRP E 460 39.20 10.09 -21.91
C TRP E 460 39.03 11.00 -23.14
N GLU E 461 37.87 10.90 -23.79
CA GLU E 461 37.58 11.71 -24.97
C GLU E 461 36.18 12.31 -24.95
N MET E 462 36.08 13.60 -25.30
CA MET E 462 34.79 14.28 -25.32
C MET E 462 33.93 13.85 -26.52
N PRO E 463 32.77 13.22 -26.24
CA PRO E 463 31.92 12.79 -27.34
C PRO E 463 31.14 13.98 -27.92
N GLU E 464 30.78 13.89 -29.20
CA GLU E 464 29.91 14.87 -29.84
C GLU E 464 28.58 14.95 -29.08
N GLU E 465 28.09 13.76 -28.75
CA GLU E 465 26.75 13.61 -28.25
C GLU E 465 26.67 12.43 -27.29
N SER E 466 26.21 12.70 -26.06
CA SER E 466 26.09 11.67 -25.05
C SER E 466 25.15 12.13 -23.94
N LYS E 467 24.91 11.24 -22.99
CA LYS E 467 24.25 11.60 -21.74
C LYS E 467 24.89 10.82 -20.61
N GLY E 468 24.72 11.32 -19.39
CA GLY E 468 25.29 10.68 -18.20
C GLY E 468 24.61 11.13 -16.92
N VAL E 469 24.65 10.25 -15.92
CA VAL E 469 24.12 10.53 -14.60
C VAL E 469 25.18 10.28 -13.54
N GLY E 470 25.30 11.19 -12.57
CA GLY E 470 26.21 11.01 -11.45
C GLY E 470 25.42 10.90 -10.18
N LEU E 471 25.61 9.79 -9.45
CA LEU E 471 24.88 9.52 -8.21
C LEU E 471 25.76 9.62 -6.98
N ALA E 472 25.26 10.26 -5.94
CA ALA E 472 25.92 10.25 -4.64
C ALA E 472 24.88 10.28 -3.53
N ASP E 473 25.22 9.71 -2.37
CA ASP E 473 24.48 10.03 -1.18
C ASP E 473 25.22 11.04 -0.33
N ALA E 474 24.83 12.30 -0.47
CA ALA E 474 25.40 13.40 0.29
C ALA E 474 24.96 13.32 1.76
N PRO E 475 25.49 14.20 2.64
CA PRO E 475 25.02 14.13 4.04
C PRO E 475 23.50 14.24 4.20
N ARG E 476 22.82 14.94 3.30
CA ARG E 476 21.37 15.11 3.37
C ARG E 476 20.56 14.09 2.55
N GLY E 477 21.25 13.27 1.75
CA GLY E 477 20.61 12.16 1.05
C GLY E 477 20.97 11.96 -0.41
N ALA E 478 20.03 11.34 -1.14
CA ALA E 478 20.22 10.96 -2.56
C ALA E 478 20.34 12.14 -3.52
N LEU E 479 21.56 12.30 -4.06
CA LEU E 479 21.90 13.37 -5.00
C LEU E 479 22.14 12.79 -6.40
N SER E 480 21.56 13.42 -7.42
CA SER E 480 21.85 13.04 -8.79
C SER E 480 22.04 14.28 -9.70
N HIS E 481 23.07 14.23 -10.54
CA HIS E 481 23.25 15.22 -11.61
C HIS E 481 23.04 14.48 -12.93
N TRP E 482 22.39 15.12 -13.89
CA TRP E 482 22.07 14.49 -15.18
C TRP E 482 22.43 15.43 -16.30
N ILE E 483 23.23 14.93 -17.26
CA ILE E 483 23.71 15.73 -18.36
C ILE E 483 23.30 15.19 -19.73
N ARG E 484 22.93 16.10 -20.62
CA ARG E 484 22.86 15.83 -22.06
C ARG E 484 23.93 16.67 -22.73
N ILE E 485 24.79 16.00 -23.51
CA ILE E 485 25.85 16.65 -24.27
C ILE E 485 25.47 16.64 -25.75
N LYS E 486 25.61 17.78 -26.40
CA LYS E 486 25.31 17.90 -27.81
C LYS E 486 26.28 18.91 -28.42
N GLY E 487 26.91 18.52 -29.52
CA GLY E 487 28.00 19.30 -30.09
C GLY E 487 29.13 19.56 -29.09
N LYS E 488 29.42 18.56 -28.25
CA LYS E 488 30.47 18.66 -27.22
C LYS E 488 30.21 19.75 -26.15
N LYS E 489 28.97 20.25 -26.09
CA LYS E 489 28.60 21.26 -25.10
C LYS E 489 27.45 20.74 -24.24
N ILE E 490 27.19 21.43 -23.14
CA ILE E 490 26.04 21.09 -22.29
C ILE E 490 24.75 21.54 -22.99
N ASP E 491 23.92 20.57 -23.32
CA ASP E 491 22.60 20.81 -23.91
C ASP E 491 21.52 20.89 -22.84
N ASN E 492 21.65 20.03 -21.82
CA ASN E 492 20.81 20.06 -20.64
C ASN E 492 21.61 19.59 -19.45
N PHE E 493 21.47 20.31 -18.34
CA PHE E 493 22.07 19.88 -17.10
C PHE E 493 21.08 20.06 -15.95
N GLN E 494 20.67 18.94 -15.36
CA GLN E 494 19.68 18.96 -14.29
C GLN E 494 20.23 18.37 -12.98
N LEU E 495 20.05 19.12 -11.89
CA LEU E 495 20.32 18.62 -10.53
C LEU E 495 18.99 18.21 -9.87
N VAL E 496 18.98 17.04 -9.22
CA VAL E 496 17.89 16.66 -8.33
C VAL E 496 18.55 16.34 -7.00
N VAL E 497 18.26 17.14 -5.99
CA VAL E 497 19.10 17.26 -4.78
C VAL E 497 18.32 16.78 -3.54
N PRO E 498 19.01 16.18 -2.54
CA PRO E 498 18.26 15.66 -1.39
C PRO E 498 17.23 16.60 -0.77
N SER E 499 17.56 17.89 -0.60
CA SER E 499 16.60 18.83 -0.01
C SER E 499 15.42 19.12 -0.97
N THR E 500 15.61 18.96 -2.27
CA THR E 500 14.49 18.95 -3.22
C THR E 500 13.52 17.81 -2.90
N TRP E 501 14.05 16.60 -2.66
CA TRP E 501 13.21 15.43 -2.24
C TRP E 501 12.48 15.67 -0.91
N ASN E 502 13.25 16.03 0.11
CA ASN E 502 12.74 16.25 1.45
C ASN E 502 11.84 17.48 1.65
N LEU E 503 12.26 18.64 1.14
CA LEU E 503 11.63 19.93 1.46
C LEU E 503 10.90 20.61 0.28
N GLY E 504 10.86 19.95 -0.87
CA GLY E 504 10.09 20.45 -2.03
C GLY E 504 8.61 20.53 -1.67
N PRO E 505 7.80 21.16 -2.54
CA PRO E 505 6.37 21.30 -2.31
C PRO E 505 5.59 20.07 -2.72
N ARG E 506 4.27 20.21 -2.83
CA ARG E 506 3.41 19.09 -3.21
C ARG E 506 3.69 18.68 -4.64
N GLY E 507 3.41 17.43 -4.96
CA GLY E 507 3.51 16.92 -6.33
C GLY E 507 2.22 17.15 -7.09
N ALA E 508 2.19 16.73 -8.36
CA ALA E 508 1.06 17.01 -9.26
C ALA E 508 -0.26 16.45 -8.72
N GLN E 509 -0.19 15.50 -7.78
CA GLN E 509 -1.40 14.95 -7.14
C GLN E 509 -1.85 15.74 -5.91
N GLY E 510 -1.13 16.79 -5.56
CA GLY E 510 -1.42 17.52 -4.35
C GLY E 510 -0.92 16.79 -3.12
N ASP E 511 -0.08 15.78 -3.33
CA ASP E 511 0.51 14.98 -2.24
C ASP E 511 1.68 15.71 -1.57
N LYS E 512 1.62 15.82 -0.24
CA LYS E 512 2.61 16.54 0.54
C LYS E 512 4.00 15.89 0.46
N SER E 513 5.03 16.72 0.51
CA SER E 513 6.41 16.25 0.56
C SER E 513 6.73 15.67 1.94
N PRO E 514 7.95 15.14 2.14
CA PRO E 514 8.25 14.51 3.44
C PRO E 514 8.18 15.45 4.64
N VAL E 515 8.71 16.66 4.49
CA VAL E 515 8.73 17.61 5.59
C VAL E 515 7.32 18.09 5.91
N GLU E 516 6.51 18.32 4.89
CA GLU E 516 5.12 18.77 5.05
C GLU E 516 4.27 17.70 5.77
N GLU E 517 4.52 16.45 5.40
CA GLU E 517 3.88 15.32 6.04
C GLU E 517 4.38 15.13 7.49
N ALA E 518 5.69 15.25 7.68
CA ALA E 518 6.30 15.13 9.02
C ALA E 518 5.73 16.15 10.00
N LEU E 519 5.43 17.35 9.50
CA LEU E 519 4.91 18.45 10.32
C LEU E 519 3.46 18.25 10.80
N ILE E 520 2.66 17.46 10.07
CA ILE E 520 1.31 17.12 10.52
C ILE E 520 1.35 16.42 11.88
N GLY E 521 0.59 16.95 12.85
CA GLY E 521 0.52 16.39 14.21
C GLY E 521 1.49 17.01 15.20
N THR E 522 2.35 17.91 14.73
CA THR E 522 3.28 18.63 15.63
C THR E 522 2.52 19.38 16.73
N PRO E 523 2.85 19.09 18.01
CA PRO E 523 2.22 19.87 19.09
C PRO E 523 2.92 21.22 19.24
N ILE E 524 2.16 22.25 19.58
CA ILE E 524 2.69 23.61 19.76
C ILE E 524 2.39 24.05 21.21
N ALA E 525 3.41 23.98 22.07
CA ALA E 525 3.27 24.44 23.46
C ALA E 525 3.01 25.94 23.56
N ASP E 526 3.62 26.72 22.66
CA ASP E 526 3.57 28.18 22.73
C ASP E 526 3.62 28.79 21.31
N PRO E 527 2.48 29.21 20.77
CA PRO E 527 2.46 29.71 19.38
C PRO E 527 3.40 30.90 19.13
N LYS E 528 3.64 31.69 20.17
CA LYS E 528 4.58 32.81 20.12
C LYS E 528 6.01 32.32 19.84
N ARG E 529 6.34 31.11 20.32
CA ARG E 529 7.71 30.57 20.20
C ARG E 529 7.66 29.09 19.74
N PRO E 530 7.33 28.84 18.46
CA PRO E 530 7.04 27.47 17.99
C PRO E 530 8.29 26.61 17.76
N VAL E 531 9.01 26.30 18.83
CA VAL E 531 10.25 25.49 18.73
C VAL E 531 9.97 24.14 18.06
N GLU E 532 8.74 23.62 18.18
CA GLU E 532 8.46 22.25 17.72
C GLU E 532 8.51 22.13 16.19
N ILE E 533 8.07 23.18 15.50
CA ILE E 533 8.28 23.33 14.04
C ILE E 533 9.76 23.27 13.66
N LEU E 534 10.59 24.08 14.32
CA LEU E 534 12.05 24.04 14.13
C LEU E 534 12.64 22.65 14.34
N ARG E 535 12.22 21.94 15.39
CA ARG E 535 12.82 20.64 15.70
C ARG E 535 12.67 19.65 14.52
N THR E 536 11.47 19.58 13.96
CA THR E 536 11.19 18.68 12.85
C THR E 536 11.89 19.18 11.58
N VAL E 537 11.74 20.45 11.25
CA VAL E 537 12.35 21.01 10.02
C VAL E 537 13.88 20.81 10.03
N HIS E 538 14.53 21.21 11.13
CA HIS E 538 15.98 21.00 11.32
C HIS E 538 16.43 19.54 11.29
N ALA E 539 15.60 18.63 11.77
CA ALA E 539 15.96 17.20 11.73
C ALA E 539 16.20 16.66 10.31
N PHE E 540 15.49 17.23 9.33
CA PHE E 540 15.71 16.99 7.89
C PHE E 540 16.97 17.69 7.35
N ASP E 541 17.60 18.54 8.17
CA ASP E 541 18.88 19.18 7.82
C ASP E 541 18.72 19.94 6.48
N PRO E 542 17.80 20.93 6.42
CA PRO E 542 17.44 21.58 5.15
C PRO E 542 18.60 22.34 4.51
N CSO E 543 18.70 22.24 3.18
CA CSO E 543 19.69 22.98 2.42
CB CSO E 543 20.87 22.08 2.03
SG CSO E 543 22.42 22.94 1.81
C CSO E 543 18.94 23.57 1.25
O CSO E 543 18.62 22.87 0.28
OD CSO E 543 21.95 24.14 0.65
N ILE E 544 18.64 24.87 1.31
CA ILE E 544 17.69 25.46 0.36
C ILE E 544 18.36 25.81 -0.98
N ALA E 545 19.60 26.28 -0.90
CA ALA E 545 20.43 26.52 -2.08
C ALA E 545 20.64 25.21 -2.84
N CYS E 546 20.85 24.12 -2.10
CA CYS E 546 20.88 22.79 -2.70
C CYS E 546 19.54 22.48 -3.39
N GLY E 547 18.44 22.65 -2.65
CA GLY E 547 17.12 22.23 -3.12
C GLY E 547 16.66 22.96 -4.37
N VAL E 548 16.97 24.24 -4.45
CA VAL E 548 16.54 25.08 -5.60
C VAL E 548 17.61 25.18 -6.69
N HIS E 549 18.85 25.41 -6.29
CA HIS E 549 19.94 25.63 -7.22
C HIS E 549 19.54 26.60 -8.34
N PRO F 6 17.41 -32.86 -59.30
CA PRO F 6 18.02 -33.32 -58.07
C PRO F 6 18.05 -32.21 -57.03
N THR F 7 18.06 -32.60 -55.75
CA THR F 7 18.08 -31.64 -54.65
C THR F 7 19.44 -30.97 -54.58
N PRO F 8 19.50 -29.63 -54.71
CA PRO F 8 20.78 -28.89 -54.65
C PRO F 8 21.51 -29.12 -53.33
N GLN F 9 22.82 -29.33 -53.40
CA GLN F 9 23.61 -29.70 -52.24
C GLN F 9 25.06 -29.26 -52.46
N SER F 10 25.60 -28.46 -51.53
CA SER F 10 26.98 -27.99 -51.64
C SER F 10 27.93 -29.11 -51.26
N THR F 11 29.23 -28.82 -51.24
CA THR F 11 30.22 -29.76 -50.73
C THR F 11 30.73 -29.29 -49.36
N PHE F 12 29.96 -28.41 -48.71
CA PHE F 12 30.40 -27.80 -47.45
C PHE F 12 30.63 -28.82 -46.33
N THR F 13 31.81 -28.72 -45.72
CA THR F 13 32.13 -29.48 -44.51
C THR F 13 32.54 -28.54 -43.38
N GLY F 14 31.79 -28.59 -42.27
CA GLY F 14 32.05 -27.74 -41.10
C GLY F 14 30.82 -27.51 -40.24
N PRO F 15 30.94 -26.66 -39.21
CA PRO F 15 29.80 -26.34 -38.36
C PRO F 15 28.91 -25.25 -38.97
N ILE F 16 27.61 -25.29 -38.68
CA ILE F 16 26.72 -24.14 -38.93
C ILE F 16 25.90 -23.86 -37.67
N VAL F 17 25.82 -22.60 -37.27
CA VAL F 17 24.94 -22.19 -36.17
C VAL F 17 23.92 -21.17 -36.68
N VAL F 18 22.64 -21.44 -36.40
CA VAL F 18 21.56 -20.50 -36.69
C VAL F 18 20.91 -20.07 -35.37
N ASP F 19 21.10 -18.79 -35.03
CA ASP F 19 20.65 -18.20 -33.78
C ASP F 19 20.66 -16.69 -34.01
N PRO F 20 19.50 -16.03 -34.05
CA PRO F 20 18.20 -16.63 -33.74
C PRO F 20 17.56 -17.47 -34.86
N ILE F 21 16.82 -18.50 -34.48
CA ILE F 21 15.87 -19.09 -35.40
C ILE F 21 14.66 -18.16 -35.35
N THR F 22 14.38 -17.50 -36.46
CA THR F 22 13.25 -16.57 -36.53
C THR F 22 12.03 -17.30 -37.07
N ARG F 23 10.90 -16.59 -37.09
CA ARG F 23 9.62 -17.16 -37.49
C ARG F 23 9.25 -18.43 -36.72
N ILE F 24 9.55 -18.41 -35.42
CA ILE F 24 9.04 -19.35 -34.42
C ILE F 24 8.59 -18.51 -33.24
N GLU F 25 8.04 -19.15 -32.22
CA GLU F 25 7.86 -18.51 -30.94
C GLU F 25 9.08 -18.84 -30.10
N GLY F 26 9.67 -17.80 -29.49
CA GLY F 26 10.72 -18.01 -28.52
C GLY F 26 12.12 -18.04 -29.08
N HIS F 27 13.06 -18.48 -28.25
CA HIS F 27 14.47 -18.28 -28.55
C HIS F 27 15.19 -19.62 -28.71
N LEU F 28 15.42 -19.97 -29.97
CA LEU F 28 16.09 -21.21 -30.32
C LEU F 28 17.44 -20.98 -31.00
N ARG F 29 18.42 -21.77 -30.58
CA ARG F 29 19.71 -21.81 -31.23
C ARG F 29 19.86 -23.23 -31.78
N ILE F 30 20.15 -23.34 -33.07
CA ILE F 30 20.41 -24.64 -33.70
C ILE F 30 21.88 -24.70 -34.10
N MET F 31 22.54 -25.79 -33.70
CA MET F 31 23.93 -26.06 -34.10
C MET F 31 23.96 -27.38 -34.88
N VAL F 32 24.61 -27.37 -36.04
CA VAL F 32 24.81 -28.60 -36.82
C VAL F 32 26.26 -28.80 -37.23
N GLU F 33 26.66 -30.04 -37.50
CA GLU F 33 27.90 -30.39 -38.20
C GLU F 33 27.54 -30.79 -39.64
N VAL F 34 28.11 -30.11 -40.61
CA VAL F 34 27.91 -30.50 -41.99
C VAL F 34 29.10 -31.22 -42.59
N GLU F 35 28.83 -31.95 -43.65
CA GLU F 35 29.85 -32.71 -44.35
C GLU F 35 29.43 -32.99 -45.75
N ASN F 36 30.22 -32.47 -46.67
CA ASN F 36 29.96 -32.68 -48.07
C ASN F 36 28.56 -32.31 -48.36
N GLY F 37 28.15 -31.21 -47.78
CA GLY F 37 26.82 -30.65 -47.96
C GLY F 37 25.61 -31.31 -47.27
N LYS F 38 25.83 -32.27 -46.39
CA LYS F 38 24.72 -32.89 -45.66
C LYS F 38 24.94 -32.87 -44.16
N VAL F 39 23.89 -32.51 -43.42
CA VAL F 39 23.94 -32.49 -41.96
C VAL F 39 24.24 -33.89 -41.44
N LYS F 40 25.18 -33.95 -40.51
CA LYS F 40 25.74 -35.16 -40.01
C LYS F 40 25.42 -35.33 -38.51
N ASP F 41 25.30 -34.22 -37.80
CA ASP F 41 24.93 -34.21 -36.38
C ASP F 41 24.22 -32.89 -36.06
N ALA F 42 23.42 -32.87 -35.00
CA ALA F 42 22.58 -31.71 -34.68
C ALA F 42 22.34 -31.51 -33.19
N TRP F 43 22.12 -30.26 -32.81
CA TRP F 43 21.81 -29.88 -31.44
C TRP F 43 20.72 -28.81 -31.44
N SER F 44 19.71 -29.02 -30.61
CA SER F 44 18.61 -28.07 -30.47
C SER F 44 18.73 -27.41 -29.12
N SER F 45 19.10 -26.14 -29.13
CA SER F 45 19.48 -25.42 -27.91
C SER F 45 18.51 -24.28 -27.60
N SER F 46 17.65 -24.48 -26.60
CA SER F 46 16.72 -23.45 -26.15
C SER F 46 17.40 -22.44 -25.23
N GLN F 47 17.14 -21.16 -25.49
CA GLN F 47 18.01 -20.09 -24.99
C GLN F 47 17.39 -19.19 -23.92
N LEU F 48 16.14 -19.46 -23.52
CA LEU F 48 15.46 -18.69 -22.46
C LEU F 48 14.79 -19.58 -21.40
N PHE F 49 14.98 -19.22 -20.13
CA PHE F 49 14.29 -19.88 -19.01
C PHE F 49 13.53 -18.86 -18.19
N ARG F 50 12.29 -19.18 -17.85
CA ARG F 50 11.42 -18.29 -17.05
C ARG F 50 11.07 -18.91 -15.69
N GLY F 51 10.69 -20.18 -15.67
CA GLY F 51 10.55 -20.92 -14.42
C GLY F 51 9.16 -20.93 -13.81
N LEU F 52 8.14 -21.11 -14.64
CA LEU F 52 6.76 -21.07 -14.16
C LEU F 52 6.44 -22.13 -13.10
N GLU F 53 7.05 -23.30 -13.23
CA GLU F 53 6.88 -24.39 -12.26
C GLU F 53 7.38 -23.99 -10.86
N ILE F 54 8.53 -23.34 -10.83
CA ILE F 54 9.06 -22.73 -9.60
C ILE F 54 8.08 -21.68 -9.05
N ILE F 55 7.65 -20.77 -9.93
CA ILE F 55 6.78 -19.65 -9.51
C ILE F 55 5.46 -20.11 -8.87
N LEU F 56 4.92 -21.22 -9.36
CA LEU F 56 3.63 -21.73 -8.91
C LEU F 56 3.63 -22.36 -7.50
N LYS F 57 4.81 -22.80 -7.03
CA LYS F 57 4.93 -23.49 -5.75
C LYS F 57 4.41 -22.68 -4.57
N GLY F 58 3.49 -23.28 -3.81
CA GLY F 58 2.91 -22.62 -2.65
C GLY F 58 1.70 -21.73 -2.93
N ARG F 59 1.36 -21.55 -4.20
CA ARG F 59 0.21 -20.72 -4.60
C ARG F 59 -1.15 -21.48 -4.58
N ASP F 60 -2.24 -20.74 -4.74
CA ASP F 60 -3.60 -21.28 -4.81
C ASP F 60 -3.79 -22.07 -6.13
N PRO F 61 -4.22 -23.36 -6.04
CA PRO F 61 -4.42 -24.13 -7.26
C PRO F 61 -5.40 -23.45 -8.25
N ARG F 62 -6.31 -22.62 -7.76
CA ARG F 62 -7.23 -21.90 -8.66
C ARG F 62 -6.48 -20.88 -9.52
N ASP F 63 -5.32 -20.43 -9.05
CA ASP F 63 -4.52 -19.46 -9.79
C ASP F 63 -3.71 -20.06 -10.93
N ALA F 64 -3.44 -21.37 -10.88
CA ALA F 64 -2.53 -22.01 -11.81
C ALA F 64 -2.79 -21.64 -13.26
N GLN F 65 -4.04 -21.83 -13.70
CA GLN F 65 -4.39 -21.64 -15.11
C GLN F 65 -4.03 -20.25 -15.65
N HIS F 66 -3.95 -19.26 -14.74
CA HIS F 66 -3.66 -17.89 -15.12
C HIS F 66 -2.17 -17.62 -15.31
N PHE F 67 -1.35 -18.27 -14.49
CA PHE F 67 0.09 -18.26 -14.66
C PHE F 67 0.49 -19.10 -15.90
N THR F 68 0.00 -20.35 -15.96
CA THR F 68 0.41 -21.26 -17.03
C THR F 68 -0.01 -20.78 -18.42
N GLN F 69 -1.11 -20.03 -18.53
CA GLN F 69 -1.52 -19.58 -19.85
C GLN F 69 -0.42 -18.74 -20.44
N ARG F 70 0.27 -18.00 -19.57
CA ARG F 70 1.42 -17.17 -19.99
C ARG F 70 2.69 -17.99 -20.29
N ALA F 71 2.59 -19.32 -20.32
CA ALA F 71 3.64 -20.12 -20.97
C ALA F 71 3.77 -19.75 -22.45
N CYS F 72 2.66 -19.34 -23.07
CA CYS F 72 2.68 -19.02 -24.49
C CYS F 72 1.47 -18.21 -24.94
N GLY F 73 1.74 -17.11 -25.65
CA GLY F 73 0.71 -16.27 -26.26
C GLY F 73 0.40 -16.60 -27.73
N VAL F 74 1.17 -17.52 -28.33
CA VAL F 74 0.87 -18.05 -29.67
C VAL F 74 -0.14 -19.18 -29.53
N CYS F 75 0.23 -20.24 -28.80
CA CYS F 75 -0.72 -21.23 -28.37
C CYS F 75 -1.39 -20.71 -27.08
N THR F 76 -1.99 -19.52 -27.19
CA THR F 76 -2.82 -19.01 -26.13
C THR F 76 -3.94 -20.01 -25.84
N TYR F 77 -4.54 -19.88 -24.66
CA TYR F 77 -5.60 -20.78 -24.17
C TYR F 77 -5.17 -22.18 -23.73
N VAL F 78 -4.37 -22.86 -24.55
CA VAL F 78 -4.15 -24.28 -24.34
C VAL F 78 -3.63 -24.61 -22.93
N HIS F 79 -2.83 -23.73 -22.35
CA HIS F 79 -2.29 -23.99 -21.01
C HIS F 79 -3.32 -23.71 -19.93
N ALA F 80 -4.16 -22.71 -20.17
CA ALA F 80 -5.30 -22.47 -19.29
C ALA F 80 -6.20 -23.72 -19.28
N LEU F 81 -6.43 -24.30 -20.45
CA LEU F 81 -7.23 -25.50 -20.59
C LEU F 81 -6.60 -26.70 -19.87
N ALA F 82 -5.31 -26.91 -20.09
CA ALA F 82 -4.61 -28.05 -19.49
C ALA F 82 -4.54 -27.92 -17.97
N SER F 83 -4.34 -26.70 -17.47
CA SER F 83 -4.38 -26.45 -16.02
C SER F 83 -5.76 -26.65 -15.43
N SER F 84 -6.80 -26.20 -16.13
CA SER F 84 -8.17 -26.40 -15.65
C SER F 84 -8.52 -27.90 -15.60
N ARG F 85 -8.22 -28.63 -16.67
CA ARG F 85 -8.42 -30.08 -16.69
C ARG F 85 -7.65 -30.73 -15.55
N CYS F 86 -6.42 -30.26 -15.35
CA CYS F 86 -5.53 -30.74 -14.29
C CYS F 86 -6.14 -30.54 -12.89
N VAL F 87 -6.56 -29.31 -12.60
CA VAL F 87 -7.15 -28.98 -11.30
C VAL F 87 -8.52 -29.66 -11.12
N ASP F 88 -9.33 -29.69 -12.18
CA ASP F 88 -10.61 -30.42 -12.20
C ASP F 88 -10.44 -31.90 -11.81
N ASP F 89 -9.38 -32.53 -12.32
CA ASP F 89 -9.07 -33.92 -12.01
C ASP F 89 -8.61 -34.06 -10.55
N ALA F 90 -7.83 -33.09 -10.10
CA ALA F 90 -7.28 -33.12 -8.74
C ALA F 90 -8.35 -32.95 -7.68
N VAL F 91 -9.39 -32.18 -7.99
CA VAL F 91 -10.50 -32.03 -7.02
C VAL F 91 -11.65 -32.97 -7.34
N LYS F 92 -11.48 -33.78 -8.39
CA LYS F 92 -12.42 -34.84 -8.78
C LYS F 92 -13.81 -34.27 -9.08
N VAL F 93 -13.84 -33.26 -9.92
CA VAL F 93 -15.10 -32.70 -10.38
C VAL F 93 -15.20 -33.03 -11.86
N SER F 94 -16.38 -33.49 -12.27
CA SER F 94 -16.65 -33.77 -13.67
C SER F 94 -17.42 -32.57 -14.18
N ILE F 95 -16.93 -31.94 -15.25
CA ILE F 95 -17.53 -30.68 -15.71
C ILE F 95 -18.84 -30.91 -16.47
N PRO F 96 -19.73 -29.88 -16.50
CA PRO F 96 -21.01 -30.10 -17.21
C PRO F 96 -20.82 -30.24 -18.72
N ALA F 97 -21.73 -30.94 -19.38
CA ALA F 97 -21.64 -31.17 -20.83
C ALA F 97 -21.37 -29.87 -21.61
N ASN F 98 -22.05 -28.78 -21.25
CA ASN F 98 -21.86 -27.47 -21.91
C ASN F 98 -20.44 -26.90 -21.78
N ALA F 99 -19.79 -27.22 -20.67
CA ALA F 99 -18.41 -26.81 -20.40
C ALA F 99 -17.43 -27.60 -21.25
N ARG F 100 -17.71 -28.90 -21.43
CA ARG F 100 -16.90 -29.72 -22.32
C ARG F 100 -16.97 -29.19 -23.75
N MET F 101 -18.19 -28.90 -24.21
CA MET F 101 -18.43 -28.40 -25.55
C MET F 101 -17.80 -27.02 -25.78
N MET F 102 -17.94 -26.11 -24.82
CA MET F 102 -17.33 -24.79 -24.96
C MET F 102 -15.80 -24.84 -24.92
N ARG F 103 -15.25 -25.65 -24.03
CA ARG F 103 -13.80 -25.81 -23.95
C ARG F 103 -13.19 -26.40 -25.22
N ASN F 104 -13.88 -27.36 -25.82
CA ASN F 104 -13.42 -27.99 -27.07
C ASN F 104 -13.56 -27.11 -28.30
N LEU F 105 -14.62 -26.30 -28.35
CA LEU F 105 -14.79 -25.34 -29.45
C LEU F 105 -13.75 -24.26 -29.46
N VAL F 106 -13.41 -23.72 -28.28
CA VAL F 106 -12.36 -22.71 -28.18
C VAL F 106 -11.04 -23.30 -28.65
N MET F 107 -10.78 -24.57 -28.30
CA MET F 107 -9.61 -25.31 -28.80
C MET F 107 -9.63 -25.45 -30.33
N ALA F 108 -10.82 -25.69 -30.89
CA ALA F 108 -10.97 -25.84 -32.34
C ALA F 108 -10.67 -24.51 -32.99
N SER F 109 -11.19 -23.44 -32.39
CA SER F 109 -10.87 -22.09 -32.86
C SER F 109 -9.36 -21.78 -32.81
N GLN F 110 -8.67 -22.32 -31.81
CA GLN F 110 -7.23 -22.08 -31.63
C GLN F 110 -6.46 -22.78 -32.75
N TYR F 111 -6.81 -24.03 -33.03
CA TYR F 111 -6.23 -24.80 -34.14
C TYR F 111 -6.31 -24.00 -35.42
N LEU F 112 -7.50 -23.50 -35.73
CA LEU F 112 -7.70 -22.73 -36.94
C LEU F 112 -6.77 -21.52 -37.01
N HIS F 113 -6.77 -20.69 -35.97
CA HIS F 113 -5.94 -19.48 -35.96
C HIS F 113 -4.45 -19.80 -35.99
N ASP F 114 -4.02 -20.73 -35.14
CA ASP F 114 -2.61 -21.10 -35.02
C ASP F 114 -2.06 -21.66 -36.35
N HIS F 115 -2.74 -22.66 -36.90
CA HIS F 115 -2.27 -23.30 -38.13
C HIS F 115 -2.22 -22.35 -39.32
N LEU F 116 -3.25 -21.52 -39.48
CA LEU F 116 -3.28 -20.55 -40.57
C LEU F 116 -2.07 -19.64 -40.52
N VAL F 117 -1.84 -19.08 -39.33
CA VAL F 117 -0.72 -18.19 -39.09
C VAL F 117 0.61 -18.92 -39.31
N HIS F 118 0.72 -20.15 -38.82
CA HIS F 118 1.97 -20.88 -39.01
C HIS F 118 2.32 -21.10 -40.48
N PHE F 119 1.38 -21.63 -41.27
CA PHE F 119 1.71 -21.91 -42.66
C PHE F 119 2.12 -20.63 -43.39
N TYR F 120 1.30 -19.59 -43.27
CA TYR F 120 1.54 -18.38 -44.03
C TYR F 120 2.67 -17.52 -43.49
N HIS F 121 2.60 -17.16 -42.21
CA HIS F 121 3.45 -16.11 -41.68
C HIS F 121 4.72 -16.63 -41.03
N LEU F 122 4.76 -17.91 -40.69
CA LEU F 122 5.98 -18.50 -40.11
C LEU F 122 6.72 -19.46 -41.07
N HIS F 123 5.98 -20.27 -41.81
CA HIS F 123 6.60 -21.35 -42.58
C HIS F 123 6.80 -21.01 -44.05
N ALA F 124 5.84 -20.29 -44.65
CA ALA F 124 5.81 -20.11 -46.11
C ALA F 124 7.08 -19.52 -46.71
N LEU F 125 7.71 -18.60 -45.98
CA LEU F 125 8.90 -17.90 -46.47
C LEU F 125 10.10 -18.82 -46.64
N ASP F 126 9.95 -20.07 -46.22
CA ASP F 126 10.97 -21.08 -46.46
C ASP F 126 10.81 -21.68 -47.86
N TRP F 127 9.63 -21.52 -48.44
CA TRP F 127 9.28 -22.18 -49.69
C TRP F 127 8.94 -21.17 -50.79
N VAL F 128 8.48 -20.00 -50.40
CA VAL F 128 8.05 -18.94 -51.32
C VAL F 128 9.07 -17.80 -51.39
N ASP F 129 9.57 -17.52 -52.60
CA ASP F 129 10.43 -16.35 -52.87
C ASP F 129 9.53 -15.13 -53.19
N VAL F 130 9.33 -14.28 -52.19
CA VAL F 130 8.43 -13.11 -52.30
C VAL F 130 8.89 -12.15 -53.41
N THR F 131 10.20 -11.95 -53.54
CA THR F 131 10.72 -11.03 -54.57
C THR F 131 10.54 -11.56 -56.00
N ALA F 132 10.61 -12.88 -56.16
CA ALA F 132 10.34 -13.50 -57.46
C ALA F 132 8.88 -13.29 -57.90
N ALA F 133 7.99 -13.02 -56.95
CA ALA F 133 6.58 -12.70 -57.27
C ALA F 133 6.45 -11.47 -58.17
N LEU F 134 7.47 -10.62 -58.18
CA LEU F 134 7.48 -9.42 -59.01
C LEU F 134 7.73 -9.71 -60.49
N LYS F 135 8.44 -10.80 -60.77
CA LYS F 135 8.68 -11.27 -62.14
C LYS F 135 7.41 -11.87 -62.76
N ALA F 136 6.48 -12.28 -61.91
CA ALA F 136 5.28 -13.03 -62.32
C ALA F 136 4.30 -12.25 -63.21
N ASP F 137 3.71 -12.98 -64.15
CA ASP F 137 2.70 -12.42 -65.04
C ASP F 137 1.33 -12.43 -64.35
N PRO F 138 0.74 -11.23 -64.16
CA PRO F 138 -0.57 -11.07 -63.51
C PRO F 138 -1.66 -12.02 -64.03
N ASN F 139 -1.67 -12.27 -65.33
CA ASN F 139 -2.74 -13.07 -65.95
C ASN F 139 -2.46 -14.57 -65.99
N LYS F 140 -1.21 -14.93 -66.28
CA LYS F 140 -0.80 -16.33 -66.23
C LYS F 140 -0.93 -16.87 -64.81
N ALA F 141 -0.78 -15.98 -63.82
CA ALA F 141 -0.97 -16.34 -62.42
C ALA F 141 -2.45 -16.55 -62.12
N ALA F 142 -3.29 -15.66 -62.65
CA ALA F 142 -4.74 -15.79 -62.51
C ALA F 142 -5.25 -17.09 -63.12
N LYS F 143 -4.86 -17.36 -64.36
CA LYS F 143 -5.25 -18.59 -65.03
C LYS F 143 -4.81 -19.82 -64.23
N LEU F 144 -3.55 -19.84 -63.80
CA LEU F 144 -3.00 -20.96 -63.02
C LEU F 144 -3.83 -21.20 -61.76
N ALA F 145 -4.17 -20.11 -61.09
CA ALA F 145 -4.94 -20.16 -59.84
C ALA F 145 -6.27 -20.86 -60.05
N ALA F 146 -6.93 -20.49 -61.16
CA ALA F 146 -8.22 -21.08 -61.55
C ALA F 146 -8.15 -22.59 -61.78
N SER F 147 -6.93 -23.13 -61.81
CA SER F 147 -6.72 -24.56 -62.07
C SER F 147 -6.49 -25.38 -60.79
N ILE F 148 -6.06 -24.71 -59.73
CA ILE F 148 -5.60 -25.40 -58.52
C ILE F 148 -6.48 -25.09 -57.31
N ALA F 149 -7.29 -24.05 -57.42
CA ALA F 149 -8.13 -23.62 -56.31
C ALA F 149 -9.53 -23.25 -56.77
N PRO F 150 -10.56 -23.58 -55.96
CA PRO F 150 -11.90 -23.08 -56.24
C PRO F 150 -11.84 -21.59 -56.57
N ALA F 151 -12.53 -21.21 -57.64
CA ALA F 151 -12.57 -19.84 -58.16
C ALA F 151 -13.00 -18.83 -57.11
N ARG F 152 -12.31 -17.69 -57.10
CA ARG F 152 -12.51 -16.65 -56.08
C ARG F 152 -11.99 -15.29 -56.58
N PRO F 153 -12.68 -14.19 -56.22
CA PRO F 153 -12.30 -12.85 -56.70
C PRO F 153 -10.87 -12.46 -56.33
N GLY F 154 -10.43 -12.90 -55.15
CA GLY F 154 -9.07 -12.65 -54.68
C GLY F 154 -8.00 -13.29 -55.53
N ASN F 155 -8.38 -14.22 -56.40
CA ASN F 155 -7.45 -14.85 -57.31
C ASN F 155 -7.47 -14.27 -58.73
N SER F 156 -8.27 -13.23 -58.95
CA SER F 156 -8.35 -12.57 -60.25
C SER F 156 -7.04 -11.90 -60.62
N ALA F 157 -6.84 -11.65 -61.92
CA ALA F 157 -5.66 -10.95 -62.40
C ALA F 157 -5.57 -9.54 -61.83
N LYS F 158 -6.71 -8.85 -61.78
CA LYS F 158 -6.79 -7.52 -61.19
C LYS F 158 -6.31 -7.53 -59.74
N ALA F 159 -6.73 -8.54 -58.99
CA ALA F 159 -6.37 -8.69 -57.58
C ALA F 159 -4.88 -9.02 -57.43
N LEU F 160 -4.40 -10.01 -58.19
CA LEU F 160 -2.99 -10.41 -58.11
C LEU F 160 -2.02 -9.34 -58.61
N LYS F 161 -2.53 -8.44 -59.45
CA LYS F 161 -1.77 -7.29 -59.94
C LYS F 161 -1.62 -6.23 -58.84
N ALA F 162 -2.71 -5.98 -58.13
CA ALA F 162 -2.70 -5.05 -56.99
C ALA F 162 -1.62 -5.44 -55.99
N VAL F 163 -1.64 -6.71 -55.57
CA VAL F 163 -0.62 -7.27 -54.69
C VAL F 163 0.79 -6.98 -55.22
N GLN F 164 1.01 -7.29 -56.50
CA GLN F 164 2.29 -7.07 -57.16
C GLN F 164 2.73 -5.62 -57.14
N ASP F 165 1.79 -4.71 -57.42
CA ASP F 165 2.05 -3.27 -57.38
C ASP F 165 2.46 -2.80 -55.99
N LYS F 166 1.66 -3.19 -54.99
CA LYS F 166 1.94 -2.87 -53.60
C LYS F 166 3.33 -3.35 -53.23
N LEU F 167 3.59 -4.62 -53.54
CA LEU F 167 4.88 -5.24 -53.26
C LEU F 167 6.04 -4.53 -54.00
N LYS F 168 5.76 -4.12 -55.24
CA LYS F 168 6.75 -3.42 -56.06
C LYS F 168 7.15 -2.10 -55.41
N ALA F 169 6.16 -1.30 -55.03
CA ALA F 169 6.37 -0.04 -54.33
C ALA F 169 7.14 -0.23 -53.02
N PHE F 170 6.78 -1.26 -52.26
CA PHE F 170 7.47 -1.59 -51.01
C PHE F 170 8.96 -1.87 -51.26
N VAL F 171 9.24 -2.77 -52.22
CA VAL F 171 10.62 -3.14 -52.56
C VAL F 171 11.42 -1.98 -53.16
N GLU F 172 10.77 -1.20 -54.02
CA GLU F 172 11.41 -0.05 -54.65
C GLU F 172 11.76 1.09 -53.67
N SER F 173 11.17 1.05 -52.48
CA SER F 173 11.42 2.09 -51.47
C SER F 173 12.80 1.94 -50.82
N GLY F 174 13.37 0.74 -50.90
CA GLY F 174 14.65 0.47 -50.27
C GLY F 174 14.58 0.04 -48.81
N GLN F 175 13.40 0.14 -48.21
CA GLN F 175 13.19 -0.35 -46.85
C GLN F 175 12.44 -1.69 -46.90
N LEU F 176 13.19 -2.79 -46.90
CA LEU F 176 12.62 -4.13 -47.06
C LEU F 176 11.95 -4.69 -45.80
N GLY F 177 12.11 -4.01 -44.67
CA GLY F 177 11.46 -4.39 -43.43
C GLY F 177 11.73 -5.82 -43.04
N ILE F 178 10.67 -6.61 -42.91
CA ILE F 178 10.80 -8.01 -42.50
C ILE F 178 11.44 -8.91 -43.56
N PHE F 179 11.65 -8.37 -44.77
CA PHE F 179 12.30 -9.13 -45.85
C PHE F 179 13.81 -8.87 -45.98
N THR F 180 14.32 -7.96 -45.16
CA THR F 180 15.74 -7.60 -45.16
C THR F 180 16.61 -8.85 -44.96
N ASN F 181 17.62 -8.99 -45.82
CA ASN F 181 18.56 -10.12 -45.77
C ASN F 181 17.87 -11.49 -45.87
N ALA F 182 16.67 -11.53 -46.46
CA ALA F 182 15.99 -12.81 -46.69
C ALA F 182 16.89 -13.79 -47.42
N TYR F 183 16.79 -15.07 -47.06
CA TYR F 183 17.56 -16.11 -47.73
C TYR F 183 17.31 -16.23 -49.23
N PHE F 184 16.13 -15.78 -49.69
CA PHE F 184 15.79 -15.89 -51.11
C PHE F 184 16.22 -14.69 -51.98
N LEU F 185 16.69 -13.62 -51.36
CA LEU F 185 17.06 -12.43 -52.12
C LEU F 185 18.16 -12.73 -53.12
N GLY F 186 17.92 -12.35 -54.38
CA GLY F 186 18.88 -12.53 -55.48
C GLY F 186 18.86 -13.93 -56.06
N GLY F 187 17.84 -14.71 -55.70
CA GLY F 187 17.70 -16.09 -56.16
C GLY F 187 18.41 -17.10 -55.26
N HIS F 188 17.74 -18.22 -55.00
CA HIS F 188 18.28 -19.32 -54.18
C HIS F 188 17.99 -20.68 -54.82
N LYS F 189 19.02 -21.53 -54.94
CA LYS F 189 18.91 -22.84 -55.60
C LYS F 189 17.86 -23.79 -54.98
N ALA F 190 17.63 -23.67 -53.67
CA ALA F 190 16.68 -24.53 -52.94
C ALA F 190 15.21 -24.06 -53.04
N TYR F 191 15.01 -22.88 -53.61
CA TYR F 191 13.66 -22.36 -53.85
C TYR F 191 13.19 -22.73 -55.26
N TYR F 192 12.17 -23.58 -55.36
CA TYR F 192 11.77 -24.15 -56.66
C TYR F 192 10.59 -23.49 -57.38
N LEU F 193 9.79 -22.68 -56.66
CA LEU F 193 8.49 -22.22 -57.19
C LEU F 193 8.59 -21.30 -58.42
N PRO F 194 7.67 -21.48 -59.41
CA PRO F 194 7.54 -20.50 -60.49
C PRO F 194 7.13 -19.16 -59.90
N PRO F 195 7.49 -18.04 -60.57
CA PRO F 195 7.11 -16.71 -60.07
C PRO F 195 5.61 -16.57 -59.82
N GLU F 196 4.79 -17.18 -60.68
CA GLU F 196 3.33 -17.13 -60.57
C GLU F 196 2.80 -17.75 -59.29
N VAL F 197 3.38 -18.86 -58.88
CA VAL F 197 3.01 -19.50 -57.62
C VAL F 197 3.43 -18.61 -56.44
N ASP F 198 4.64 -18.04 -56.52
CA ASP F 198 5.11 -17.08 -55.53
C ASP F 198 4.11 -15.95 -55.35
N LEU F 199 3.58 -15.43 -56.45
CA LEU F 199 2.62 -14.33 -56.39
C LEU F 199 1.32 -14.76 -55.72
N ILE F 200 0.78 -15.91 -56.13
CA ILE F 200 -0.46 -16.45 -55.56
C ILE F 200 -0.33 -16.61 -54.04
N ALA F 201 0.77 -17.22 -53.62
CA ALA F 201 1.03 -17.44 -52.21
C ALA F 201 1.19 -16.11 -51.47
N THR F 202 1.84 -15.14 -52.12
CA THR F 202 2.09 -13.83 -51.51
C THR F 202 0.79 -13.05 -51.26
N ALA F 203 -0.13 -13.11 -52.24
CA ALA F 203 -1.45 -12.52 -52.09
C ALA F 203 -2.21 -13.13 -50.91
N HIS F 204 -2.12 -14.45 -50.79
CA HIS F 204 -2.81 -15.15 -49.71
C HIS F 204 -2.21 -14.89 -48.35
N TYR F 205 -0.89 -14.69 -48.32
CA TYR F 205 -0.15 -14.29 -47.13
C TYR F 205 -0.71 -12.98 -46.59
N LEU F 206 -0.94 -12.02 -47.48
CA LEU F 206 -1.54 -10.73 -47.10
C LEU F 206 -2.99 -10.89 -46.68
N GLU F 207 -3.73 -11.72 -47.41
CA GLU F 207 -5.12 -12.03 -47.07
C GLU F 207 -5.21 -12.69 -45.69
N ALA F 208 -4.27 -13.59 -45.40
CA ALA F 208 -4.25 -14.33 -44.15
C ALA F 208 -4.02 -13.43 -42.92
N LEU F 209 -3.30 -12.32 -43.13
CA LEU F 209 -3.14 -11.28 -42.11
C LEU F 209 -4.48 -10.73 -41.66
N HIS F 210 -5.42 -10.59 -42.61
CA HIS F 210 -6.76 -10.11 -42.28
C HIS F 210 -7.63 -11.23 -41.75
N MET F 211 -7.47 -12.42 -42.31
CA MET F 211 -8.32 -13.55 -41.91
C MET F 211 -8.04 -14.01 -40.48
N GLN F 212 -6.78 -13.92 -40.04
CA GLN F 212 -6.43 -14.34 -38.68
C GLN F 212 -7.09 -13.46 -37.62
N VAL F 213 -7.43 -12.24 -38.02
CA VAL F 213 -8.18 -11.34 -37.15
C VAL F 213 -9.59 -11.90 -36.92
N LYS F 214 -10.21 -12.37 -37.99
CA LYS F 214 -11.54 -12.98 -37.89
C LYS F 214 -11.54 -14.28 -37.12
N ALA F 215 -10.53 -15.11 -37.32
CA ALA F 215 -10.36 -16.36 -36.57
C ALA F 215 -10.24 -16.10 -35.05
N ALA F 216 -9.55 -15.02 -34.70
CA ALA F 216 -9.34 -14.63 -33.30
C ALA F 216 -10.61 -14.03 -32.67
N SER F 217 -11.34 -13.24 -33.45
CA SER F 217 -12.65 -12.77 -33.05
C SER F 217 -13.61 -13.90 -32.75
N ALA F 218 -13.70 -14.90 -33.64
CA ALA F 218 -14.53 -16.07 -33.38
C ALA F 218 -14.19 -16.63 -31.99
N MET F 219 -12.91 -16.89 -31.77
CA MET F 219 -12.40 -17.47 -30.53
C MET F 219 -12.84 -16.64 -29.33
N ALA F 220 -12.81 -15.33 -29.50
CA ALA F 220 -13.06 -14.40 -28.40
C ALA F 220 -14.52 -14.41 -27.93
N ILE F 221 -15.43 -14.71 -28.86
CA ILE F 221 -16.87 -14.80 -28.55
C ILE F 221 -17.11 -15.79 -27.40
N LEU F 222 -16.45 -16.94 -27.47
CA LEU F 222 -16.49 -17.92 -26.39
C LEU F 222 -15.44 -17.72 -25.29
N GLY F 223 -14.26 -17.22 -25.64
CA GLY F 223 -13.12 -17.09 -24.70
C GLY F 223 -12.94 -15.74 -23.99
N GLY F 224 -13.75 -14.77 -24.38
CA GLY F 224 -13.71 -13.47 -23.71
C GLY F 224 -12.77 -12.48 -24.35
N LYS F 225 -11.59 -12.97 -24.76
CA LYS F 225 -10.57 -12.18 -25.47
C LYS F 225 -9.49 -13.08 -26.04
N ASN F 226 -8.73 -12.54 -26.97
CA ASN F 226 -7.60 -13.21 -27.61
C ASN F 226 -6.59 -12.11 -28.01
N PRO F 227 -5.33 -12.21 -27.56
CA PRO F 227 -4.80 -13.36 -26.80
C PRO F 227 -5.18 -13.44 -25.32
N HIS F 228 -5.05 -14.66 -24.79
CA HIS F 228 -5.23 -14.97 -23.37
C HIS F 228 -6.69 -14.95 -22.91
N THR F 229 -7.40 -16.03 -23.24
CA THR F 229 -8.80 -16.19 -22.86
C THR F 229 -9.00 -16.12 -21.34
N GLN F 230 -10.25 -15.90 -20.96
CA GLN F 230 -10.59 -15.63 -19.56
C GLN F 230 -12.07 -16.05 -19.39
N PHE F 231 -12.32 -17.37 -19.44
CA PHE F 231 -13.68 -17.95 -19.42
C PHE F 231 -13.71 -19.32 -18.73
N THR F 232 -12.56 -19.88 -18.43
CA THR F 232 -12.51 -21.17 -17.76
C THR F 232 -12.39 -20.94 -16.26
N VAL F 233 -13.06 -21.82 -15.49
CA VAL F 233 -12.97 -21.86 -14.03
C VAL F 233 -12.91 -23.31 -13.56
N VAL F 234 -12.58 -23.54 -12.31
CA VAL F 234 -12.61 -24.89 -11.78
C VAL F 234 -14.05 -25.37 -11.82
N GLY F 235 -14.28 -26.53 -12.42
CA GLY F 235 -15.63 -27.07 -12.56
C GLY F 235 -16.31 -26.74 -13.87
N GLY F 236 -15.69 -25.91 -14.71
CA GLY F 236 -16.25 -25.60 -16.03
C GLY F 236 -15.93 -24.25 -16.63
N CYS F 237 -16.97 -23.50 -16.95
CA CYS F 237 -16.78 -22.21 -17.64
C CYS F 237 -17.68 -21.14 -17.03
N SER F 238 -17.37 -19.88 -17.32
CA SER F 238 -18.07 -18.76 -16.70
C SER F 238 -18.97 -18.04 -17.69
N ASN F 239 -18.81 -18.37 -18.97
CA ASN F 239 -19.40 -17.63 -20.08
C ASN F 239 -20.82 -18.07 -20.48
N TYR F 240 -21.80 -17.67 -19.66
CA TYR F 240 -23.18 -18.02 -19.96
C TYR F 240 -23.65 -17.41 -21.27
N GLN F 241 -23.19 -16.19 -21.58
CA GLN F 241 -23.53 -15.54 -22.85
C GLN F 241 -23.13 -16.38 -24.08
N GLY F 242 -22.03 -17.13 -23.95
CA GLY F 242 -21.54 -18.03 -25.00
C GLY F 242 -22.43 -19.22 -25.33
N LEU F 243 -23.49 -19.41 -24.55
CA LEU F 243 -24.44 -20.47 -24.83
C LEU F 243 -25.68 -19.94 -25.56
N THR F 244 -25.72 -18.63 -25.83
CA THR F 244 -26.93 -17.99 -26.35
C THR F 244 -26.90 -17.80 -27.86
N LYS F 245 -28.08 -17.58 -28.43
CA LYS F 245 -28.31 -17.63 -29.87
C LYS F 245 -27.46 -16.66 -30.71
N ASP F 246 -27.58 -15.37 -30.44
CA ASP F 246 -26.89 -14.36 -31.27
C ASP F 246 -25.36 -14.45 -31.29
N PRO F 247 -24.71 -14.61 -30.11
CA PRO F 247 -23.27 -14.81 -30.16
C PRO F 247 -22.86 -16.09 -30.89
N LEU F 248 -23.66 -17.15 -30.78
CA LEU F 248 -23.33 -18.39 -31.47
C LEU F 248 -23.57 -18.31 -32.98
N ALA F 249 -24.50 -17.47 -33.41
CA ALA F 249 -24.71 -17.19 -34.83
C ALA F 249 -23.54 -16.41 -35.41
N ASN F 250 -23.05 -15.44 -34.63
CA ASN F 250 -21.87 -14.67 -35.01
C ASN F 250 -20.65 -15.57 -35.11
N TYR F 251 -20.51 -16.45 -34.12
CA TYR F 251 -19.42 -17.43 -34.05
C TYR F 251 -19.42 -18.34 -35.27
N LEU F 252 -20.58 -18.88 -35.63
CA LEU F 252 -20.71 -19.72 -36.81
C LEU F 252 -20.31 -18.96 -38.07
N ALA F 253 -20.84 -17.74 -38.21
CA ALA F 253 -20.55 -16.88 -39.36
C ALA F 253 -19.05 -16.67 -39.57
N LEU F 254 -18.37 -16.17 -38.54
CA LEU F 254 -16.94 -15.91 -38.61
C LEU F 254 -16.16 -17.18 -38.87
N SER F 255 -16.55 -18.27 -38.24
CA SER F 255 -15.93 -19.57 -38.47
C SER F 255 -16.07 -20.05 -39.91
N LYS F 256 -17.26 -19.91 -40.48
CA LYS F 256 -17.50 -20.29 -41.88
C LYS F 256 -16.59 -19.55 -42.83
N GLU F 257 -16.39 -18.25 -42.58
CA GLU F 257 -15.46 -17.44 -43.35
C GLU F 257 -14.05 -18.00 -43.28
N VAL F 258 -13.55 -18.17 -42.06
CA VAL F 258 -12.21 -18.70 -41.84
C VAL F 258 -12.01 -20.01 -42.60
N CYS F 259 -13.00 -20.88 -42.51
CA CYS F 259 -12.94 -22.19 -43.12
C CYS F 259 -13.03 -22.09 -44.63
N GLN F 260 -13.75 -21.09 -45.13
CA GLN F 260 -13.74 -20.84 -46.57
C GLN F 260 -12.33 -20.51 -47.05
N PHE F 261 -11.62 -19.66 -46.31
CA PHE F 261 -10.23 -19.34 -46.59
C PHE F 261 -9.34 -20.56 -46.45
N VAL F 262 -9.62 -21.43 -45.48
CA VAL F 262 -8.88 -22.68 -45.35
C VAL F 262 -9.02 -23.52 -46.62
N ASN F 263 -10.24 -23.68 -47.09
CA ASN F 263 -10.51 -24.55 -48.23
C ASN F 263 -10.13 -23.93 -49.57
N GLU F 264 -10.33 -22.63 -49.70
CA GLU F 264 -9.99 -21.92 -50.94
C GLU F 264 -8.51 -21.60 -51.11
N CYS F 265 -7.83 -21.25 -50.02
CA CYS F 265 -6.45 -20.78 -50.13
C CYS F 265 -5.41 -21.68 -49.46
N TYR F 266 -5.57 -21.94 -48.17
CA TYR F 266 -4.56 -22.68 -47.40
C TYR F 266 -4.25 -24.05 -48.05
N ILE F 267 -5.27 -24.91 -48.16
CA ILE F 267 -5.05 -26.26 -48.67
C ILE F 267 -4.51 -26.30 -50.11
N PRO F 268 -5.10 -25.52 -51.03
CA PRO F 268 -4.55 -25.42 -52.39
C PRO F 268 -3.11 -24.93 -52.44
N ASP F 269 -2.79 -23.89 -51.68
CA ASP F 269 -1.41 -23.41 -51.58
C ASP F 269 -0.48 -24.51 -51.05
N LEU F 270 -0.92 -25.19 -50.00
CA LEU F 270 -0.16 -26.29 -49.40
C LEU F 270 0.12 -27.37 -50.45
N LEU F 271 -0.92 -27.76 -51.16
CA LEU F 271 -0.80 -28.80 -52.20
C LEU F 271 0.08 -28.39 -53.39
N ALA F 272 -0.04 -27.13 -53.81
CA ALA F 272 0.83 -26.60 -54.86
C ALA F 272 2.30 -26.63 -54.44
N VAL F 273 2.61 -26.09 -53.27
CA VAL F 273 3.96 -26.14 -52.73
C VAL F 273 4.49 -27.58 -52.59
N ALA F 274 3.68 -28.48 -52.02
CA ALA F 274 4.08 -29.86 -51.84
C ALA F 274 4.40 -30.52 -53.18
N GLY F 275 3.65 -30.13 -54.20
CA GLY F 275 3.85 -30.65 -55.56
C GLY F 275 5.23 -30.35 -56.11
N PHE F 276 5.69 -29.10 -55.91
CA PHE F 276 7.00 -28.68 -56.39
C PHE F 276 8.14 -29.20 -55.52
N TYR F 277 7.84 -29.45 -54.25
CA TYR F 277 8.89 -29.86 -53.32
C TYR F 277 8.78 -31.33 -52.94
N LYS F 278 8.41 -32.14 -53.92
CA LYS F 278 8.24 -33.59 -53.74
C LYS F 278 9.44 -34.24 -53.06
N ASP F 279 10.63 -33.69 -53.27
CA ASP F 279 11.89 -34.26 -52.75
C ASP F 279 12.04 -34.11 -51.23
N TRP F 280 11.25 -33.22 -50.66
CA TRP F 280 11.21 -33.10 -49.21
C TRP F 280 10.30 -34.16 -48.55
N GLY F 281 9.73 -35.03 -49.38
CA GLY F 281 9.07 -36.24 -48.92
C GLY F 281 10.07 -37.31 -48.51
N GLY F 282 11.34 -37.06 -48.79
CA GLY F 282 12.43 -37.96 -48.42
C GLY F 282 13.41 -37.37 -47.43
N ILE F 283 13.08 -36.20 -46.90
CA ILE F 283 13.92 -35.50 -45.93
C ILE F 283 13.13 -35.24 -44.65
N GLY F 284 13.79 -35.46 -43.51
CA GLY F 284 13.29 -35.01 -42.22
C GLY F 284 12.33 -35.93 -41.52
N GLY F 285 12.47 -37.24 -41.74
CA GLY F 285 11.58 -38.19 -41.09
C GLY F 285 12.01 -38.58 -39.69
N THR F 286 11.02 -38.91 -38.86
CA THR F 286 11.29 -39.54 -37.57
C THR F 286 10.51 -40.86 -37.54
N SER F 287 10.53 -41.57 -36.41
CA SER F 287 9.91 -42.91 -36.33
C SER F 287 8.78 -43.08 -35.32
N ASN F 288 8.79 -42.23 -34.27
CA ASN F 288 7.89 -42.41 -33.14
C ASN F 288 6.89 -41.25 -32.97
N TYR F 289 5.63 -41.58 -32.68
CA TYR F 289 4.55 -40.59 -32.60
C TYR F 289 3.68 -40.78 -31.36
N LEU F 290 3.35 -39.66 -30.70
CA LEU F 290 2.53 -39.72 -29.51
C LEU F 290 1.43 -38.68 -29.58
N ALA F 291 0.23 -39.07 -29.17
CA ALA F 291 -0.85 -38.12 -28.98
C ALA F 291 -1.64 -38.44 -27.72
N PHE F 292 -2.13 -37.39 -27.08
CA PHE F 292 -3.08 -37.51 -26.00
C PHE F 292 -4.50 -37.46 -26.55
N GLY F 293 -4.63 -37.09 -27.81
CA GLY F 293 -5.92 -36.88 -28.43
C GLY F 293 -6.59 -35.58 -27.99
N GLU F 294 -7.54 -35.12 -28.80
CA GLU F 294 -8.32 -33.95 -28.47
C GLU F 294 -9.76 -34.11 -28.94
N PHE F 295 -10.64 -33.24 -28.44
CA PHE F 295 -12.05 -33.16 -28.86
C PHE F 295 -12.86 -34.36 -28.40
N ALA F 296 -12.72 -34.70 -27.12
CA ALA F 296 -13.38 -35.86 -26.54
C ALA F 296 -14.85 -35.60 -26.30
N THR F 297 -15.64 -36.66 -26.37
CA THR F 297 -17.08 -36.59 -26.10
C THR F 297 -17.32 -36.87 -24.63
N ASP F 298 -16.28 -37.36 -23.96
CA ASP F 298 -16.32 -37.58 -22.54
C ASP F 298 -15.02 -37.06 -21.96
N ASP F 299 -15.10 -35.89 -21.32
CA ASP F 299 -13.95 -35.30 -20.62
C ASP F 299 -14.06 -35.44 -19.09
N SER F 300 -14.77 -36.47 -18.63
CA SER F 300 -14.95 -36.67 -17.17
C SER F 300 -13.66 -37.04 -16.42
N SER F 301 -12.69 -37.64 -17.12
CA SER F 301 -11.37 -37.94 -16.54
C SER F 301 -10.29 -37.97 -17.63
N PRO F 302 -8.99 -38.05 -17.24
CA PRO F 302 -7.98 -38.19 -18.30
C PRO F 302 -8.19 -39.48 -19.09
N GLU F 303 -8.64 -40.52 -18.39
CA GLU F 303 -8.91 -41.79 -19.01
C GLU F 303 -10.02 -41.66 -20.06
N LYS F 304 -11.12 -41.00 -19.72
CA LYS F 304 -12.22 -40.88 -20.68
C LYS F 304 -11.80 -40.02 -21.85
N HIS F 305 -10.95 -39.03 -21.58
CA HIS F 305 -10.40 -38.16 -22.62
C HIS F 305 -9.59 -38.96 -23.64
N LEU F 306 -8.65 -39.77 -23.13
CA LEU F 306 -7.81 -40.62 -23.97
C LEU F 306 -8.64 -41.54 -24.85
N ALA F 307 -9.79 -41.97 -24.33
CA ALA F 307 -10.65 -42.97 -24.97
C ALA F 307 -11.62 -42.38 -25.95
N THR F 308 -12.17 -41.21 -25.63
CA THR F 308 -13.26 -40.64 -26.41
C THR F 308 -12.84 -39.46 -27.30
N SER F 309 -11.56 -39.09 -27.26
CA SER F 309 -11.04 -38.09 -28.20
C SER F 309 -11.37 -38.50 -29.64
N GLN F 310 -12.05 -37.60 -30.35
CA GLN F 310 -12.41 -37.81 -31.74
C GLN F 310 -11.18 -37.75 -32.65
N PHE F 311 -10.26 -36.84 -32.35
CA PHE F 311 -8.90 -36.92 -32.93
C PHE F 311 -8.18 -37.83 -31.96
N PRO F 312 -8.03 -39.12 -32.30
CA PRO F 312 -7.67 -40.12 -31.28
C PRO F 312 -6.30 -39.98 -30.64
N SER F 313 -6.19 -40.43 -29.39
CA SER F 313 -4.90 -40.64 -28.74
C SER F 313 -4.25 -41.91 -29.28
N GLY F 314 -3.00 -42.15 -28.89
CA GLY F 314 -2.29 -43.37 -29.24
C GLY F 314 -0.77 -43.23 -29.22
N VAL F 315 -0.11 -44.37 -29.42
CA VAL F 315 1.35 -44.42 -29.52
C VAL F 315 1.72 -45.28 -30.74
N ILE F 316 2.54 -44.73 -31.62
CA ILE F 316 3.14 -45.49 -32.72
C ILE F 316 4.66 -45.48 -32.53
N THR F 317 5.26 -46.65 -32.71
CA THR F 317 6.70 -46.83 -32.57
C THR F 317 7.28 -47.50 -33.82
N GLY F 318 8.47 -47.08 -34.23
CA GLY F 318 9.17 -47.61 -35.40
C GLY F 318 8.34 -47.56 -36.66
N ARG F 319 7.64 -46.45 -36.87
CA ARG F 319 6.76 -46.23 -38.02
C ARG F 319 5.72 -47.33 -38.25
N ASP F 320 5.42 -48.11 -37.22
CA ASP F 320 4.50 -49.24 -37.37
C ASP F 320 3.02 -48.83 -37.23
N LEU F 321 2.39 -48.56 -38.37
CA LEU F 321 0.99 -48.15 -38.42
C LEU F 321 0.04 -49.29 -38.08
N GLY F 322 0.56 -50.51 -38.07
CA GLY F 322 -0.25 -51.70 -37.79
C GLY F 322 -0.46 -51.98 -36.32
N LYS F 323 0.32 -51.31 -35.46
CA LYS F 323 0.25 -51.50 -34.02
C LYS F 323 0.24 -50.17 -33.27
N VAL F 324 -0.95 -49.62 -33.04
CA VAL F 324 -1.07 -48.41 -32.22
C VAL F 324 -1.37 -48.82 -30.80
N ASP F 325 -0.56 -48.37 -29.85
CA ASP F 325 -0.76 -48.68 -28.46
C ASP F 325 -1.48 -47.56 -27.72
N ASN F 326 -2.17 -47.93 -26.64
CA ASN F 326 -2.77 -46.96 -25.73
C ASN F 326 -1.68 -46.16 -25.02
N VAL F 327 -1.97 -44.89 -24.74
CA VAL F 327 -1.04 -44.05 -24.01
C VAL F 327 -0.95 -44.52 -22.56
N ASP F 328 0.27 -44.81 -22.10
CA ASP F 328 0.52 -45.11 -20.69
C ASP F 328 1.04 -43.85 -20.01
N LEU F 329 0.17 -43.23 -19.22
CA LEU F 329 0.51 -42.00 -18.51
C LEU F 329 1.60 -42.20 -17.47
N GLY F 330 1.68 -43.41 -16.91
CA GLY F 330 2.79 -43.79 -16.03
C GLY F 330 4.17 -43.82 -16.69
N ALA F 331 4.21 -44.00 -18.01
CA ALA F 331 5.49 -44.22 -18.72
C ALA F 331 6.24 -42.95 -19.12
N ILE F 332 5.56 -41.81 -19.14
CA ILE F 332 6.20 -40.54 -19.44
C ILE F 332 7.16 -40.11 -18.32
N TYR F 333 8.38 -39.76 -18.70
CA TYR F 333 9.30 -39.13 -17.75
C TYR F 333 10.13 -38.08 -18.46
N GLU F 334 11.04 -37.43 -17.73
CA GLU F 334 11.85 -36.32 -18.28
C GLU F 334 13.29 -36.38 -17.80
N ASP F 335 14.22 -36.09 -18.71
CA ASP F 335 15.65 -36.11 -18.44
C ASP F 335 16.34 -34.74 -18.53
N VAL F 336 17.37 -34.55 -17.71
CA VAL F 336 18.06 -33.26 -17.64
C VAL F 336 19.58 -33.38 -17.91
N LYS F 337 20.02 -34.56 -18.35
CA LYS F 337 21.45 -34.85 -18.48
C LYS F 337 22.15 -33.87 -19.42
N TYR F 338 21.53 -33.57 -20.55
CA TYR F 338 22.06 -32.60 -21.52
C TYR F 338 21.35 -31.26 -21.44
N SER F 339 20.64 -31.06 -20.33
CA SER F 339 19.90 -29.83 -20.08
C SER F 339 20.59 -28.97 -19.03
N TRP F 340 20.25 -27.67 -19.01
CA TRP F 340 20.78 -26.75 -18.01
C TRP F 340 20.06 -26.85 -16.66
N TYR F 341 20.14 -28.04 -16.05
CA TYR F 341 19.59 -28.28 -14.72
C TYR F 341 20.60 -29.04 -13.87
N ALA F 342 20.32 -29.22 -12.59
CA ALA F 342 21.24 -29.94 -11.70
C ALA F 342 21.29 -31.44 -12.00
N PRO F 343 22.43 -32.10 -11.70
CA PRO F 343 22.60 -33.54 -11.92
C PRO F 343 21.70 -34.43 -11.06
N GLY F 344 21.48 -35.66 -11.52
CA GLY F 344 20.65 -36.62 -10.80
C GLY F 344 19.18 -36.25 -10.82
N GLY F 345 18.80 -35.45 -11.81
CA GLY F 345 17.41 -35.09 -12.03
C GLY F 345 16.80 -35.90 -13.15
N ASP F 346 17.49 -36.97 -13.53
CA ASP F 346 17.05 -37.82 -14.64
C ASP F 346 15.90 -38.76 -14.28
N GLY F 347 15.13 -39.15 -15.29
CA GLY F 347 14.08 -40.17 -15.14
C GLY F 347 12.94 -39.84 -14.21
N LYS F 348 12.56 -38.56 -14.15
CA LYS F 348 11.50 -38.12 -13.24
C LYS F 348 10.14 -38.13 -13.94
N HIS F 349 9.19 -38.89 -13.39
CA HIS F 349 7.78 -38.78 -13.81
C HIS F 349 7.31 -37.39 -13.40
N PRO F 350 6.46 -36.74 -14.23
CA PRO F 350 6.07 -35.35 -13.95
C PRO F 350 5.42 -35.10 -12.59
N TYR F 351 4.71 -36.09 -12.03
CA TYR F 351 4.23 -36.01 -10.63
C TYR F 351 5.39 -35.85 -9.62
N ASP F 352 6.59 -36.24 -10.04
CA ASP F 352 7.79 -36.15 -9.20
C ASP F 352 8.84 -35.25 -9.85
N GLY F 353 8.36 -34.35 -10.72
CA GLY F 353 9.24 -33.45 -11.47
C GLY F 353 10.04 -32.52 -10.59
N VAL F 354 11.26 -32.22 -11.03
CA VAL F 354 12.15 -31.30 -10.32
C VAL F 354 12.61 -30.26 -11.33
N THR F 355 12.57 -28.99 -10.95
CA THR F 355 13.02 -27.90 -11.82
C THR F 355 14.04 -27.05 -11.07
N ASP F 356 15.31 -27.37 -11.32
CA ASP F 356 16.41 -26.87 -10.56
C ASP F 356 17.46 -26.32 -11.51
N PRO F 357 17.28 -25.05 -11.95
CA PRO F 357 18.10 -24.48 -13.03
C PRO F 357 19.58 -24.35 -12.69
N LYS F 358 20.43 -24.77 -13.62
CA LYS F 358 21.86 -24.66 -13.47
C LYS F 358 22.53 -24.48 -14.83
N TYR F 359 23.02 -23.26 -15.08
CA TYR F 359 23.59 -22.94 -16.37
C TYR F 359 25.07 -23.30 -16.38
N THR F 360 25.54 -23.81 -17.51
CA THR F 360 26.97 -24.07 -17.68
C THR F 360 27.53 -22.99 -18.62
N LYS F 361 27.55 -23.26 -19.91
CA LYS F 361 27.97 -22.23 -20.87
C LYS F 361 27.44 -22.47 -22.27
N LEU F 362 27.51 -21.41 -23.08
CA LEU F 362 27.00 -21.46 -24.44
C LEU F 362 27.79 -22.47 -25.23
N ASP F 363 27.08 -23.18 -26.11
CA ASP F 363 27.67 -24.28 -26.87
C ASP F 363 28.58 -25.16 -26.00
N ASP F 364 27.94 -25.85 -25.06
CA ASP F 364 28.54 -26.93 -24.27
C ASP F 364 27.76 -28.20 -24.67
N LYS F 365 28.46 -29.21 -25.15
CA LYS F 365 27.76 -30.38 -25.66
C LYS F 365 27.29 -31.35 -24.58
N ASP F 366 27.72 -31.12 -23.35
CA ASP F 366 27.24 -31.86 -22.19
C ASP F 366 25.96 -31.29 -21.59
N HIS F 367 25.78 -29.98 -21.71
CA HIS F 367 24.60 -29.27 -21.22
C HIS F 367 24.33 -28.11 -22.17
N TYR F 368 23.29 -28.22 -22.98
CA TYR F 368 23.09 -27.26 -24.07
C TYR F 368 21.67 -26.75 -24.31
N SER F 369 20.75 -27.04 -23.40
CA SER F 369 19.36 -26.56 -23.58
C SER F 369 18.64 -26.26 -22.28
N TRP F 370 17.77 -25.27 -22.31
CA TRP F 370 16.88 -24.99 -21.17
C TRP F 370 15.67 -25.93 -21.13
N MET F 371 15.41 -26.65 -22.22
CA MET F 371 14.39 -27.72 -22.21
C MET F 371 14.90 -28.99 -21.55
N LYS F 372 13.99 -29.65 -20.82
CA LYS F 372 14.20 -31.00 -20.35
C LYS F 372 13.99 -31.93 -21.56
N ALA F 373 14.30 -33.21 -21.40
CA ALA F 373 14.15 -34.16 -22.48
C ALA F 373 13.11 -35.21 -22.12
N PRO F 374 11.86 -35.03 -22.57
CA PRO F 374 10.80 -36.01 -22.27
C PRO F 374 10.98 -37.28 -23.09
N ARG F 375 10.83 -38.42 -22.41
CA ARG F 375 11.03 -39.72 -23.02
C ARG F 375 9.90 -40.66 -22.61
N TYR F 376 9.61 -41.62 -23.49
CA TYR F 376 8.53 -42.57 -23.29
C TYR F 376 9.07 -43.99 -23.40
N LYS F 377 9.02 -44.75 -22.31
CA LYS F 377 9.70 -46.06 -22.24
C LYS F 377 11.09 -46.00 -22.88
N GLY F 378 11.76 -44.85 -22.68
CA GLY F 378 13.11 -44.63 -23.17
C GLY F 378 13.24 -44.03 -24.56
N LYS F 379 12.11 -43.91 -25.26
CA LYS F 379 12.14 -43.44 -26.64
C LYS F 379 11.74 -41.96 -26.74
N ALA F 380 12.30 -41.28 -27.73
CA ALA F 380 11.89 -39.93 -28.09
C ALA F 380 10.60 -39.99 -28.89
N MET F 381 9.72 -39.02 -28.72
CA MET F 381 8.41 -39.05 -29.36
C MET F 381 8.13 -37.77 -30.12
N GLU F 382 7.81 -37.89 -31.40
CA GLU F 382 7.29 -36.74 -32.14
C GLU F 382 5.82 -36.58 -31.82
N VAL F 383 5.43 -35.35 -31.54
CA VAL F 383 4.05 -35.00 -31.22
C VAL F 383 3.66 -33.90 -32.21
N GLY F 384 2.35 -33.66 -32.35
CA GLY F 384 1.86 -32.63 -33.24
C GLY F 384 0.94 -33.16 -34.32
N PRO F 385 0.66 -32.33 -35.34
CA PRO F 385 -0.27 -32.72 -36.40
C PRO F 385 0.09 -34.01 -37.11
N LEU F 386 1.37 -34.22 -37.39
CA LEU F 386 1.79 -35.46 -38.05
C LEU F 386 1.52 -36.69 -37.18
N ALA F 387 1.82 -36.59 -35.89
CA ALA F 387 1.49 -37.63 -34.90
C ALA F 387 0.00 -37.93 -34.87
N ARG F 388 -0.82 -36.90 -34.70
CA ARG F 388 -2.28 -37.07 -34.70
C ARG F 388 -2.78 -37.71 -35.99
N THR F 389 -2.22 -37.25 -37.13
CA THR F 389 -2.59 -37.75 -38.45
C THR F 389 -2.29 -39.23 -38.66
N PHE F 390 -1.11 -39.67 -38.24
CA PHE F 390 -0.72 -41.08 -38.38
C PHE F 390 -1.56 -42.01 -37.49
N ILE F 391 -1.76 -41.57 -36.25
CA ILE F 391 -2.54 -42.33 -35.27
C ILE F 391 -4.00 -42.45 -35.75
N ALA F 392 -4.58 -41.34 -36.19
CA ALA F 392 -5.95 -41.32 -36.71
C ALA F 392 -6.11 -42.14 -37.99
N TYR F 393 -5.14 -42.01 -38.90
CA TYR F 393 -5.17 -42.77 -40.14
C TYR F 393 -5.05 -44.28 -39.88
N ALA F 394 -4.12 -44.66 -38.99
CA ALA F 394 -3.90 -46.06 -38.64
C ALA F 394 -5.12 -46.65 -37.93
N LYS F 395 -5.80 -45.83 -37.15
CA LYS F 395 -7.00 -46.25 -36.45
C LYS F 395 -8.25 -46.22 -37.32
N GLY F 396 -8.11 -45.71 -38.54
CA GLY F 396 -9.21 -45.71 -39.51
C GLY F 396 -10.23 -44.60 -39.33
N GLN F 397 -9.88 -43.57 -38.57
CA GLN F 397 -10.74 -42.40 -38.40
C GLN F 397 -11.12 -41.86 -39.78
N PRO F 398 -12.45 -41.80 -40.07
CA PRO F 398 -12.99 -41.59 -41.42
C PRO F 398 -12.61 -40.27 -42.08
N ASP F 399 -12.57 -39.18 -41.30
CA ASP F 399 -12.20 -37.87 -41.84
C ASP F 399 -10.73 -37.82 -42.25
N PHE F 400 -9.86 -38.30 -41.37
CA PHE F 400 -8.44 -38.44 -41.68
C PHE F 400 -8.16 -39.41 -42.83
N LYS F 401 -8.75 -40.60 -42.80
CA LYS F 401 -8.59 -41.53 -43.92
C LYS F 401 -8.91 -40.83 -45.25
N LYS F 402 -10.06 -40.17 -45.30
CA LYS F 402 -10.52 -39.44 -46.48
C LYS F 402 -9.56 -38.34 -46.90
N VAL F 403 -9.27 -37.41 -45.98
CA VAL F 403 -8.47 -36.23 -46.32
C VAL F 403 -7.00 -36.56 -46.62
N VAL F 404 -6.46 -37.54 -45.89
CA VAL F 404 -5.08 -37.99 -46.11
C VAL F 404 -4.95 -38.69 -47.46
N ASP F 405 -5.97 -39.47 -47.83
CA ASP F 405 -5.95 -40.12 -49.13
C ASP F 405 -6.15 -39.12 -50.26
N MET F 406 -6.93 -38.07 -50.02
CA MET F 406 -7.07 -37.00 -51.00
C MET F 406 -5.72 -36.34 -51.30
N VAL F 407 -4.92 -36.08 -50.25
CA VAL F 407 -3.56 -35.52 -50.36
C VAL F 407 -2.58 -36.45 -51.08
N LEU F 408 -2.48 -37.68 -50.60
CA LEU F 408 -1.62 -38.70 -51.17
C LEU F 408 -1.93 -38.88 -52.65
N GLY F 409 -3.19 -38.66 -52.99
CA GLY F 409 -3.66 -38.68 -54.37
C GLY F 409 -3.08 -37.55 -55.17
N LYS F 410 -3.51 -36.32 -54.88
CA LYS F 410 -3.09 -35.13 -55.63
C LYS F 410 -1.57 -34.99 -55.75
N LEU F 411 -0.84 -35.71 -54.90
CA LEU F 411 0.62 -35.68 -54.94
C LEU F 411 1.27 -36.92 -55.55
N SER F 412 0.50 -38.00 -55.67
CA SER F 412 1.01 -39.28 -56.18
C SER F 412 2.23 -39.77 -55.39
N VAL F 413 2.05 -39.93 -54.09
CA VAL F 413 3.10 -40.44 -53.21
C VAL F 413 2.53 -41.53 -52.30
N PRO F 414 3.35 -42.51 -51.89
CA PRO F 414 2.86 -43.47 -50.90
C PRO F 414 2.68 -42.82 -49.53
N ALA F 415 1.89 -43.45 -48.66
CA ALA F 415 1.71 -42.93 -47.30
C ALA F 415 3.02 -42.88 -46.51
N THR F 416 3.99 -43.69 -46.92
CA THR F 416 5.34 -43.68 -46.31
C THR F 416 6.08 -42.37 -46.55
N ALA F 417 5.70 -41.66 -47.61
CA ALA F 417 6.28 -40.36 -47.91
C ALA F 417 5.95 -39.32 -46.82
N LEU F 418 4.95 -39.61 -46.00
CA LEU F 418 4.51 -38.70 -44.93
C LEU F 418 5.44 -38.66 -43.73
N HIS F 419 6.32 -39.64 -43.61
CA HIS F 419 7.36 -39.62 -42.58
C HIS F 419 8.49 -38.71 -43.04
N SER F 420 8.25 -37.41 -43.04
CA SER F 420 9.18 -36.45 -43.62
C SER F 420 8.75 -35.03 -43.25
N THR F 421 9.57 -34.06 -43.66
CA THR F 421 9.26 -32.64 -43.47
C THR F 421 8.03 -32.22 -44.28
N LEU F 422 7.91 -32.75 -45.50
CA LEU F 422 6.75 -32.49 -46.35
C LEU F 422 5.47 -33.05 -45.72
N GLY F 423 5.54 -34.28 -45.22
CA GLY F 423 4.42 -34.90 -44.52
C GLY F 423 4.03 -34.15 -43.28
N ARG F 424 5.03 -33.69 -42.52
CA ARG F 424 4.81 -32.93 -41.31
C ARG F 424 4.08 -31.63 -41.61
N THR F 425 4.42 -31.03 -42.75
CA THR F 425 3.80 -29.77 -43.19
C THR F 425 2.39 -30.00 -43.71
N ALA F 426 2.21 -31.08 -44.47
CA ALA F 426 0.92 -31.47 -45.03
C ALA F 426 -0.12 -31.83 -43.95
N ALA F 427 0.31 -32.63 -42.97
CA ALA F 427 -0.51 -33.04 -41.82
C ALA F 427 -1.15 -31.87 -41.09
N ARG F 428 -0.41 -30.75 -41.01
CA ARG F 428 -0.93 -29.53 -40.37
C ARG F 428 -2.16 -28.98 -41.10
N GLY F 429 -2.11 -28.99 -42.44
CA GLY F 429 -3.24 -28.56 -43.25
C GLY F 429 -4.36 -29.58 -43.26
N ILE F 430 -4.01 -30.87 -43.29
CA ILE F 430 -4.96 -31.96 -43.24
C ILE F 430 -5.94 -31.80 -42.06
N GLU F 431 -5.41 -31.62 -40.86
CA GLU F 431 -6.27 -31.54 -39.70
C GLU F 431 -7.03 -30.22 -39.60
N THR F 432 -6.46 -29.13 -40.11
CA THR F 432 -7.17 -27.86 -40.22
C THR F 432 -8.45 -28.02 -41.06
N ALA F 433 -8.32 -28.72 -42.19
CA ALA F 433 -9.46 -29.02 -43.03
C ALA F 433 -10.51 -29.81 -42.26
N ILE F 434 -10.06 -30.77 -41.45
CA ILE F 434 -10.96 -31.64 -40.69
C ILE F 434 -11.65 -30.87 -39.54
N VAL F 435 -10.91 -30.02 -38.84
CA VAL F 435 -11.52 -29.16 -37.81
C VAL F 435 -12.63 -28.33 -38.45
N CYS F 436 -12.32 -27.74 -39.60
CA CYS F 436 -13.28 -26.96 -40.36
C CYS F 436 -14.55 -27.73 -40.72
N ALA F 437 -14.38 -28.98 -41.14
CA ALA F 437 -15.51 -29.82 -41.51
C ALA F 437 -16.39 -30.20 -40.31
N ASN F 438 -15.90 -29.96 -39.10
CA ASN F 438 -16.63 -30.34 -37.90
C ASN F 438 -17.28 -29.18 -37.15
N MET F 439 -16.87 -27.96 -37.49
CA MET F 439 -17.29 -26.75 -36.77
C MET F 439 -18.81 -26.59 -36.67
N GLU F 440 -19.51 -26.75 -37.79
CA GLU F 440 -20.97 -26.61 -37.79
C GLU F 440 -21.66 -27.61 -36.86
N LYS F 441 -21.28 -28.89 -36.96
CA LYS F 441 -21.84 -29.94 -36.12
C LYS F 441 -21.63 -29.62 -34.63
N TRP F 442 -20.39 -29.28 -34.28
CA TRP F 442 -20.03 -28.97 -32.90
C TRP F 442 -20.78 -27.76 -32.34
N ILE F 443 -20.92 -26.72 -33.16
CA ILE F 443 -21.64 -25.50 -32.78
C ILE F 443 -23.12 -25.78 -32.54
N LYS F 444 -23.75 -26.52 -33.46
CA LYS F 444 -25.15 -26.92 -33.30
C LYS F 444 -25.36 -27.76 -32.03
N GLU F 445 -24.40 -28.64 -31.73
CA GLU F 445 -24.47 -29.44 -30.52
C GLU F 445 -24.61 -28.55 -29.29
N MET F 446 -23.79 -27.51 -29.21
CA MET F 446 -23.76 -26.62 -28.05
C MET F 446 -24.94 -25.65 -28.02
N ALA F 447 -25.34 -25.21 -29.20
CA ALA F 447 -26.46 -24.28 -29.38
C ALA F 447 -27.76 -24.92 -28.90
N ASP F 448 -28.02 -26.15 -29.34
CA ASP F 448 -29.16 -26.91 -28.87
C ASP F 448 -29.09 -27.20 -27.36
N SER F 449 -27.93 -27.64 -26.87
CA SER F 449 -27.76 -27.94 -25.45
C SER F 449 -28.04 -26.76 -24.52
N GLY F 450 -27.44 -25.61 -24.85
CA GLY F 450 -27.57 -24.38 -24.07
C GLY F 450 -28.97 -23.80 -24.03
N ALA F 451 -29.75 -24.01 -25.08
CA ALA F 451 -31.15 -23.57 -25.12
C ALA F 451 -32.08 -24.39 -24.20
N LYS F 452 -31.77 -25.68 -24.01
CA LYS F 452 -32.55 -26.53 -23.10
C LYS F 452 -32.09 -26.31 -21.65
N ASP F 453 -30.79 -26.32 -21.46
CA ASP F 453 -30.23 -26.20 -20.13
C ASP F 453 -28.94 -25.41 -20.21
N ASN F 454 -28.82 -24.37 -19.38
CA ASN F 454 -27.63 -23.54 -19.44
C ASN F 454 -26.58 -23.80 -18.33
N THR F 455 -26.62 -24.98 -17.71
CA THR F 455 -25.62 -25.39 -16.74
C THR F 455 -24.24 -25.36 -17.40
N LEU F 456 -23.28 -24.68 -16.76
CA LEU F 456 -21.94 -24.47 -17.33
C LEU F 456 -20.78 -24.67 -16.34
N CYS F 457 -21.08 -24.72 -15.05
CA CYS F 457 -20.08 -24.94 -13.99
C CYS F 457 -20.64 -25.87 -12.94
N ALA F 458 -19.87 -26.88 -12.55
CA ALA F 458 -20.27 -27.79 -11.50
C ALA F 458 -19.77 -27.35 -10.11
N LYS F 459 -20.40 -27.84 -9.05
CA LYS F 459 -19.93 -27.59 -7.68
C LYS F 459 -18.72 -28.45 -7.37
N TRP F 460 -17.82 -27.99 -6.49
CA TRP F 460 -16.57 -28.71 -6.16
C TRP F 460 -16.00 -28.30 -4.81
N GLU F 461 -15.07 -29.09 -4.28
CA GLU F 461 -14.43 -28.81 -3.01
C GLU F 461 -12.93 -29.01 -3.03
N MET F 462 -12.19 -28.04 -2.48
CA MET F 462 -10.73 -28.10 -2.43
C MET F 462 -10.24 -29.12 -1.40
N PRO F 463 -9.57 -30.19 -1.89
CA PRO F 463 -9.04 -31.19 -0.96
C PRO F 463 -7.77 -30.70 -0.28
N GLU F 464 -7.54 -31.17 0.96
CA GLU F 464 -6.30 -30.92 1.69
C GLU F 464 -5.12 -31.37 0.85
N GLU F 465 -5.29 -32.53 0.24
CA GLU F 465 -4.20 -33.22 -0.40
C GLU F 465 -4.73 -34.04 -1.55
N SER F 466 -4.18 -33.81 -2.74
CA SER F 466 -4.54 -34.56 -3.92
C SER F 466 -3.48 -34.44 -5.00
N LYS F 467 -3.71 -35.11 -6.12
CA LYS F 467 -2.94 -34.92 -7.34
C LYS F 467 -3.86 -35.04 -8.57
N GLY F 468 -3.43 -34.47 -9.69
CA GLY F 468 -4.22 -34.49 -10.90
C GLY F 468 -3.42 -34.23 -12.15
N VAL F 469 -3.94 -34.72 -13.27
CA VAL F 469 -3.32 -34.53 -14.58
C VAL F 469 -4.35 -34.00 -15.58
N GLY F 470 -3.94 -32.98 -16.33
CA GLY F 470 -4.77 -32.41 -17.38
C GLY F 470 -4.13 -32.63 -18.74
N LEU F 471 -4.81 -33.38 -19.59
CA LEU F 471 -4.30 -33.73 -20.92
C LEU F 471 -4.98 -32.93 -22.01
N ALA F 472 -4.20 -32.49 -22.99
CA ALA F 472 -4.76 -31.89 -24.19
C ALA F 472 -3.84 -32.17 -25.36
N ASP F 473 -4.41 -32.23 -26.56
CA ASP F 473 -3.59 -32.09 -27.76
C ASP F 473 -3.73 -30.69 -28.33
N ALA F 474 -2.76 -29.85 -27.98
CA ALA F 474 -2.65 -28.48 -28.50
C ALA F 474 -2.26 -28.51 -29.99
N PRO F 475 -2.26 -27.33 -30.67
CA PRO F 475 -1.84 -27.32 -32.09
C PRO F 475 -0.45 -27.92 -32.38
N ARG F 476 0.45 -27.91 -31.39
CA ARG F 476 1.77 -28.50 -31.59
C ARG F 476 1.92 -29.92 -31.05
N GLY F 477 0.90 -30.41 -30.33
CA GLY F 477 0.90 -31.80 -29.86
C GLY F 477 0.55 -32.04 -28.41
N ALA F 478 0.89 -33.24 -27.94
CA ALA F 478 0.55 -33.75 -26.62
C ALA F 478 1.01 -32.87 -25.43
N LEU F 479 0.05 -32.23 -24.78
CA LEU F 479 0.29 -31.35 -23.64
C LEU F 479 -0.27 -31.96 -22.34
N SER F 480 0.55 -31.96 -21.29
CA SER F 480 0.07 -32.38 -19.97
C SER F 480 0.54 -31.45 -18.85
N HIS F 481 -0.38 -31.13 -17.92
CA HIS F 481 -0.06 -30.42 -16.70
C HIS F 481 -0.30 -31.39 -15.54
N TRP F 482 0.59 -31.36 -14.56
CA TRP F 482 0.53 -32.31 -13.45
C TRP F 482 0.66 -31.56 -12.13
N ILE F 483 -0.27 -31.81 -11.20
CA ILE F 483 -0.30 -31.08 -9.94
C ILE F 483 -0.25 -32.02 -8.73
N ARG F 484 0.52 -31.62 -7.73
CA ARG F 484 0.39 -32.17 -6.38
C ARG F 484 -0.12 -31.06 -5.47
N ILE F 485 -1.22 -31.34 -4.77
CA ILE F 485 -1.80 -30.39 -3.82
C ILE F 485 -1.45 -30.89 -2.41
N LYS F 486 -1.04 -29.97 -1.56
CA LYS F 486 -0.77 -30.30 -0.17
C LYS F 486 -1.14 -29.10 0.66
N GLY F 487 -1.88 -29.34 1.73
CA GLY F 487 -2.41 -28.23 2.52
C GLY F 487 -3.21 -27.23 1.68
N LYS F 488 -3.96 -27.75 0.71
CA LYS F 488 -4.80 -26.93 -0.18
C LYS F 488 -4.00 -25.92 -1.05
N LYS F 489 -2.69 -26.14 -1.15
CA LYS F 489 -1.80 -25.29 -1.94
C LYS F 489 -1.03 -26.13 -2.96
N ILE F 490 -0.49 -25.48 -3.98
CA ILE F 490 0.38 -26.14 -4.96
C ILE F 490 1.72 -26.57 -4.33
N ASP F 491 1.90 -27.89 -4.24
CA ASP F 491 3.13 -28.47 -3.70
C ASP F 491 4.12 -28.73 -4.83
N ASN F 492 3.59 -29.18 -5.96
CA ASN F 492 4.35 -29.35 -7.19
C ASN F 492 3.42 -29.11 -8.37
N PHE F 493 3.95 -28.45 -9.40
CA PHE F 493 3.24 -28.25 -10.64
C PHE F 493 4.23 -28.37 -11.79
N GLN F 494 4.01 -29.37 -12.64
CA GLN F 494 4.90 -29.66 -13.75
C GLN F 494 4.20 -29.59 -15.11
N LEU F 495 4.82 -28.87 -16.03
CA LEU F 495 4.34 -28.84 -17.41
C LEU F 495 5.27 -29.71 -18.24
N VAL F 496 4.67 -30.53 -19.12
CA VAL F 496 5.39 -31.27 -20.17
C VAL F 496 4.68 -30.91 -21.46
N VAL F 497 5.38 -30.19 -22.32
CA VAL F 497 4.74 -29.45 -23.41
C VAL F 497 5.20 -30.03 -24.76
N PRO F 498 4.34 -29.96 -25.80
CA PRO F 498 4.71 -30.58 -27.07
C PRO F 498 6.10 -30.21 -27.59
N SER F 499 6.46 -28.92 -27.57
CA SER F 499 7.78 -28.50 -28.04
C SER F 499 8.94 -29.04 -27.16
N THR F 500 8.63 -29.42 -25.91
CA THR F 500 9.60 -30.12 -25.06
C THR F 500 9.88 -31.50 -25.67
N TRP F 501 8.81 -32.21 -26.05
CA TRP F 501 8.95 -33.50 -26.72
C TRP F 501 9.75 -33.36 -28.02
N ASN F 502 9.34 -32.41 -28.85
CA ASN F 502 9.87 -32.25 -30.19
C ASN F 502 11.28 -31.65 -30.30
N LEU F 503 11.52 -30.59 -29.54
CA LEU F 503 12.73 -29.77 -29.69
C LEU F 503 13.68 -29.78 -28.49
N GLY F 504 13.37 -30.60 -27.49
CA GLY F 504 14.24 -30.76 -26.33
C GLY F 504 15.57 -31.38 -26.74
N PRO F 505 16.53 -31.41 -25.81
CA PRO F 505 17.85 -31.98 -26.14
C PRO F 505 17.86 -33.51 -26.07
N ARG F 506 19.07 -34.08 -26.03
CA ARG F 506 19.24 -35.52 -25.89
C ARG F 506 18.77 -35.98 -24.51
N GLY F 507 18.35 -37.24 -24.43
CA GLY F 507 17.99 -37.85 -23.15
C GLY F 507 19.21 -38.44 -22.46
N ALA F 508 18.97 -39.12 -21.33
CA ALA F 508 20.05 -39.69 -20.52
C ALA F 508 20.93 -40.69 -21.26
N GLN F 509 20.41 -41.27 -22.34
CA GLN F 509 21.18 -42.20 -23.16
C GLN F 509 22.02 -41.52 -24.24
N GLY F 510 21.86 -40.21 -24.36
CA GLY F 510 22.55 -39.48 -25.42
C GLY F 510 21.80 -39.61 -26.72
N ASP F 511 20.57 -40.12 -26.64
CA ASP F 511 19.67 -40.25 -27.79
C ASP F 511 19.08 -38.90 -28.23
N LYS F 512 19.24 -38.59 -29.51
CA LYS F 512 18.74 -37.34 -30.09
C LYS F 512 17.22 -37.21 -29.98
N SER F 513 16.76 -35.96 -29.85
CA SER F 513 15.33 -35.65 -29.84
C SER F 513 14.79 -35.74 -31.28
N PRO F 514 13.46 -35.55 -31.47
CA PRO F 514 12.89 -35.63 -32.83
C PRO F 514 13.45 -34.63 -33.83
N VAL F 515 13.58 -33.37 -33.42
CA VAL F 515 14.12 -32.35 -34.33
C VAL F 515 15.60 -32.61 -34.67
N GLU F 516 16.38 -33.05 -33.69
CA GLU F 516 17.81 -33.32 -33.87
C GLU F 516 18.02 -34.50 -34.81
N GLU F 517 17.11 -35.48 -34.71
CA GLU F 517 17.10 -36.64 -35.60
C GLU F 517 16.65 -36.26 -37.00
N ALA F 518 15.57 -35.49 -37.08
CA ALA F 518 15.02 -35.03 -38.35
C ALA F 518 16.04 -34.23 -39.16
N LEU F 519 16.90 -33.47 -38.48
CA LEU F 519 17.93 -32.64 -39.14
C LEU F 519 19.07 -33.45 -39.80
N ILE F 520 19.34 -34.65 -39.30
CA ILE F 520 20.35 -35.51 -39.89
C ILE F 520 20.00 -35.81 -41.36
N GLY F 521 20.95 -35.57 -42.26
CA GLY F 521 20.75 -35.82 -43.68
C GLY F 521 20.19 -34.65 -44.46
N THR F 522 19.97 -33.53 -43.80
CA THR F 522 19.52 -32.31 -44.48
C THR F 522 20.59 -31.85 -45.46
N PRO F 523 20.20 -31.64 -46.73
CA PRO F 523 21.15 -31.08 -47.70
C PRO F 523 21.28 -29.55 -47.53
N ILE F 524 22.46 -29.00 -47.76
CA ILE F 524 22.69 -27.57 -47.65
C ILE F 524 23.20 -27.01 -48.98
N ALA F 525 22.32 -26.33 -49.71
CA ALA F 525 22.68 -25.78 -51.03
C ALA F 525 23.68 -24.64 -50.90
N ASP F 526 23.38 -23.72 -49.98
CA ASP F 526 24.25 -22.60 -49.60
C ASP F 526 24.39 -22.60 -48.07
N PRO F 527 25.65 -22.58 -47.56
CA PRO F 527 25.98 -22.52 -46.13
C PRO F 527 25.64 -21.19 -45.43
N LYS F 528 25.83 -20.07 -46.12
CA LYS F 528 25.57 -18.76 -45.52
C LYS F 528 24.09 -18.40 -45.57
N ARG F 529 23.30 -19.21 -46.28
CA ARG F 529 21.84 -19.06 -46.33
C ARG F 529 21.12 -20.42 -46.17
N PRO F 530 21.27 -21.08 -45.00
CA PRO F 530 20.83 -22.48 -44.86
C PRO F 530 19.32 -22.64 -44.66
N VAL F 531 18.55 -22.35 -45.72
CA VAL F 531 17.09 -22.41 -45.67
C VAL F 531 16.58 -23.82 -45.31
N GLU F 532 17.36 -24.84 -45.65
CA GLU F 532 16.96 -26.23 -45.44
C GLU F 532 16.85 -26.61 -43.97
N ILE F 533 17.72 -26.02 -43.12
CA ILE F 533 17.59 -26.16 -41.67
C ILE F 533 16.28 -25.55 -41.20
N LEU F 534 15.98 -24.33 -41.65
CA LEU F 534 14.73 -23.64 -41.31
C LEU F 534 13.51 -24.46 -41.71
N ARG F 535 13.54 -25.07 -42.90
CA ARG F 535 12.39 -25.82 -43.39
C ARG F 535 11.96 -26.96 -42.47
N THR F 536 12.94 -27.73 -42.00
CA THR F 536 12.68 -28.82 -41.07
C THR F 536 12.33 -28.29 -39.67
N VAL F 537 13.12 -27.34 -39.16
CA VAL F 537 12.84 -26.80 -37.83
C VAL F 537 11.42 -26.22 -37.77
N HIS F 538 11.08 -25.38 -38.74
CA HIS F 538 9.75 -24.77 -38.82
C HIS F 538 8.60 -25.74 -38.96
N ALA F 539 8.84 -26.86 -39.65
CA ALA F 539 7.78 -27.84 -39.88
C ALA F 539 7.27 -28.43 -38.56
N PHE F 540 8.15 -28.47 -37.56
CA PHE F 540 7.82 -28.92 -36.20
C PHE F 540 7.05 -27.82 -35.43
N ASP F 541 6.95 -26.62 -36.00
CA ASP F 541 6.20 -25.53 -35.38
C ASP F 541 6.71 -25.26 -33.96
N PRO F 542 8.01 -24.94 -33.80
CA PRO F 542 8.61 -24.76 -32.47
C PRO F 542 8.00 -23.64 -31.64
N CSO F 543 7.88 -23.89 -30.34
CA CSO F 543 7.38 -22.93 -29.37
CB CSO F 543 5.93 -23.28 -29.06
SG CSO F 543 5.04 -21.89 -28.47
C CSO F 543 8.25 -23.10 -28.17
O CSO F 543 8.08 -24.04 -27.40
OD CSO F 543 6.01 -21.28 -27.19
N ILE F 544 9.21 -22.18 -28.02
CA ILE F 544 10.30 -22.32 -27.05
C ILE F 544 9.89 -21.86 -25.64
N ALA F 545 9.06 -20.84 -25.56
CA ALA F 545 8.44 -20.46 -24.28
C ALA F 545 7.57 -21.63 -23.74
N CYS F 546 6.83 -22.29 -24.64
CA CYS F 546 6.12 -23.53 -24.32
C CYS F 546 7.08 -24.62 -23.83
N GLY F 547 8.10 -24.92 -24.64
CA GLY F 547 9.07 -25.97 -24.34
C GLY F 547 9.77 -25.82 -23.00
N VAL F 548 10.16 -24.58 -22.67
CA VAL F 548 10.93 -24.35 -21.46
C VAL F 548 10.06 -23.96 -20.28
N HIS F 549 9.09 -23.08 -20.52
CA HIS F 549 8.23 -22.50 -19.47
C HIS F 549 9.05 -22.07 -18.25
FE1 SF4 G . -50.11 -9.72 43.07
FE2 SF4 G . -51.20 -10.62 45.47
FE3 SF4 G . -49.98 -12.33 43.76
FE4 SF4 G . -52.35 -11.29 43.10
S1 SF4 G . -51.90 -12.72 44.87
S2 SF4 G . -50.58 -11.49 41.69
S3 SF4 G . -52.11 -9.16 43.93
S4 SF4 G . -48.97 -10.60 44.88
FE1 F3S H . -44.66 -8.04 33.39
FE3 F3S H . -46.11 -8.43 35.63
FE4 F3S H . -45.03 -10.57 34.24
S1 F3S H . -44.70 -6.77 35.24
S2 F3S H . -43.19 -9.74 33.35
S3 F3S H . -46.59 -9.11 33.57
S4 F3S H . -45.12 -10.26 36.46
FE1 SF4 I . -37.95 -2.40 25.32
FE2 SF4 I . -39.47 -4.50 24.37
FE3 SF4 I . -40.36 -1.82 24.24
FE4 SF4 I . -40.13 -3.09 26.56
S1 SF4 I . -41.51 -3.74 24.80
S2 SF4 I . -39.43 -0.90 26.12
S3 SF4 I . -38.34 -4.48 26.34
S4 SF4 I . -38.55 -2.70 23.17
C1 GOL J . -61.92 -15.90 18.04
O1 GOL J . -62.52 -15.90 19.34
C2 GOL J . -60.44 -16.19 18.17
O2 GOL J . -59.98 -15.62 19.38
C3 GOL J . -59.70 -15.66 16.93
O3 GOL J . -58.48 -14.96 17.26
C1 GOL K . -59.40 -10.00 17.78
O1 GOL K . -58.54 -9.64 16.68
C2 GOL K . -59.45 -11.51 17.99
O2 GOL K . -59.29 -12.20 16.75
C3 GOL K . -60.79 -11.93 18.60
O3 GOL K . -61.06 -11.32 19.86
C1 GOL L . -28.67 -25.00 6.67
O1 GOL L . -28.71 -25.03 8.10
C2 GOL L . -29.53 -26.06 5.96
O2 GOL L . -30.86 -25.54 5.76
C3 GOL L . -29.57 -27.39 6.72
O3 GOL L . -30.22 -27.22 7.99
FE1 SF4 M . 49.48 28.49 -12.04
FE2 SF4 M . 51.91 27.81 -13.05
FE3 SF4 M . 51.63 28.30 -10.41
FE4 SF4 M . 51.53 30.36 -12.16
S1 SF4 M . 53.35 29.01 -11.74
S2 SF4 M . 50.06 30.01 -10.41
S3 SF4 M . 50.47 29.38 -13.94
S4 SF4 M . 50.66 26.57 -11.56
FE1 F3S N . 40.42 30.97 -5.85
FE3 F3S N . 42.60 30.48 -7.29
FE4 F3S N . 42.86 30.93 -4.69
S1 F3S N . 40.62 29.56 -7.52
S2 F3S N . 40.99 30.07 -3.89
S3 F3S N . 42.12 32.36 -6.20
S4 F3S N . 43.97 29.45 -5.88
FE1 SF4 O . 29.10 30.83 -2.22
FE2 SF4 O . 31.20 31.70 -3.59
FE3 SF4 O . 30.67 32.84 -1.23
FE4 SF4 O . 29.09 33.26 -3.42
S1 SF4 O . 31.27 33.96 -3.14
S2 SF4 O . 28.35 32.77 -1.25
S3 SF4 O . 29.11 31.22 -4.47
S4 SF4 O . 31.30 30.64 -1.56
FE1 SF4 P . -15.84 -6.14 -11.70
FE2 SF4 P . -18.28 -5.76 -10.55
FE3 SF4 P . -17.76 -4.93 -13.09
FE4 SF4 P . -16.65 -3.66 -11.01
S1 SF4 P . -18.89 -3.74 -11.47
S2 SF4 P . -15.56 -4.24 -12.95
S3 SF4 P . -16.23 -5.40 -9.57
S4 SF4 P . -17.85 -7.12 -12.36
FE1 F3S Q . -6.71 -7.48 -18.08
FE3 F3S Q . -8.80 -7.11 -16.54
FE4 F3S Q . -8.73 -6.02 -19.00
S1 F3S Q . -7.59 -8.97 -16.66
S2 F3S Q . -7.56 -7.53 -20.13
S3 F3S Q . -7.39 -5.60 -17.24
S4 F3S Q . -10.46 -6.94 -18.00
FE1 SF4 R . 3.08 -12.57 -22.63
FE2 SF4 R . 1.71 -11.08 -20.91
FE3 SF4 R . 2.83 -9.94 -23.18
FE4 SF4 R . 4.32 -10.76 -21.00
S1 SF4 R . 2.80 -9.05 -21.10
S2 SF4 R . 4.81 -11.14 -23.22
S3 SF4 R . 3.28 -12.70 -20.35
S4 SF4 R . 1.12 -11.47 -23.06
FE FCO S . -26.25 1.73 28.61
C1 FCO S . -25.08 2.95 27.71
N1 FCO S . -24.36 3.69 27.15
C2 FCO S . -24.74 0.79 29.29
N2 FCO S . -23.84 0.19 29.67
C3 FCO S . -26.12 2.70 30.07
O3 FCO S . -26.04 3.32 31.03
NI NI T . -27.61 0.32 26.88
MG MG U . -30.23 13.24 29.09
C1 GOL V . -20.63 -4.89 48.30
O1 GOL V . -20.37 -3.68 49.01
C2 GOL V . -19.32 -5.54 47.87
O2 GOL V . -18.51 -5.75 49.03
C3 GOL V . -18.56 -4.64 46.89
O3 GOL V . -19.44 -4.24 45.84
C1 GOL W . -20.03 -6.90 0.76
O1 GOL W . -21.31 -6.35 1.06
C2 GOL W . -20.16 -8.17 -0.08
O2 GOL W . -20.66 -9.22 0.74
C3 GOL W . -18.80 -8.60 -0.59
O3 GOL W . -17.92 -8.86 0.51
C1 GOL X . -2.21 4.68 19.34
O1 GOL X . -1.48 4.65 20.59
C2 GOL X . -3.22 5.82 19.37
O2 GOL X . -4.16 5.63 18.31
C3 GOL X . -2.50 7.14 19.20
O3 GOL X . -3.46 8.20 19.15
C1 GOL Y . -23.40 24.87 14.74
O1 GOL Y . -24.62 24.75 15.48
C2 GOL Y . -22.56 26.04 15.26
O2 GOL Y . -23.38 27.20 15.25
C3 GOL Y . -21.33 26.36 14.42
O3 GOL Y . -20.87 25.17 13.78
FE FCO Z . 23.24 19.46 -0.14
C1 FCO Z . 21.36 19.23 -0.04
N1 FCO Z . 20.23 19.07 0.06
C2 FCO Z . 23.68 18.00 0.99
N2 FCO Z . 23.97 17.13 1.66
C3 FCO Z . 23.44 18.36 -1.47
O3 FCO Z . 23.55 17.64 -2.34
NI NI AA . 23.84 21.81 0.73
MG MG BA . 16.86 20.65 -10.57
C1 GOL CA . 10.83 35.10 22.46
O1 GOL CA . 11.48 35.20 21.19
C2 GOL CA . 11.65 35.67 23.61
O2 GOL CA . 13.06 35.37 23.46
C3 GOL CA . 11.15 35.04 24.89
O3 GOL CA . 11.52 33.65 24.97
C1 GOL DA . 23.11 0.05 27.88
O1 GOL DA . 23.29 -1.24 27.30
C2 GOL DA . 21.95 0.06 28.86
O2 GOL DA . 21.00 -0.89 28.42
C3 GOL DA . 21.26 1.43 28.93
O3 GOL DA . 21.79 2.21 29.99
C1 GOL EA . 36.54 2.80 -1.72
O1 GOL EA . 36.08 1.93 -2.76
C2 GOL EA . 36.20 2.12 -0.41
O2 GOL EA . 36.73 0.79 -0.41
C3 GOL EA . 34.69 2.00 -0.23
O3 GOL EA . 34.12 3.31 -0.22
C1 GOL FA . 3.76 8.65 13.26
O1 GOL FA . 4.05 8.80 11.86
C2 GOL FA . 4.47 9.74 14.05
O2 GOL FA . 4.43 10.96 13.30
C3 GOL FA . 5.93 9.38 14.33
O3 GOL FA . 6.07 8.02 14.77
C1 GOL GA . 6.10 11.65 2.54
O1 GOL GA . 7.42 11.48 2.02
C2 GOL GA . 5.22 10.54 2.01
O2 GOL GA . 3.87 10.98 2.05
C3 GOL GA . 5.37 9.25 2.84
O3 GOL GA . 5.67 9.56 4.20
C1 GOL HA . 39.94 13.27 33.85
O1 GOL HA . 40.08 12.70 32.54
C2 GOL HA . 38.71 14.18 33.90
O2 GOL HA . 39.12 15.53 34.19
C3 GOL HA . 37.73 13.69 34.97
O3 GOL HA . 36.41 14.03 34.57
FE FCO IA . 2.42 -24.60 -27.17
C1 FCO IA . 3.84 -25.82 -27.57
N1 FCO IA . 4.73 -26.54 -27.80
C2 FCO IA . 1.34 -25.35 -28.56
N2 FCO IA . 0.70 -25.84 -29.40
C3 FCO IA . 1.67 -25.77 -26.10
O3 FCO IA . 1.20 -26.51 -25.38
NI NI JA . 3.10 -22.23 -27.63
MG MG KA . 8.32 -28.84 -17.35
C1 GOL LA . -17.84 -32.02 -27.45
O1 GOL LA . -17.70 -33.10 -26.52
C2 GOL LA . -17.82 -32.52 -28.90
O2 GOL LA . -18.84 -33.50 -29.04
C3 GOL LA . -16.47 -33.13 -29.23
O3 GOL LA . -15.45 -32.15 -29.01
#